data_3TWJ
#
_entry.id   3TWJ
#
_cell.length_a   145.670
_cell.length_b   150.920
_cell.length_c   205.090
_cell.angle_alpha   90.00
_cell.angle_beta   90.00
_cell.angle_gamma   90.00
#
_symmetry.space_group_name_H-M   'C 2 2 21'
#
loop_
_entity.id
_entity.type
_entity.pdbx_description
1 polymer 'Rho-associated protein kinase 1'
2 non-polymer 1-[(3-hydroxyphenyl)methyl]-3-(4-pyridin-4-yl-1,3-thiazol-2-yl)urea
3 non-polymer 1,2-ETHANEDIOL
4 water water
#
_entity_poly.entity_id   1
_entity_poly.type   'polypeptide(L)'
_entity_poly.pdbx_seq_one_letter_code
;SFETRFEKMDNLLRDPKSEVNSDCLLDGLDALVYDLDFPALRKNKNIDNFLSRYKDTINKIRDLRMKAEDYEVVKVIGRG
AFGEVQLVRHKSTRKVYAMKLLSKFEMIKRSDSAFFWEERDIMAFANSPWVVQLFYAFQDDRYLYMVMEYMPGGDLVNLM
SNYDVPEKWARFYTAEVVLALDAIHSMGFIHRDVKPDNMLLDKSGHLKLADFGTCMKMNKEGMVRCDTAVGTPDYISPEV
LKSQGGDGYYGRECDWWSVGVFLYEMLVGDTPFYADSLVGTYSKIMNHKNSLTFPDDNDISKEAKNLICAFLTDREVRLG
RNGVEEIKRHLFFKNDQWAWETLRDTVAPVVPDLSSDIDTSNFDDLEEDKGEEETFPIPKAFVGNQLPFVGFTYYSNRRY
LSSANPNDNR
;
_entity_poly.pdbx_strand_id   A,B,C,D
#
loop_
_chem_comp.id
_chem_comp.type
_chem_comp.name
_chem_comp.formula
07R non-polymer 1-[(3-hydroxyphenyl)methyl]-3-(4-pyridin-4-yl-1,3-thiazol-2-yl)urea 'C16 H14 N4 O2 S'
EDO non-polymer 1,2-ETHANEDIOL 'C2 H6 O2'
#
# COMPACT_ATOMS: atom_id res chain seq x y z
N PHE A 2 -18.30 10.02 3.10
CA PHE A 2 -17.23 9.56 2.18
C PHE A 2 -15.84 9.71 2.77
N GLU A 3 -15.65 10.75 3.58
CA GLU A 3 -14.73 10.62 4.70
C GLU A 3 -15.28 11.19 6.00
N THR A 4 -15.38 10.31 6.98
CA THR A 4 -15.89 10.72 8.27
C THR A 4 -14.85 11.60 8.97
N ARG A 5 -15.32 12.53 9.79
CA ARG A 5 -14.41 13.49 10.39
C ARG A 5 -13.27 12.79 11.12
N PHE A 6 -13.60 11.74 11.88
CA PHE A 6 -12.59 10.98 12.57
C PHE A 6 -11.45 10.67 11.62
N GLU A 7 -11.78 10.13 10.43
CA GLU A 7 -10.76 9.71 9.44
C GLU A 7 -9.90 10.86 8.91
N LYS A 8 -10.56 11.96 8.58
CA LYS A 8 -9.91 13.08 7.95
C LYS A 8 -8.73 13.49 8.81
N MET A 9 -8.97 13.37 10.12
CA MET A 9 -8.06 13.74 11.20
C MET A 9 -6.97 12.69 11.38
N ASP A 10 -7.36 11.44 11.17
CA ASP A 10 -6.40 10.36 11.25
C ASP A 10 -5.45 10.42 10.06
N ASN A 11 -6.02 10.73 8.89
CA ASN A 11 -5.27 10.92 7.66
C ASN A 11 -4.43 12.19 7.75
N LEU A 12 -5.03 13.24 8.30
CA LEU A 12 -4.39 14.51 8.63
C LEU A 12 -3.12 14.36 9.47
N LEU A 13 -3.04 13.32 10.28
CA LEU A 13 -1.84 13.10 11.09
C LEU A 13 -0.79 12.30 10.32
N ARG A 14 -1.23 11.69 9.22
CA ARG A 14 -0.40 10.80 8.41
C ARG A 14 0.24 11.48 7.17
N ASP A 15 -0.03 12.76 6.94
CA ASP A 15 0.34 13.44 5.70
C ASP A 15 1.48 14.41 5.92
N PRO A 16 2.57 14.22 5.20
CA PRO A 16 3.74 15.13 5.27
C PRO A 16 3.39 16.56 4.83
N LYS A 17 2.43 16.67 3.92
CA LYS A 17 1.99 17.96 3.44
C LYS A 17 1.15 18.68 4.49
N SER A 18 0.67 17.92 5.47
CA SER A 18 -0.13 18.47 6.59
C SER A 18 0.74 19.10 7.69
N GLU A 19 0.32 20.27 8.22
CA GLU A 19 1.02 20.92 9.33
C GLU A 19 0.60 20.42 10.70
N VAL A 20 -0.45 19.62 10.74
CA VAL A 20 -0.96 19.06 11.99
C VAL A 20 -0.49 17.63 12.21
N ASN A 21 0.40 17.16 11.34
CA ASN A 21 0.77 15.75 11.36
C ASN A 21 1.68 15.41 12.55
N SER A 22 2.10 14.15 12.67
CA SER A 22 2.72 13.70 13.92
C SER A 22 3.99 14.47 14.30
N ASP A 23 4.85 14.76 13.33
CA ASP A 23 6.10 15.43 13.64
C ASP A 23 5.88 16.90 13.97
N CYS A 24 4.94 17.51 13.26
CA CYS A 24 4.62 18.91 13.43
C CYS A 24 4.20 19.24 14.85
N LEU A 25 3.30 18.43 15.40
CA LEU A 25 2.80 18.60 16.76
C LEU A 25 3.89 18.32 17.79
N LEU A 26 4.83 17.45 17.41
CA LEU A 26 6.04 17.26 18.22
C LEU A 26 6.82 18.55 18.30
N ASP A 27 7.17 19.11 17.14
CA ASP A 27 7.88 20.38 17.06
C ASP A 27 7.16 21.35 17.97
N GLY A 28 5.83 21.37 17.84
CA GLY A 28 5.01 22.28 18.63
C GLY A 28 5.20 22.14 20.13
N LEU A 29 5.25 20.89 20.60
CA LEU A 29 5.39 20.60 22.02
C LEU A 29 6.82 20.87 22.50
N ASP A 30 7.77 20.38 21.70
CA ASP A 30 9.18 20.68 21.90
C ASP A 30 9.31 22.19 22.07
N ALA A 31 8.76 22.96 21.12
CA ALA A 31 8.80 24.43 21.19
C ALA A 31 8.43 24.94 22.58
N LEU A 32 7.19 24.69 23.00
CA LEU A 32 6.70 25.10 24.33
C LEU A 32 7.65 24.78 25.50
N VAL A 33 8.12 23.54 25.53
CA VAL A 33 9.19 23.18 26.44
C VAL A 33 10.34 24.17 26.32
N TYR A 34 11.02 24.18 25.18
CA TYR A 34 12.18 25.06 24.99
C TYR A 34 11.94 26.53 25.44
N ASP A 35 10.84 27.14 24.96
CA ASP A 35 10.53 28.55 25.17
C ASP A 35 9.86 28.88 26.48
N LEU A 36 9.24 27.87 27.10
CA LEU A 36 8.52 28.09 28.35
C LEU A 36 9.45 27.88 29.53
N ASP A 37 10.60 27.25 29.31
CA ASP A 37 11.33 26.80 30.48
C ASP A 37 12.45 27.76 30.80
N PHE A 38 12.16 28.63 31.75
CA PHE A 38 13.17 29.40 32.44
C PHE A 38 12.63 29.62 33.82
N PRO A 39 13.52 29.58 34.82
CA PRO A 39 13.11 29.58 36.23
C PRO A 39 12.13 30.72 36.53
N ALA A 40 12.25 31.82 35.77
CA ALA A 40 11.38 33.01 35.92
C ALA A 40 9.96 32.69 35.52
N LEU A 41 9.82 31.99 34.40
CA LEU A 41 8.52 31.58 33.90
C LEU A 41 7.92 30.46 34.76
N ARG A 42 8.75 29.57 35.29
CA ARG A 42 8.26 28.51 36.16
C ARG A 42 7.65 29.04 37.47
N LYS A 43 7.85 30.32 37.78
CA LYS A 43 7.13 30.93 38.88
C LYS A 43 5.61 30.73 38.74
N ASN A 44 5.13 30.64 37.51
CA ASN A 44 3.75 30.22 37.26
C ASN A 44 3.56 28.71 37.45
N LYS A 45 2.61 28.35 38.33
CA LYS A 45 2.25 26.94 38.58
C LYS A 45 1.78 26.23 37.31
N ASN A 46 0.85 26.84 36.57
CA ASN A 46 0.38 26.25 35.31
C ASN A 46 1.50 25.79 34.42
N ILE A 47 2.47 26.69 34.21
CA ILE A 47 3.65 26.39 33.40
C ILE A 47 4.53 25.37 34.10
N ASP A 48 4.94 25.70 35.31
CA ASP A 48 5.79 24.82 36.09
C ASP A 48 5.26 23.38 36.13
N ASN A 49 4.00 23.22 36.52
CA ASN A 49 3.40 21.91 36.64
C ASN A 49 3.50 21.20 35.31
N PHE A 50 3.34 21.99 34.24
CA PHE A 50 3.27 21.43 32.91
C PHE A 50 4.64 20.95 32.42
N LEU A 51 5.68 21.73 32.71
CA LEU A 51 7.04 21.37 32.26
C LEU A 51 7.49 20.05 32.86
N SER A 52 7.46 20.00 34.19
CA SER A 52 7.79 18.81 34.97
C SER A 52 7.08 17.55 34.44
N ARG A 53 5.82 17.70 34.07
CA ARG A 53 5.07 16.59 33.48
C ARG A 53 5.75 16.01 32.23
N TYR A 54 5.87 16.85 31.19
CA TYR A 54 6.36 16.42 29.87
C TYR A 54 7.86 16.49 29.65
N LYS A 55 8.53 17.22 30.54
CA LYS A 55 9.89 17.66 30.38
C LYS A 55 10.77 16.53 29.89
N ASP A 56 11.06 15.60 30.79
CA ASP A 56 11.97 14.52 30.49
C ASP A 56 11.52 13.78 29.24
N THR A 57 10.20 13.72 29.04
CA THR A 57 9.67 12.84 28.02
C THR A 57 9.93 13.41 26.64
N ILE A 58 10.27 14.71 26.59
CA ILE A 58 10.68 15.35 25.34
C ILE A 58 12.15 15.08 25.04
N ASN A 59 12.87 14.72 26.10
CA ASN A 59 14.24 14.30 25.97
C ASN A 59 14.31 12.87 25.44
N LYS A 60 13.28 12.10 25.73
CA LYS A 60 13.09 10.84 25.06
C LYS A 60 12.97 11.10 23.52
N ILE A 61 12.18 12.11 23.15
CA ILE A 61 11.96 12.48 21.76
C ILE A 61 13.17 13.10 21.05
N ARG A 62 13.89 13.99 21.74
CA ARG A 62 15.02 14.67 21.13
C ARG A 62 16.19 13.74 20.83
N ASP A 63 16.30 12.65 21.57
CA ASP A 63 17.38 11.73 21.29
C ASP A 63 17.07 10.84 20.11
N LEU A 64 15.83 10.35 20.04
CA LEU A 64 15.44 9.42 18.97
C LEU A 64 14.90 10.16 17.75
N ARG A 65 14.93 11.49 17.83
CA ARG A 65 14.62 12.39 16.72
C ARG A 65 15.80 12.36 15.77
N MET A 66 15.60 12.70 14.49
CA MET A 66 16.76 13.00 13.66
C MET A 66 17.46 14.21 14.26
N LYS A 67 18.74 14.05 14.56
CA LYS A 67 19.55 15.11 15.17
C LYS A 67 20.88 15.24 14.44
N ALA A 68 21.51 16.40 14.61
CA ALA A 68 22.77 16.74 13.96
C ALA A 68 23.81 15.61 14.01
N GLU A 69 23.86 14.91 15.15
CA GLU A 69 24.80 13.81 15.39
C GLU A 69 24.58 12.58 14.50
N ASP A 70 23.47 12.55 13.78
CA ASP A 70 23.18 11.49 12.84
C ASP A 70 24.19 11.55 11.71
N TYR A 71 24.79 12.74 11.56
CA TYR A 71 25.51 13.10 10.34
C TYR A 71 26.98 13.47 10.53
N GLU A 72 27.86 12.73 9.88
CA GLU A 72 29.29 13.05 9.86
C GLU A 72 29.60 14.07 8.77
N VAL A 73 30.08 15.26 9.18
CA VAL A 73 30.37 16.37 8.26
C VAL A 73 31.69 16.18 7.48
N VAL A 74 31.64 16.49 6.18
CA VAL A 74 32.68 16.15 5.21
C VAL A 74 33.51 17.36 4.74
N LYS A 75 32.88 18.21 3.92
CA LYS A 75 33.47 19.49 3.53
C LYS A 75 32.39 20.57 3.64
N VAL A 76 32.78 21.84 3.71
CA VAL A 76 31.80 22.92 3.65
C VAL A 76 31.63 23.37 2.20
N ILE A 77 30.42 23.20 1.66
CA ILE A 77 30.19 23.42 0.25
C ILE A 77 29.60 24.80 -0.08
N GLY A 78 29.45 25.63 0.94
CA GLY A 78 29.06 27.02 0.74
C GLY A 78 28.72 27.68 2.06
N ARG A 79 28.69 29.00 2.08
CA ARG A 79 28.25 29.70 3.29
C ARG A 79 27.31 30.86 2.95
N GLY A 80 26.05 30.74 3.34
CA GLY A 80 25.03 31.68 2.92
C GLY A 80 24.66 32.74 3.94
N ALA A 81 25.52 32.93 4.93
CA ALA A 81 25.31 33.99 5.90
C ALA A 81 24.10 33.80 6.85
N PHE A 82 23.20 32.86 6.57
CA PHE A 82 22.34 32.32 7.64
C PHE A 82 22.87 30.99 8.12
N GLY A 83 23.91 30.51 7.47
CA GLY A 83 24.51 29.25 7.82
C GLY A 83 25.35 28.73 6.67
N GLU A 84 25.69 27.45 6.73
CA GLU A 84 26.58 26.86 5.73
C GLU A 84 26.03 25.57 5.16
N VAL A 85 26.27 25.33 3.88
CA VAL A 85 25.98 24.01 3.32
C VAL A 85 27.18 23.05 3.53
N GLN A 86 26.86 21.86 4.04
CA GLN A 86 27.87 20.87 4.43
C GLN A 86 27.63 19.55 3.75
N LEU A 87 28.65 19.01 3.11
CA LEU A 87 28.52 17.65 2.60
C LEU A 87 28.57 16.68 3.77
N VAL A 88 27.57 15.80 3.88
CA VAL A 88 27.44 14.97 5.08
C VAL A 88 27.28 13.50 4.74
N ARG A 89 27.64 12.64 5.70
CA ARG A 89 27.32 11.23 5.61
C ARG A 89 26.36 10.85 6.74
N HIS A 90 25.32 10.10 6.39
CA HIS A 90 24.46 9.57 7.44
C HIS A 90 25.23 8.41 8.09
N LYS A 91 25.47 8.54 9.40
CA LYS A 91 26.34 7.61 10.12
C LYS A 91 25.85 6.18 10.12
N SER A 92 24.59 5.95 9.74
CA SER A 92 24.02 4.62 9.80
C SER A 92 23.77 4.03 8.43
N THR A 93 22.85 4.65 7.71
CA THR A 93 22.57 4.25 6.33
C THR A 93 23.81 4.49 5.47
N ARG A 94 24.64 5.45 5.87
CA ARG A 94 25.91 5.65 5.18
C ARG A 94 25.64 6.26 3.82
N LYS A 95 24.36 6.47 3.51
CA LYS A 95 23.99 7.21 2.31
C LYS A 95 24.51 8.66 2.40
N VAL A 96 24.86 9.22 1.24
CA VAL A 96 25.56 10.49 1.23
C VAL A 96 24.64 11.61 0.71
N TYR A 97 24.57 12.71 1.47
CA TYR A 97 23.63 13.81 1.19
C TYR A 97 24.27 15.18 1.26
N ALA A 98 23.55 16.20 0.78
CA ALA A 98 23.94 17.58 1.06
C ALA A 98 22.97 18.23 2.07
N MET A 99 23.51 19.02 2.99
CA MET A 99 22.73 19.59 4.09
C MET A 99 22.93 21.07 4.37
N LYS A 100 21.86 21.86 4.18
CA LYS A 100 21.82 23.28 4.51
C LYS A 100 21.43 23.55 5.98
N LEU A 101 22.05 24.57 6.58
CA LEU A 101 21.86 24.88 7.99
C LEU A 101 21.50 26.36 8.20
N LEU A 102 20.42 26.62 8.91
CA LEU A 102 19.99 28.02 9.15
C LEU A 102 19.95 28.36 10.64
N SER A 103 20.76 29.34 11.02
CA SER A 103 20.89 29.75 12.40
C SER A 103 19.56 30.28 12.84
N LYS A 104 19.07 29.75 13.95
CA LYS A 104 17.79 30.21 14.42
C LYS A 104 17.98 31.63 14.91
N PHE A 105 19.14 31.88 15.52
CA PHE A 105 19.47 33.16 16.14
C PHE A 105 19.61 34.29 15.13
N GLU A 106 20.37 34.04 14.07
CA GLU A 106 20.62 35.08 13.09
C GLU A 106 19.30 35.58 12.52
N MET A 107 18.50 34.69 11.95
CA MET A 107 17.21 35.09 11.40
C MET A 107 16.42 35.91 12.42
N ILE A 108 16.15 35.32 13.58
CA ILE A 108 15.37 36.03 14.60
C ILE A 108 15.91 37.46 14.80
N LYS A 109 17.23 37.60 14.80
CA LYS A 109 17.91 38.90 14.86
C LYS A 109 17.47 39.79 13.69
N ARG A 110 17.41 39.20 12.50
CA ARG A 110 17.11 39.92 11.27
C ARG A 110 15.63 39.94 10.86
N SER A 111 14.74 39.49 11.75
CA SER A 111 13.38 39.20 11.31
C SER A 111 13.52 38.08 10.28
N ASP A 112 13.07 38.28 9.05
CA ASP A 112 13.53 37.36 8.02
C ASP A 112 13.44 35.89 8.52
N SER A 113 12.39 35.58 9.29
CA SER A 113 12.18 34.24 9.84
C SER A 113 11.28 33.31 8.96
N ALA A 114 10.62 33.84 7.93
CA ALA A 114 9.62 33.07 7.15
C ALA A 114 10.00 32.47 5.77
N PHE A 115 11.18 32.76 5.24
CA PHE A 115 11.45 32.50 3.81
C PHE A 115 11.73 31.03 3.43
N PHE A 116 11.91 30.16 4.43
CA PHE A 116 12.36 28.79 4.17
C PHE A 116 11.22 27.84 3.97
N TRP A 117 9.99 28.33 4.07
CA TRP A 117 8.83 27.47 3.91
C TRP A 117 8.64 27.03 2.48
N GLU A 118 8.77 27.95 1.54
CA GLU A 118 8.60 27.57 0.13
C GLU A 118 9.84 26.82 -0.33
N GLU A 119 10.96 27.11 0.33
CA GLU A 119 12.19 26.43 -0.02
C GLU A 119 12.11 24.96 0.33
N ARG A 120 11.60 24.63 1.50
CA ARG A 120 11.40 23.21 1.84
C ARG A 120 10.19 22.65 1.12
N ASP A 121 9.15 23.48 0.96
CA ASP A 121 7.88 23.05 0.37
C ASP A 121 8.15 22.55 -1.04
N ILE A 122 8.96 23.29 -1.77
CA ILE A 122 9.30 22.96 -3.17
C ILE A 122 10.16 21.71 -3.32
N MET A 123 11.16 21.59 -2.45
CA MET A 123 12.12 20.49 -2.48
C MET A 123 11.51 19.14 -2.04
N ALA A 124 10.58 19.16 -1.10
CA ALA A 124 10.01 17.90 -0.68
C ALA A 124 8.96 17.41 -1.65
N PHE A 125 8.10 18.30 -2.13
CA PHE A 125 6.90 17.81 -2.78
C PHE A 125 6.95 17.80 -4.30
N ALA A 126 8.00 18.36 -4.86
CA ALA A 126 8.09 18.59 -6.30
C ALA A 126 8.09 17.30 -7.14
N ASN A 127 8.74 16.26 -6.64
CA ASN A 127 8.94 15.00 -7.38
C ASN A 127 9.30 15.22 -8.85
N SER A 128 10.44 15.87 -9.06
CA SER A 128 10.86 16.26 -10.41
C SER A 128 12.35 16.10 -10.66
N PRO A 129 12.68 15.65 -11.88
CA PRO A 129 14.07 15.53 -12.35
C PRO A 129 14.72 16.91 -12.39
N TRP A 130 13.89 17.94 -12.36
CA TRP A 130 14.35 19.33 -12.53
C TRP A 130 14.62 20.06 -11.21
N VAL A 131 14.41 19.38 -10.10
CA VAL A 131 14.46 20.04 -8.81
C VAL A 131 15.27 19.18 -7.83
N VAL A 132 16.18 19.81 -7.10
CA VAL A 132 16.86 19.15 -5.99
C VAL A 132 15.81 18.67 -5.00
N GLN A 133 15.92 17.42 -4.59
CA GLN A 133 14.94 16.85 -3.67
C GLN A 133 15.32 17.00 -2.19
N LEU A 134 14.30 17.26 -1.37
CA LEU A 134 14.41 17.25 0.09
C LEU A 134 14.08 15.86 0.66
N PHE A 135 15.08 15.19 1.24
CA PHE A 135 14.83 13.93 1.95
C PHE A 135 14.39 14.14 3.40
N TYR A 136 14.91 15.16 4.04
CA TYR A 136 14.56 15.43 5.42
C TYR A 136 14.62 16.90 5.76
N ALA A 137 14.00 17.21 6.89
CA ALA A 137 14.05 18.53 7.49
C ALA A 137 13.89 18.32 8.98
N PHE A 138 14.64 19.05 9.79
CA PHE A 138 14.51 18.88 11.23
C PHE A 138 15.21 20.01 11.94
N GLN A 139 15.11 20.02 13.27
CA GLN A 139 15.67 21.10 14.07
C GLN A 139 16.18 20.60 15.41
N ASP A 140 17.05 21.43 16.01
CA ASP A 140 17.33 21.41 17.43
C ASP A 140 17.25 22.87 17.86
N ASP A 141 17.52 23.15 19.12
CA ASP A 141 17.36 24.53 19.61
C ASP A 141 18.01 25.58 18.70
N ARG A 142 19.26 25.31 18.32
CA ARG A 142 20.16 26.28 17.69
C ARG A 142 19.89 26.58 16.19
N TYR A 143 19.72 25.52 15.38
CA TYR A 143 19.61 25.67 13.93
C TYR A 143 18.47 24.85 13.30
N LEU A 144 18.17 25.15 12.05
CA LEU A 144 17.41 24.23 11.20
C LEU A 144 18.38 23.30 10.45
N TYR A 145 17.84 22.35 9.70
CA TYR A 145 18.65 21.48 8.83
C TYR A 145 17.83 21.10 7.62
N MET A 146 18.42 21.10 6.44
CA MET A 146 17.74 20.52 5.29
C MET A 146 18.70 19.56 4.62
N VAL A 147 18.23 18.36 4.34
CA VAL A 147 19.09 17.33 3.83
C VAL A 147 18.64 17.03 2.43
N MET A 148 19.52 17.26 1.48
CA MET A 148 19.12 17.24 0.09
C MET A 148 19.93 16.23 -0.69
N GLU A 149 19.46 15.88 -1.88
CA GLU A 149 20.29 15.06 -2.76
C GLU A 149 21.52 15.85 -3.20
N TYR A 150 22.70 15.25 -3.01
CA TYR A 150 23.95 15.81 -3.47
C TYR A 150 23.86 15.97 -4.98
N MET A 151 24.54 17.01 -5.46
CA MET A 151 24.52 17.38 -6.87
C MET A 151 25.96 17.53 -7.31
N PRO A 152 26.60 16.37 -7.60
CA PRO A 152 28.06 16.20 -7.64
C PRO A 152 28.76 17.01 -8.74
N GLY A 153 27.99 17.48 -9.71
CA GLY A 153 28.54 18.24 -10.83
C GLY A 153 28.86 19.71 -10.59
N GLY A 154 28.56 20.22 -9.41
CA GLY A 154 28.79 21.63 -9.11
C GLY A 154 27.74 22.50 -9.79
N ASP A 155 27.83 23.81 -9.58
CA ASP A 155 26.85 24.70 -10.19
C ASP A 155 27.33 25.24 -11.54
N LEU A 156 26.54 26.14 -12.11
CA LEU A 156 26.84 26.67 -13.43
C LEU A 156 27.94 27.72 -13.32
N VAL A 157 28.05 28.37 -12.17
CA VAL A 157 29.12 29.34 -12.04
C VAL A 157 30.47 28.61 -12.17
N ASN A 158 30.58 27.42 -11.61
CA ASN A 158 31.81 26.70 -11.78
C ASN A 158 32.00 26.34 -13.28
N LEU A 159 31.02 25.69 -13.89
CA LEU A 159 31.09 25.43 -15.32
C LEU A 159 31.50 26.68 -16.16
N MET A 160 30.68 27.73 -16.13
CA MET A 160 30.89 28.91 -16.98
C MET A 160 32.33 29.42 -16.83
N SER A 161 32.89 29.27 -15.63
CA SER A 161 34.27 29.69 -15.31
C SER A 161 35.34 28.91 -16.10
N ASN A 162 35.13 27.60 -16.21
CA ASN A 162 36.06 26.67 -16.84
C ASN A 162 35.77 26.35 -18.32
N TYR A 163 34.79 27.01 -18.94
CA TYR A 163 34.49 26.72 -20.34
C TYR A 163 34.09 27.93 -21.12
N ASP A 164 34.39 27.83 -22.42
CA ASP A 164 33.81 28.66 -23.45
C ASP A 164 32.58 27.93 -23.96
N VAL A 165 31.41 28.55 -23.83
CA VAL A 165 30.18 27.80 -24.01
C VAL A 165 29.53 27.91 -25.40
N PRO A 166 29.62 26.82 -26.21
CA PRO A 166 28.96 26.65 -27.51
C PRO A 166 27.45 26.87 -27.43
N GLU A 167 26.86 27.44 -28.47
CA GLU A 167 25.43 27.73 -28.43
C GLU A 167 24.61 26.44 -28.27
N LYS A 168 25.15 25.29 -28.71
CA LYS A 168 24.48 24.00 -28.49
C LYS A 168 24.44 23.59 -27.00
N TRP A 169 25.52 23.83 -26.26
CA TRP A 169 25.53 23.67 -24.80
C TRP A 169 24.53 24.62 -24.13
N ALA A 170 24.63 25.88 -24.52
CA ALA A 170 23.70 26.92 -24.13
C ALA A 170 22.23 26.50 -24.37
N ARG A 171 21.95 25.97 -25.56
CA ARG A 171 20.59 25.53 -25.85
C ARG A 171 20.16 24.53 -24.81
N PHE A 172 20.99 23.53 -24.56
CA PHE A 172 20.71 22.45 -23.62
C PHE A 172 20.34 22.96 -22.21
N TYR A 173 21.31 23.63 -21.59
CA TYR A 173 21.14 24.15 -20.25
C TYR A 173 19.95 25.09 -20.12
N THR A 174 19.93 26.13 -20.94
CA THR A 174 18.76 27.01 -20.94
C THR A 174 17.45 26.18 -21.01
N ALA A 175 17.47 25.13 -21.82
CA ALA A 175 16.29 24.28 -22.02
C ALA A 175 15.88 23.51 -20.75
N GLU A 176 16.86 23.00 -20.01
CA GLU A 176 16.56 22.31 -18.77
C GLU A 176 16.16 23.30 -17.68
N VAL A 177 16.66 24.52 -17.79
CA VAL A 177 16.27 25.54 -16.84
C VAL A 177 14.81 25.83 -17.10
N VAL A 178 14.45 25.89 -18.37
CA VAL A 178 13.11 26.27 -18.73
C VAL A 178 12.10 25.27 -18.13
N LEU A 179 12.26 24.00 -18.46
CA LEU A 179 11.50 22.91 -17.85
C LEU A 179 11.53 22.93 -16.30
N ALA A 180 12.68 23.26 -15.72
CA ALA A 180 12.83 23.32 -14.28
C ALA A 180 11.94 24.41 -13.69
N LEU A 181 11.83 25.51 -14.43
CA LEU A 181 11.04 26.65 -13.97
C LEU A 181 9.56 26.33 -14.07
N ASP A 182 9.22 25.60 -15.12
CA ASP A 182 7.83 25.30 -15.40
C ASP A 182 7.29 24.29 -14.38
N ALA A 183 8.16 23.36 -13.97
CA ALA A 183 7.84 22.46 -12.87
C ALA A 183 7.41 23.23 -11.62
N ILE A 184 8.16 24.28 -11.28
CA ILE A 184 7.94 25.07 -10.07
C ILE A 184 6.75 26.00 -10.23
N HIS A 185 6.66 26.60 -11.40
CA HIS A 185 5.49 27.37 -11.76
C HIS A 185 4.19 26.54 -11.62
N SER A 186 4.27 25.25 -11.92
CA SER A 186 3.08 24.41 -11.93
C SER A 186 2.69 23.92 -10.55
N MET A 187 3.61 24.06 -9.60
CA MET A 187 3.26 23.90 -8.19
C MET A 187 2.59 25.18 -7.73
N GLY A 188 2.87 26.27 -8.45
CA GLY A 188 2.34 27.56 -8.09
C GLY A 188 3.35 28.51 -7.47
N PHE A 189 4.64 28.15 -7.47
CA PHE A 189 5.68 29.08 -6.97
C PHE A 189 6.38 29.83 -8.09
N ILE A 190 7.23 30.76 -7.68
CA ILE A 190 8.21 31.35 -8.59
C ILE A 190 9.58 31.40 -7.92
N HIS A 191 10.66 31.21 -8.69
CA HIS A 191 11.98 31.15 -8.08
C HIS A 191 12.40 32.51 -7.52
N ARG A 192 12.04 33.57 -8.26
CA ARG A 192 12.33 34.93 -7.82
C ARG A 192 13.86 35.15 -7.67
N ASP A 193 14.53 35.43 -8.77
CA ASP A 193 16.00 35.34 -8.80
C ASP A 193 16.51 33.87 -8.67
N VAL A 194 16.31 33.15 -9.75
CA VAL A 194 17.18 32.04 -10.11
C VAL A 194 18.42 32.57 -10.85
N LYS A 195 19.57 32.06 -10.44
CA LYS A 195 20.88 32.44 -10.96
C LYS A 195 21.67 31.14 -11.05
N PRO A 196 22.77 31.11 -11.82
CA PRO A 196 23.56 29.90 -12.11
C PRO A 196 24.09 29.19 -10.86
N ASP A 197 24.20 29.93 -9.76
CA ASP A 197 24.44 29.33 -8.45
C ASP A 197 23.33 28.32 -8.10
N ASN A 198 22.07 28.66 -8.39
CA ASN A 198 20.96 27.77 -8.07
C ASN A 198 20.80 26.71 -9.12
N MET A 199 21.70 26.71 -10.10
CA MET A 199 21.69 25.67 -11.11
C MET A 199 22.78 24.68 -10.79
N LEU A 200 22.36 23.44 -10.54
CA LEU A 200 23.27 22.38 -10.10
C LEU A 200 23.25 21.22 -11.10
N LEU A 201 24.34 20.47 -11.14
CA LEU A 201 24.46 19.36 -12.08
C LEU A 201 24.59 18.06 -11.30
N ASP A 202 23.92 17.00 -11.78
CA ASP A 202 24.03 15.74 -11.05
C ASP A 202 25.11 14.78 -11.57
N LYS A 203 25.14 13.56 -11.05
CA LYS A 203 26.18 12.59 -11.42
C LYS A 203 26.37 12.44 -12.94
N SER A 204 25.27 12.58 -13.68
CA SER A 204 25.26 12.27 -15.11
C SER A 204 25.41 13.48 -15.99
N GLY A 205 25.48 14.66 -15.38
CA GLY A 205 25.64 15.90 -16.13
C GLY A 205 24.36 16.70 -16.39
N HIS A 206 23.22 16.21 -15.93
CA HIS A 206 21.98 16.94 -16.15
C HIS A 206 21.70 17.98 -15.06
N LEU A 207 20.61 18.74 -15.23
CA LEU A 207 20.44 19.95 -14.44
C LEU A 207 19.26 19.91 -13.47
N LYS A 208 19.46 20.51 -12.29
CA LYS A 208 18.41 20.69 -11.29
C LYS A 208 18.53 22.05 -10.62
N LEU A 209 17.39 22.60 -10.18
CA LEU A 209 17.33 23.86 -9.43
C LEU A 209 17.37 23.72 -7.90
N ALA A 210 17.99 24.67 -7.21
CA ALA A 210 18.11 24.56 -5.76
C ALA A 210 18.00 25.93 -5.08
N ASP A 211 18.29 25.95 -3.77
CA ASP A 211 18.23 27.15 -2.95
C ASP A 211 16.97 27.96 -3.27
N PHE A 212 15.83 27.42 -2.84
CA PHE A 212 14.51 27.95 -3.19
C PHE A 212 13.96 28.97 -2.22
N GLY A 213 14.76 29.39 -1.24
CA GLY A 213 14.26 30.22 -0.15
C GLY A 213 13.41 31.40 -0.58
N THR A 214 13.88 32.14 -1.58
CA THR A 214 13.22 33.35 -2.05
C THR A 214 11.88 33.12 -2.81
N CYS A 215 11.54 31.86 -3.06
CA CYS A 215 10.31 31.50 -3.80
C CYS A 215 9.03 32.08 -3.21
N MET A 216 8.15 32.60 -4.07
CA MET A 216 6.88 33.18 -3.61
C MET A 216 5.67 32.42 -4.19
N LYS A 217 4.74 32.01 -3.31
CA LYS A 217 3.60 31.20 -3.74
C LYS A 217 2.47 32.04 -4.34
N MET A 218 2.07 31.68 -5.56
CA MET A 218 1.12 32.48 -6.33
C MET A 218 -0.30 32.33 -5.76
N ASN A 219 -1.21 33.15 -6.27
CA ASN A 219 -2.50 33.30 -5.63
C ASN A 219 -3.71 33.23 -6.59
N LYS A 220 -3.86 34.29 -7.37
CA LYS A 220 -5.09 34.52 -8.14
C LYS A 220 -4.77 34.74 -9.62
N GLU A 221 -4.07 35.86 -9.84
CA GLU A 221 -3.68 36.39 -11.14
C GLU A 221 -2.24 35.97 -11.48
N GLY A 222 -1.64 35.12 -10.64
CA GLY A 222 -0.29 34.64 -10.88
C GLY A 222 0.77 35.70 -10.60
N MET A 223 0.41 36.64 -9.71
CA MET A 223 1.29 37.75 -9.28
C MET A 223 1.60 37.66 -7.77
N VAL A 224 2.37 38.64 -7.26
CA VAL A 224 2.85 38.65 -5.87
C VAL A 224 3.69 39.91 -5.59
N ARG A 225 4.02 40.14 -4.32
CA ARG A 225 4.93 41.24 -3.98
C ARG A 225 5.20 41.35 -2.48
N CYS A 226 6.27 42.07 -2.14
CA CYS A 226 6.81 42.07 -0.79
C CYS A 226 7.92 43.12 -0.68
N ASP A 227 8.22 43.51 0.55
CA ASP A 227 9.19 44.55 0.86
C ASP A 227 10.61 43.99 0.87
N THR A 228 10.70 42.68 0.68
CA THR A 228 11.82 41.85 1.15
C THR A 228 13.24 42.29 0.75
N ALA A 229 14.12 42.38 1.76
CA ALA A 229 15.55 42.64 1.58
C ALA A 229 16.29 41.48 0.87
N VAL A 230 17.24 41.83 0.01
CA VAL A 230 17.86 40.88 -0.92
C VAL A 230 19.39 41.05 -1.00
N GLY A 231 19.98 40.35 -1.96
CA GLY A 231 21.37 40.54 -2.36
C GLY A 231 21.46 40.09 -3.81
N THR A 232 22.51 40.49 -4.52
CA THR A 232 22.73 40.06 -5.91
C THR A 232 21.61 40.41 -6.94
N PRO A 233 21.53 41.72 -7.29
CA PRO A 233 20.60 42.30 -8.27
C PRO A 233 20.86 41.95 -9.75
N ASP A 234 22.09 41.52 -10.08
CA ASP A 234 22.53 41.30 -11.46
C ASP A 234 21.50 40.57 -12.32
N TYR A 235 20.91 39.52 -11.77
CA TYR A 235 20.00 38.67 -12.54
C TYR A 235 18.54 39.01 -12.37
N ILE A 236 18.24 40.05 -11.60
CA ILE A 236 16.86 40.30 -11.16
C ILE A 236 16.10 41.20 -12.14
N SER A 237 14.82 40.90 -12.37
CA SER A 237 14.03 41.72 -13.33
C SER A 237 13.79 43.16 -12.87
N PRO A 238 13.46 44.04 -13.82
CA PRO A 238 13.15 45.43 -13.49
C PRO A 238 11.97 45.56 -12.51
N GLU A 239 10.89 44.80 -12.75
CA GLU A 239 9.67 44.89 -11.94
C GLU A 239 9.88 44.40 -10.52
N VAL A 240 10.76 43.42 -10.36
CA VAL A 240 11.10 42.87 -9.06
C VAL A 240 11.89 43.87 -8.22
N LEU A 241 12.58 44.79 -8.87
CA LEU A 241 13.46 45.73 -8.19
C LEU A 241 12.66 46.87 -7.59
N LYS A 242 11.72 47.35 -8.41
CA LYS A 242 10.68 48.29 -7.99
C LYS A 242 9.80 47.75 -6.85
N SER A 243 9.56 46.44 -6.85
CA SER A 243 8.69 45.82 -5.85
C SER A 243 9.21 46.02 -4.44
N GLN A 244 10.47 46.45 -4.29
CA GLN A 244 10.89 47.11 -3.04
C GLN A 244 10.97 48.60 -3.29
N GLY A 245 10.44 49.36 -2.35
CA GLY A 245 10.10 50.74 -2.64
C GLY A 245 8.60 50.79 -2.79
N GLY A 246 8.01 49.63 -3.05
CA GLY A 246 6.56 49.45 -2.92
C GLY A 246 5.78 49.71 -4.19
N ASP A 247 6.50 49.78 -5.32
CA ASP A 247 5.90 50.20 -6.57
C ASP A 247 4.68 49.35 -6.95
N GLY A 248 4.92 48.09 -7.31
CA GLY A 248 3.90 47.31 -7.98
C GLY A 248 4.05 45.84 -7.68
N TYR A 249 3.20 45.04 -8.33
CA TYR A 249 3.31 43.57 -8.29
C TYR A 249 4.22 43.10 -9.42
N TYR A 250 4.47 41.80 -9.46
CA TYR A 250 5.26 41.15 -10.51
C TYR A 250 4.84 39.68 -10.65
N GLY A 251 5.07 39.10 -11.83
CA GLY A 251 4.62 37.75 -12.11
C GLY A 251 5.68 36.68 -12.06
N ARG A 252 5.46 35.63 -12.85
CA ARG A 252 6.51 34.64 -13.08
C ARG A 252 7.35 35.05 -14.30
N GLU A 253 6.87 36.04 -15.05
CA GLU A 253 7.68 36.64 -16.09
C GLU A 253 8.98 37.20 -15.53
N CYS A 254 9.05 37.33 -14.20
CA CYS A 254 10.30 37.72 -13.55
C CYS A 254 11.36 36.62 -13.65
N ASP A 255 10.93 35.37 -13.65
CA ASP A 255 11.86 34.25 -13.73
C ASP A 255 12.38 34.10 -15.14
N TRP A 256 11.56 34.48 -16.13
CA TRP A 256 11.98 34.30 -17.51
C TRP A 256 13.04 35.33 -17.87
N TRP A 257 12.98 36.48 -17.20
CA TRP A 257 14.04 37.45 -17.27
C TRP A 257 15.39 36.76 -16.97
N SER A 258 15.44 36.01 -15.87
CA SER A 258 16.68 35.38 -15.42
C SER A 258 17.33 34.50 -16.49
N VAL A 259 16.50 33.95 -17.35
CA VAL A 259 16.91 33.05 -18.41
C VAL A 259 17.60 33.79 -19.54
N GLY A 260 17.02 34.88 -20.02
CA GLY A 260 17.73 35.72 -20.97
C GLY A 260 19.06 36.24 -20.39
N VAL A 261 19.11 36.45 -19.07
CA VAL A 261 20.36 36.84 -18.44
C VAL A 261 21.30 35.64 -18.39
N PHE A 262 20.79 34.49 -17.96
CA PHE A 262 21.59 33.29 -17.98
C PHE A 262 22.07 32.99 -19.45
N LEU A 263 21.17 33.08 -20.43
CA LEU A 263 21.58 32.86 -21.81
C LEU A 263 22.66 33.85 -22.28
N TYR A 264 22.41 35.15 -22.08
CA TYR A 264 23.40 36.15 -22.44
C TYR A 264 24.73 35.88 -21.71
N GLU A 265 24.65 35.36 -20.49
CA GLU A 265 25.86 35.19 -19.70
C GLU A 265 26.69 33.96 -20.09
N MET A 266 26.05 32.93 -20.63
CA MET A 266 26.80 31.78 -21.07
C MET A 266 27.54 32.11 -22.36
N LEU A 267 26.91 32.85 -23.26
CA LEU A 267 27.51 33.17 -24.54
C LEU A 267 28.47 34.34 -24.42
N VAL A 268 28.08 35.36 -23.65
CA VAL A 268 28.85 36.58 -23.60
C VAL A 268 30.02 36.54 -22.63
N GLY A 269 29.93 35.70 -21.61
CA GLY A 269 30.96 35.60 -20.57
C GLY A 269 30.83 36.57 -19.40
N ASP A 270 29.87 37.51 -19.49
CA ASP A 270 29.68 38.59 -18.52
C ASP A 270 28.19 38.68 -18.33
N THR A 271 27.72 39.41 -17.32
CA THR A 271 26.28 39.67 -17.24
C THR A 271 25.96 40.86 -18.13
N PRO A 272 24.70 40.94 -18.64
CA PRO A 272 24.33 41.98 -19.62
C PRO A 272 24.28 43.36 -19.01
N PHE A 273 23.79 43.41 -17.78
CA PHE A 273 23.67 44.69 -17.04
C PHE A 273 24.79 45.01 -16.03
N TYR A 274 25.86 44.22 -16.03
CA TYR A 274 26.93 44.31 -15.03
C TYR A 274 27.44 45.73 -14.85
N ALA A 275 27.75 46.07 -13.59
CA ALA A 275 28.41 47.34 -13.27
C ALA A 275 29.14 47.28 -11.92
N ASP A 276 29.99 48.26 -11.69
CA ASP A 276 30.89 48.31 -10.55
C ASP A 276 30.18 48.79 -9.28
N SER A 277 28.88 49.03 -9.39
CA SER A 277 28.09 49.55 -8.28
C SER A 277 26.79 48.77 -8.16
N LEU A 278 26.06 48.99 -7.08
CA LEU A 278 24.65 48.59 -7.03
C LEU A 278 23.82 49.50 -7.95
N VAL A 279 24.05 50.80 -7.88
CA VAL A 279 23.31 51.75 -8.71
C VAL A 279 23.46 51.51 -10.23
N GLY A 280 24.69 51.47 -10.72
CA GLY A 280 24.91 51.30 -12.15
C GLY A 280 24.19 50.11 -12.76
N THR A 281 24.20 49.00 -12.01
CA THR A 281 23.52 47.78 -12.46
C THR A 281 22.00 47.99 -12.40
N TYR A 282 21.53 48.47 -11.24
CA TYR A 282 20.11 48.76 -11.08
C TYR A 282 19.66 49.61 -12.25
N SER A 283 20.36 50.72 -12.46
CA SER A 283 19.91 51.67 -13.48
C SER A 283 20.19 51.13 -14.86
N LYS A 284 21.29 50.39 -15.01
CA LYS A 284 21.55 49.71 -16.28
C LYS A 284 20.33 48.86 -16.65
N ILE A 285 19.74 48.19 -15.66
CA ILE A 285 18.57 47.31 -15.81
C ILE A 285 17.27 48.03 -16.25
N MET A 286 16.84 49.03 -15.49
CA MET A 286 15.69 49.84 -15.87
C MET A 286 15.86 50.37 -17.28
N ASN A 287 17.11 50.68 -17.62
CA ASN A 287 17.50 51.24 -18.92
C ASN A 287 17.75 50.13 -19.99
N HIS A 288 17.30 48.91 -19.73
CA HIS A 288 17.57 47.76 -20.61
C HIS A 288 17.31 48.03 -22.11
N LYS A 289 16.26 48.78 -22.44
CA LYS A 289 16.04 49.15 -23.82
C LYS A 289 17.34 49.70 -24.45
N ASN A 290 18.00 50.66 -23.79
CA ASN A 290 19.31 51.12 -24.22
C ASN A 290 20.49 50.24 -23.81
N SER A 291 20.65 50.10 -22.50
CA SER A 291 21.86 49.53 -21.87
C SER A 291 22.32 48.17 -22.42
N LEU A 292 21.38 47.39 -22.93
CA LEU A 292 21.69 46.05 -23.42
C LEU A 292 22.38 46.06 -24.78
N THR A 293 23.58 45.49 -24.83
CA THR A 293 24.42 45.47 -26.04
C THR A 293 25.16 44.13 -26.14
N PHE A 294 25.68 43.81 -27.34
CA PHE A 294 26.49 42.60 -27.58
C PHE A 294 27.84 42.97 -28.14
N PRO A 295 28.85 42.13 -27.86
CA PRO A 295 30.24 42.40 -28.21
C PRO A 295 30.51 42.33 -29.72
N ASP A 296 31.61 42.94 -30.17
CA ASP A 296 32.08 42.76 -31.54
C ASP A 296 32.72 41.38 -31.69
N ASP A 297 33.57 41.06 -30.72
CA ASP A 297 34.38 39.86 -30.70
C ASP A 297 33.57 38.56 -30.74
N ASN A 298 32.26 38.66 -30.60
CA ASN A 298 31.47 37.48 -30.28
C ASN A 298 30.28 37.45 -31.22
N ASP A 299 30.25 36.47 -32.11
CA ASP A 299 29.18 36.45 -33.10
C ASP A 299 28.18 35.40 -32.73
N ILE A 300 27.04 35.85 -32.24
CA ILE A 300 26.05 34.95 -31.71
C ILE A 300 24.94 34.92 -32.70
N SER A 301 24.32 33.76 -32.87
CA SER A 301 23.35 33.50 -33.92
C SER A 301 22.13 34.39 -33.86
N LYS A 302 21.63 34.79 -35.02
CA LYS A 302 20.49 35.70 -35.16
C LYS A 302 19.28 35.32 -34.28
N GLU A 303 19.05 34.03 -34.03
CA GLU A 303 17.92 33.68 -33.17
C GLU A 303 18.30 33.45 -31.69
N ALA A 304 19.60 33.48 -31.42
CA ALA A 304 20.10 33.45 -30.04
C ALA A 304 19.96 34.82 -29.39
N LYS A 305 20.26 35.87 -30.15
CA LYS A 305 19.98 37.24 -29.72
C LYS A 305 18.49 37.37 -29.52
N ASN A 306 17.72 37.00 -30.55
CA ASN A 306 16.28 37.09 -30.45
C ASN A 306 15.76 36.53 -29.11
N LEU A 307 16.15 35.30 -28.77
CA LEU A 307 15.74 34.71 -27.49
C LEU A 307 16.17 35.58 -26.31
N ILE A 308 17.42 36.03 -26.29
CA ILE A 308 17.85 36.88 -25.20
C ILE A 308 16.96 38.11 -25.15
N CYS A 309 16.88 38.79 -26.27
CA CYS A 309 16.11 40.01 -26.37
C CYS A 309 14.65 39.85 -25.90
N ALA A 310 14.05 38.71 -26.24
CA ALA A 310 12.63 38.50 -25.94
C ALA A 310 12.38 38.30 -24.44
N PHE A 311 13.32 37.66 -23.75
CA PHE A 311 13.28 37.48 -22.29
C PHE A 311 13.67 38.79 -21.60
N LEU A 312 14.45 39.59 -22.32
CA LEU A 312 15.08 40.77 -21.76
C LEU A 312 14.28 42.04 -21.95
N THR A 313 13.03 41.90 -22.41
CA THR A 313 12.08 43.01 -22.51
C THR A 313 11.16 43.20 -21.32
N ASP A 314 10.31 44.23 -21.46
CA ASP A 314 9.25 44.55 -20.51
C ASP A 314 8.32 43.39 -20.26
N ARG A 315 7.80 43.31 -19.04
CA ARG A 315 6.98 42.18 -18.59
C ARG A 315 5.82 41.80 -19.50
N GLU A 316 5.11 42.78 -20.04
CA GLU A 316 3.89 42.52 -20.78
C GLU A 316 4.20 42.05 -22.19
N VAL A 317 5.37 42.42 -22.69
CA VAL A 317 5.81 41.97 -24.03
C VAL A 317 6.68 40.69 -23.98
N ARG A 318 6.89 40.17 -22.77
CA ARG A 318 7.94 39.20 -22.51
C ARG A 318 7.54 37.78 -22.75
N LEU A 319 8.39 37.05 -23.49
CA LEU A 319 8.19 35.64 -23.75
C LEU A 319 7.93 34.93 -22.45
N GLY A 320 7.00 33.99 -22.48
CA GLY A 320 6.61 33.26 -21.29
C GLY A 320 5.28 33.78 -20.77
N ARG A 321 4.89 34.98 -21.19
CA ARG A 321 3.67 35.61 -20.66
C ARG A 321 2.40 34.89 -21.13
N ASN A 322 2.41 34.39 -22.36
CA ASN A 322 1.26 33.65 -22.89
C ASN A 322 1.31 32.16 -22.59
N GLY A 323 2.45 31.67 -22.11
CA GLY A 323 2.61 30.27 -21.77
C GLY A 323 4.05 29.83 -21.90
N VAL A 324 4.32 28.57 -21.61
CA VAL A 324 5.68 28.07 -21.70
C VAL A 324 6.00 27.62 -23.13
N GLU A 325 4.94 27.47 -23.92
CA GLU A 325 5.02 26.93 -25.28
C GLU A 325 5.55 27.93 -26.29
N GLU A 326 5.14 29.19 -26.21
CA GLU A 326 5.72 30.22 -27.08
C GLU A 326 7.25 30.30 -26.89
N ILE A 327 7.73 29.76 -25.77
CA ILE A 327 9.17 29.63 -25.49
C ILE A 327 9.77 28.41 -26.19
N LYS A 328 9.31 27.21 -25.81
CA LYS A 328 9.78 25.98 -26.42
C LYS A 328 9.73 26.06 -27.95
N ARG A 329 8.79 26.85 -28.46
CA ARG A 329 8.55 26.92 -29.89
C ARG A 329 9.54 27.89 -30.57
N HIS A 330 10.43 28.48 -29.77
CA HIS A 330 11.39 29.46 -30.26
C HIS A 330 12.40 28.84 -31.23
N LEU A 331 12.67 29.58 -32.30
CA LEU A 331 13.70 29.24 -33.27
C LEU A 331 15.09 28.91 -32.66
N PHE A 332 15.46 29.56 -31.56
CA PHE A 332 16.76 29.23 -30.94
C PHE A 332 16.74 27.80 -30.43
N PHE A 333 15.54 27.24 -30.33
CA PHE A 333 15.41 25.91 -29.77
C PHE A 333 15.40 24.79 -30.80
N LYS A 334 15.36 25.15 -32.08
CA LYS A 334 15.38 24.17 -33.16
C LYS A 334 16.75 23.48 -33.27
N ASN A 335 16.77 22.17 -33.48
CA ASN A 335 18.04 21.42 -33.54
C ASN A 335 17.90 19.90 -33.72
N ASP A 336 18.95 19.25 -34.22
CA ASP A 336 18.87 17.82 -34.55
C ASP A 336 19.18 16.87 -33.39
N GLN A 337 19.76 17.40 -32.33
CA GLN A 337 20.31 16.56 -31.27
C GLN A 337 19.36 16.22 -30.11
N TRP A 338 18.15 16.77 -30.11
CA TRP A 338 17.12 16.42 -29.10
C TRP A 338 15.80 17.17 -29.28
N ALA A 339 14.76 16.65 -28.65
CA ALA A 339 13.46 17.28 -28.65
C ALA A 339 13.02 17.35 -27.21
N TRP A 340 12.09 18.25 -26.91
CA TRP A 340 11.83 18.57 -25.51
C TRP A 340 11.62 17.36 -24.57
N GLU A 341 10.93 16.33 -25.07
CA GLU A 341 10.47 15.20 -24.25
C GLU A 341 11.58 14.22 -23.83
N THR A 342 12.61 14.09 -24.67
CA THR A 342 13.68 13.14 -24.44
C THR A 342 14.82 13.78 -23.67
N LEU A 343 14.67 15.06 -23.39
CA LEU A 343 15.78 15.92 -22.97
C LEU A 343 16.51 15.50 -21.68
N ARG A 344 15.82 14.89 -20.71
CA ARG A 344 16.54 14.40 -19.54
C ARG A 344 17.05 13.00 -19.81
N ASP A 345 16.56 12.42 -20.90
CA ASP A 345 16.95 11.08 -21.31
C ASP A 345 18.14 11.15 -22.27
N THR A 346 18.54 12.38 -22.60
CA THR A 346 19.58 12.59 -23.56
C THR A 346 20.94 12.74 -22.85
N VAL A 347 21.98 13.08 -23.61
CA VAL A 347 23.35 13.05 -23.11
C VAL A 347 23.86 14.45 -22.85
N ALA A 348 24.55 14.63 -21.73
CA ALA A 348 25.06 15.93 -21.29
C ALA A 348 26.33 16.37 -22.04
N PRO A 349 26.47 17.69 -22.24
CA PRO A 349 27.64 18.38 -22.80
C PRO A 349 28.87 18.26 -21.89
N VAL A 350 28.61 18.19 -20.59
CA VAL A 350 29.62 17.78 -19.66
C VAL A 350 29.02 16.73 -18.73
N VAL A 351 29.67 15.58 -18.70
CA VAL A 351 29.38 14.58 -17.69
C VAL A 351 30.56 14.61 -16.78
N PRO A 352 30.33 14.82 -15.48
CA PRO A 352 31.45 14.92 -14.53
C PRO A 352 32.10 13.56 -14.24
N ASP A 353 33.43 13.47 -14.26
CA ASP A 353 34.13 12.20 -13.98
C ASP A 353 34.60 12.24 -12.54
N LEU A 354 34.17 11.27 -11.74
CA LEU A 354 34.29 11.41 -10.28
C LEU A 354 35.13 10.32 -9.58
N SER A 355 35.94 10.74 -8.60
CA SER A 355 36.78 9.84 -7.82
C SER A 355 35.94 9.03 -6.81
N SER A 356 34.90 9.67 -6.26
CA SER A 356 34.08 9.05 -5.23
C SER A 356 32.61 9.46 -5.32
N ASP A 357 31.86 9.09 -4.30
CA ASP A 357 30.61 9.78 -3.99
C ASP A 357 30.92 10.94 -3.05
N ILE A 358 32.16 10.96 -2.56
CA ILE A 358 32.63 11.97 -1.61
C ILE A 358 33.43 13.12 -2.26
N ASP A 359 33.47 13.13 -3.59
CA ASP A 359 34.32 14.11 -4.28
C ASP A 359 33.83 15.56 -4.14
N THR A 360 34.68 16.39 -3.54
CA THR A 360 34.45 17.82 -3.32
C THR A 360 35.08 18.60 -4.47
N SER A 361 35.73 17.89 -5.38
CA SER A 361 36.61 18.53 -6.36
C SER A 361 35.89 19.49 -7.31
N ASN A 362 34.56 19.39 -7.40
CA ASN A 362 33.79 20.30 -8.25
C ASN A 362 33.22 21.54 -7.56
N PHE A 363 33.59 21.74 -6.30
CA PHE A 363 33.22 22.95 -5.58
C PHE A 363 34.44 23.65 -4.99
N ASP A 364 34.22 24.82 -4.41
CA ASP A 364 35.24 25.50 -3.65
C ASP A 364 35.36 24.89 -2.27
N ASP A 365 36.52 25.04 -1.66
CA ASP A 365 36.78 24.41 -0.37
C ASP A 365 36.66 25.44 0.75
N LEU A 366 36.18 24.97 1.91
CA LEU A 366 35.96 25.80 3.08
C LEU A 366 36.09 24.96 4.35
N GLU A 367 36.20 25.62 5.50
CA GLU A 367 36.42 24.90 6.76
C GLU A 367 35.34 25.15 7.83
N GLU A 368 35.37 26.33 8.41
CA GLU A 368 34.51 26.62 9.57
C GLU A 368 34.70 28.05 10.06
N ASP A 369 33.82 28.47 10.97
CA ASP A 369 34.09 29.67 11.75
C ASP A 369 35.42 29.46 12.44
N LYS A 370 35.45 28.46 13.32
CA LYS A 370 36.43 28.43 14.40
C LYS A 370 36.17 29.71 15.19
N GLY A 371 34.89 30.02 15.37
CA GLY A 371 34.46 31.30 15.94
C GLY A 371 33.17 31.20 16.72
N GLU A 372 32.87 32.26 17.47
CA GLU A 372 31.82 32.24 18.50
C GLU A 372 30.44 31.92 17.95
N GLU A 373 29.59 31.36 18.80
CA GLU A 373 28.17 31.14 18.49
C GLU A 373 27.28 31.96 19.45
N GLU A 374 26.22 32.55 18.93
CA GLU A 374 25.42 33.47 19.74
C GLU A 374 24.14 32.84 20.30
N THR A 375 23.88 33.14 21.56
CA THR A 375 22.75 32.57 22.30
C THR A 375 21.56 33.54 22.27
N PHE A 376 20.34 33.01 22.14
CA PHE A 376 19.19 33.79 22.51
C PHE A 376 19.37 34.06 24.00
N PRO A 377 19.28 35.33 24.40
CA PRO A 377 19.38 35.64 25.84
C PRO A 377 18.32 34.87 26.66
N ILE A 378 18.52 34.74 27.98
CA ILE A 378 17.52 34.12 28.83
C ILE A 378 16.43 35.16 29.03
N PRO A 379 15.18 34.81 28.64
CA PRO A 379 14.07 35.78 28.50
C PRO A 379 13.38 36.25 29.78
N LYS A 380 12.84 37.47 29.70
CA LYS A 380 12.07 38.09 30.78
C LYS A 380 10.72 37.41 30.93
N ALA A 381 9.84 37.67 29.97
CA ALA A 381 8.54 37.03 29.82
C ALA A 381 8.61 35.81 28.89
N PHE A 382 7.45 35.34 28.46
CA PHE A 382 7.40 34.40 27.33
C PHE A 382 7.70 35.17 26.05
N VAL A 383 8.45 34.54 25.15
CA VAL A 383 8.95 35.21 23.95
C VAL A 383 8.48 34.52 22.66
N GLY A 384 8.83 33.26 22.51
CA GLY A 384 8.29 32.48 21.42
C GLY A 384 9.22 32.41 20.23
N ASN A 385 10.50 32.70 20.44
CA ASN A 385 11.45 32.65 19.33
C ASN A 385 11.48 31.30 18.59
N GLN A 386 10.93 30.25 19.19
CA GLN A 386 10.79 28.95 18.48
C GLN A 386 9.53 28.83 17.54
N LEU A 387 8.48 29.59 17.83
CA LEU A 387 7.20 29.48 17.12
C LEU A 387 7.25 29.50 15.60
N PRO A 388 8.09 30.35 15.03
CA PRO A 388 8.16 30.44 13.56
C PRO A 388 8.76 29.21 12.90
N PHE A 389 9.42 28.37 13.67
CA PHE A 389 10.05 27.17 13.14
C PHE A 389 9.30 25.84 13.33
N VAL A 390 8.20 25.93 14.07
CA VAL A 390 7.38 24.79 14.44
C VAL A 390 6.67 24.29 13.19
N GLY A 391 6.82 23.00 12.89
CA GLY A 391 6.20 22.42 11.72
C GLY A 391 7.22 22.21 10.61
N PHE A 392 8.44 22.66 10.89
CA PHE A 392 9.52 22.51 9.94
C PHE A 392 10.02 21.07 9.87
N THR A 393 9.61 20.22 10.80
CA THR A 393 10.11 18.87 10.68
C THR A 393 9.35 18.13 9.58
N TYR A 394 10.12 17.37 8.81
CA TYR A 394 9.61 16.57 7.71
C TYR A 394 10.52 15.33 7.51
N TYR A 395 9.93 14.17 7.23
CA TYR A 395 10.74 12.99 6.87
C TYR A 395 10.32 12.45 5.52
N SER A 396 11.00 11.39 5.09
CA SER A 396 10.70 10.73 3.83
C SER A 396 10.76 9.21 4.01
N ASN A 397 9.81 8.53 3.36
CA ASN A 397 9.49 7.14 3.69
C ASN A 397 9.56 6.19 2.49
N GLU B 3 14.31 -1.25 17.19
CA GLU B 3 15.74 -1.50 17.23
C GLU B 3 16.48 -0.34 16.58
N THR B 4 16.28 -0.13 15.28
CA THR B 4 16.83 1.05 14.61
C THR B 4 15.82 2.19 14.72
N ARG B 5 14.85 2.00 15.61
CA ARG B 5 14.46 3.12 16.48
C ARG B 5 13.39 4.07 15.97
N PHE B 6 13.06 3.93 14.69
CA PHE B 6 11.91 4.64 14.19
C PHE B 6 10.70 3.89 14.72
N GLU B 7 10.92 2.64 15.15
CA GLU B 7 9.95 1.86 15.95
C GLU B 7 9.93 2.26 17.43
N LYS B 8 11.12 2.47 18.00
CA LYS B 8 11.25 3.00 19.35
C LYS B 8 10.36 4.24 19.44
N MET B 9 10.49 5.11 18.44
CA MET B 9 9.82 6.40 18.47
C MET B 9 8.33 6.20 18.48
N ASP B 10 7.82 5.59 17.43
CA ASP B 10 6.43 5.71 17.12
C ASP B 10 5.57 4.76 17.95
N ASN B 11 6.19 3.96 18.82
CA ASN B 11 5.40 3.27 19.82
C ASN B 11 4.80 4.31 20.79
N LEU B 12 5.55 5.38 21.04
CA LEU B 12 5.11 6.54 21.81
C LEU B 12 4.07 7.35 21.04
N LEU B 13 4.30 7.49 19.74
CA LEU B 13 3.47 8.29 18.87
C LEU B 13 1.98 8.02 18.99
N ARG B 14 1.61 6.74 18.90
CA ARG B 14 0.24 6.41 19.25
C ARG B 14 0.10 5.16 20.12
N ASP B 15 -0.32 5.39 21.36
CA ASP B 15 -0.75 4.36 22.28
C ASP B 15 -1.10 5.07 23.59
N PRO B 16 -2.28 4.76 24.14
CA PRO B 16 -3.11 5.64 24.98
C PRO B 16 -2.44 6.17 26.23
N LYS B 17 -1.66 5.35 26.92
CA LYS B 17 -1.11 5.80 28.17
C LYS B 17 0.23 6.51 27.96
N SER B 18 0.69 6.55 26.72
CA SER B 18 1.86 7.39 26.40
C SER B 18 1.39 8.84 26.37
N GLU B 19 2.21 9.72 26.93
CA GLU B 19 1.80 11.11 27.05
C GLU B 19 2.06 11.88 25.77
N VAL B 20 2.71 11.22 24.83
CA VAL B 20 2.78 11.72 23.44
C VAL B 20 1.77 11.12 22.47
N ASN B 21 0.82 10.34 22.97
CA ASN B 21 -0.28 9.88 22.13
C ASN B 21 -0.99 11.05 21.44
N SER B 22 -1.47 10.78 20.25
CA SER B 22 -1.86 11.84 19.34
C SER B 22 -2.79 12.85 19.98
N ASP B 23 -3.64 12.40 20.92
CA ASP B 23 -4.63 13.28 21.55
C ASP B 23 -3.98 14.29 22.47
N CYS B 24 -2.92 13.87 23.14
CA CYS B 24 -2.06 14.80 23.88
C CYS B 24 -1.48 15.86 22.94
N LEU B 25 -0.81 15.42 21.88
CA LEU B 25 -0.28 16.34 20.88
C LEU B 25 -1.31 17.33 20.31
N LEU B 26 -2.53 16.85 20.08
CA LEU B 26 -3.58 17.73 19.57
C LEU B 26 -4.08 18.66 20.65
N ASP B 27 -4.26 18.14 21.85
CA ASP B 27 -4.61 18.99 22.97
C ASP B 27 -3.56 20.07 23.11
N GLY B 28 -2.32 19.68 22.85
CA GLY B 28 -1.18 20.58 22.99
C GLY B 28 -1.25 21.76 22.05
N LEU B 29 -1.36 21.50 20.75
CA LEU B 29 -1.40 22.58 19.77
C LEU B 29 -2.66 23.41 19.99
N ASP B 30 -3.78 22.72 20.23
CA ASP B 30 -5.03 23.40 20.58
C ASP B 30 -4.91 24.25 21.87
N ALA B 31 -4.21 23.75 22.89
CA ALA B 31 -4.13 24.50 24.14
C ALA B 31 -3.27 25.76 23.95
N LEU B 32 -2.06 25.55 23.44
CA LEU B 32 -1.15 26.63 23.14
C LEU B 32 -1.88 27.73 22.38
N VAL B 33 -2.61 27.35 21.34
CA VAL B 33 -3.35 28.33 20.56
C VAL B 33 -4.40 29.18 21.36
N TYR B 34 -5.19 28.55 22.22
CA TYR B 34 -6.19 29.29 22.97
C TYR B 34 -5.49 30.34 23.81
N ASP B 35 -4.37 29.92 24.41
CA ASP B 35 -3.57 30.72 25.34
C ASP B 35 -2.69 31.78 24.66
N LEU B 36 -2.38 31.56 23.38
CA LEU B 36 -1.64 32.51 22.58
C LEU B 36 -2.53 33.63 22.06
N ASP B 37 -3.81 33.36 21.85
CA ASP B 37 -4.65 34.25 21.03
C ASP B 37 -5.43 35.27 21.86
N PHE B 38 -4.93 36.51 21.82
CA PHE B 38 -5.28 37.58 22.75
C PHE B 38 -4.55 38.80 22.24
N PRO B 39 -5.23 39.95 22.23
CA PRO B 39 -4.70 41.16 21.55
C PRO B 39 -3.38 41.61 22.16
N ALA B 40 -3.31 41.60 23.49
CA ALA B 40 -2.11 41.98 24.22
C ALA B 40 -0.91 41.10 23.86
N LEU B 41 -1.15 39.80 23.72
CA LEU B 41 -0.10 38.85 23.40
C LEU B 41 0.31 38.88 21.93
N ARG B 42 -0.63 39.24 21.06
CA ARG B 42 -0.38 39.39 19.63
C ARG B 42 0.49 40.60 19.33
N LYS B 43 0.70 41.47 20.32
CA LYS B 43 1.68 42.57 20.21
C LYS B 43 3.07 41.99 20.04
N ASN B 44 3.18 40.69 20.21
CA ASN B 44 4.41 39.96 19.97
C ASN B 44 4.37 39.33 18.58
N LYS B 45 5.26 39.77 17.72
CA LYS B 45 5.19 39.49 16.29
C LYS B 45 5.32 38.01 16.07
N ASN B 46 6.21 37.38 16.85
CA ASN B 46 6.35 35.93 16.88
C ASN B 46 5.03 35.21 17.14
N ILE B 47 4.33 35.62 18.20
CA ILE B 47 3.06 35.00 18.55
C ILE B 47 2.05 35.27 17.45
N ASP B 48 1.89 36.56 17.14
CA ASP B 48 0.97 36.96 16.09
C ASP B 48 1.17 36.15 14.82
N ASN B 49 2.42 36.02 14.36
CA ASN B 49 2.62 35.34 13.09
C ASN B 49 2.39 33.84 13.19
N PHE B 50 2.66 33.29 14.37
CA PHE B 50 2.43 31.89 14.56
C PHE B 50 0.92 31.63 14.48
N LEU B 51 0.17 32.42 15.26
CA LEU B 51 -1.28 32.43 15.22
C LEU B 51 -1.91 32.63 13.83
N SER B 52 -1.23 33.31 12.93
CA SER B 52 -1.84 33.54 11.61
C SER B 52 -1.70 32.30 10.73
N ARG B 53 -0.54 31.68 10.77
CA ARG B 53 -0.28 30.48 9.97
C ARG B 53 -1.13 29.29 10.44
N TYR B 54 -1.37 29.23 11.74
CA TYR B 54 -2.13 28.13 12.26
C TYR B 54 -3.66 28.39 12.35
N LYS B 55 -4.11 29.57 11.96
CA LYS B 55 -5.52 29.93 12.02
C LYS B 55 -6.42 28.87 11.43
N ASP B 56 -6.36 28.72 10.11
CA ASP B 56 -7.30 27.86 9.40
C ASP B 56 -7.19 26.43 9.85
N THR B 57 -5.98 25.93 9.90
CA THR B 57 -5.78 24.52 10.20
C THR B 57 -6.33 24.11 11.62
N ILE B 58 -6.15 24.95 12.66
CA ILE B 58 -6.86 24.65 13.92
C ILE B 58 -8.35 24.90 13.91
N ASN B 59 -8.86 25.68 12.97
CA ASN B 59 -10.31 25.78 12.93
C ASN B 59 -10.91 24.43 12.53
N LYS B 60 -10.22 23.76 11.60
CA LYS B 60 -10.65 22.44 11.10
C LYS B 60 -10.45 21.35 12.12
N ILE B 61 -9.29 21.36 12.79
CA ILE B 61 -9.06 20.50 13.95
C ILE B 61 -10.21 20.59 14.96
N ARG B 62 -10.54 21.79 15.40
CA ARG B 62 -11.64 21.90 16.33
C ARG B 62 -12.90 21.27 15.77
N ASP B 63 -13.00 21.27 14.43
CA ASP B 63 -14.21 20.75 13.79
C ASP B 63 -14.26 19.25 13.63
N LEU B 64 -13.12 18.64 13.30
CA LEU B 64 -12.99 17.21 13.07
C LEU B 64 -12.96 16.41 14.37
N ARG B 65 -12.30 16.94 15.41
CA ARG B 65 -12.29 16.27 16.72
C ARG B 65 -13.69 16.41 17.33
N MET B 66 -14.05 15.49 18.24
CA MET B 66 -15.34 15.54 18.95
C MET B 66 -15.57 16.87 19.70
N LYS B 67 -16.71 17.50 19.40
CA LYS B 67 -17.08 18.74 20.03
C LYS B 67 -18.49 18.67 20.62
N ALA B 68 -18.81 19.59 21.54
CA ALA B 68 -20.12 19.63 22.21
C ALA B 68 -21.34 19.69 21.26
N GLU B 69 -21.13 20.23 20.07
CA GLU B 69 -22.23 20.40 19.15
C GLU B 69 -22.44 19.11 18.39
N ASP B 70 -21.52 18.16 18.58
CA ASP B 70 -21.76 16.80 18.08
C ASP B 70 -22.91 16.14 18.83
N TYR B 71 -23.36 16.81 19.89
CA TYR B 71 -24.31 16.21 20.80
C TYR B 71 -25.50 17.10 21.02
N GLU B 72 -26.68 16.48 21.05
CA GLU B 72 -27.95 17.16 21.30
C GLU B 72 -28.30 17.04 22.78
N VAL B 73 -28.71 18.15 23.41
CA VAL B 73 -29.02 18.13 24.84
C VAL B 73 -30.51 17.95 25.12
N VAL B 74 -30.85 16.91 25.89
CA VAL B 74 -32.23 16.58 26.20
C VAL B 74 -32.73 17.14 27.53
N LYS B 75 -32.11 16.69 28.62
CA LYS B 75 -32.38 17.31 29.93
C LYS B 75 -31.08 17.71 30.61
N VAL B 76 -31.12 18.81 31.36
CA VAL B 76 -30.06 19.09 32.31
C VAL B 76 -30.49 18.49 33.64
N ILE B 77 -29.78 17.45 34.06
CA ILE B 77 -30.15 16.71 35.24
C ILE B 77 -29.04 16.86 36.25
N GLY B 78 -29.30 17.63 37.31
CA GLY B 78 -28.31 17.91 38.34
C GLY B 78 -27.39 19.04 37.90
N ARG B 79 -26.89 19.81 38.86
CA ARG B 79 -26.07 20.98 38.54
C ARG B 79 -25.04 21.19 39.67
N GLY B 80 -23.84 21.69 39.35
CA GLY B 80 -22.77 21.68 40.34
C GLY B 80 -22.40 23.00 41.00
N ALA B 81 -21.25 23.02 41.67
CA ALA B 81 -20.48 24.25 41.89
C ALA B 81 -19.58 24.46 40.69
N PHE B 82 -18.98 23.35 40.22
CA PHE B 82 -17.92 23.34 39.21
C PHE B 82 -18.37 23.04 37.77
N GLY B 83 -19.69 22.91 37.57
CA GLY B 83 -20.21 22.51 36.28
C GLY B 83 -21.59 21.89 36.33
N GLU B 84 -21.90 21.06 35.34
CA GLU B 84 -23.18 20.34 35.34
C GLU B 84 -23.18 19.00 34.58
N VAL B 85 -24.25 18.26 34.82
CA VAL B 85 -24.49 17.04 34.07
C VAL B 85 -25.73 17.22 33.24
N GLN B 86 -25.60 16.86 31.95
CA GLN B 86 -26.75 16.87 31.07
C GLN B 86 -26.89 15.49 30.52
N LEU B 87 -28.13 15.10 30.24
CA LEU B 87 -28.38 13.92 29.44
C LEU B 87 -28.29 14.35 27.97
N VAL B 88 -27.44 13.66 27.19
CA VAL B 88 -27.24 14.07 25.81
C VAL B 88 -27.56 12.96 24.81
N ARG B 89 -27.79 13.34 23.55
CA ARG B 89 -27.93 12.35 22.46
C ARG B 89 -27.02 12.72 21.29
N HIS B 90 -26.09 11.83 20.94
CA HIS B 90 -25.29 12.06 19.75
C HIS B 90 -26.21 12.24 18.53
N LYS B 91 -25.85 13.18 17.66
CA LYS B 91 -26.73 13.69 16.61
C LYS B 91 -26.86 12.80 15.40
N SER B 92 -25.76 12.19 14.98
CA SER B 92 -25.79 11.18 13.93
C SER B 92 -26.11 9.71 14.36
N THR B 93 -25.54 9.29 15.50
CA THR B 93 -25.73 7.95 16.03
C THR B 93 -27.06 7.80 16.75
N ARG B 94 -27.71 8.94 17.02
CA ARG B 94 -28.91 8.98 17.83
C ARG B 94 -28.78 8.33 19.24
N LYS B 95 -27.56 8.20 19.72
CA LYS B 95 -27.30 7.44 20.96
C LYS B 95 -27.17 8.28 22.22
N VAL B 96 -27.58 7.68 23.35
CA VAL B 96 -27.74 8.41 24.62
C VAL B 96 -26.57 8.27 25.58
N TYR B 97 -26.20 9.40 26.17
CA TYR B 97 -25.15 9.39 27.18
C TYR B 97 -25.51 10.38 28.27
N ALA B 98 -24.78 10.27 29.37
CA ALA B 98 -24.82 11.32 30.37
C ALA B 98 -23.48 12.03 30.28
N MET B 99 -23.54 13.35 30.13
CA MET B 99 -22.38 14.20 29.94
C MET B 99 -22.17 15.15 31.10
N LYS B 100 -20.96 15.07 31.64
CA LYS B 100 -20.48 15.96 32.71
C LYS B 100 -19.68 17.07 32.09
N LEU B 101 -20.02 18.32 32.45
CA LEU B 101 -19.24 19.50 32.09
C LEU B 101 -18.51 19.99 33.34
N LEU B 102 -17.18 19.87 33.33
CA LEU B 102 -16.34 20.42 34.38
C LEU B 102 -15.88 21.80 33.94
N SER B 103 -15.99 22.82 34.81
CA SER B 103 -15.58 24.17 34.35
C SER B 103 -14.10 24.45 34.65
N LYS B 104 -13.32 24.68 33.61
CA LYS B 104 -11.88 24.74 33.76
C LYS B 104 -11.48 25.79 34.80
N PHE B 105 -12.11 26.96 34.70
CA PHE B 105 -11.89 28.08 35.62
C PHE B 105 -12.15 27.74 37.11
N GLU B 106 -13.40 27.44 37.40
CA GLU B 106 -13.84 27.24 38.77
C GLU B 106 -13.01 26.11 39.38
N MET B 107 -12.58 25.20 38.51
CA MET B 107 -11.85 24.00 38.91
C MET B 107 -10.36 24.20 39.15
N ILE B 108 -9.71 24.95 38.27
CA ILE B 108 -8.32 25.35 38.47
C ILE B 108 -8.25 26.35 39.62
N LYS B 109 -9.27 27.21 39.72
CA LYS B 109 -9.20 28.28 40.70
C LYS B 109 -9.48 27.83 42.14
N ARG B 110 -8.45 27.96 42.98
CA ARG B 110 -8.51 28.45 44.38
C ARG B 110 -9.43 27.73 45.38
N SER B 111 -10.35 26.91 44.86
CA SER B 111 -10.77 25.69 45.53
C SER B 111 -9.68 24.72 45.12
N ASP B 112 -9.14 24.96 43.92
CA ASP B 112 -8.19 24.06 43.28
C ASP B 112 -8.77 22.66 43.39
N SER B 113 -7.99 21.74 43.97
CA SER B 113 -8.46 20.37 44.24
C SER B 113 -8.95 19.65 42.97
N ALA B 114 -8.56 20.15 41.80
CA ALA B 114 -8.00 19.36 40.69
C ALA B 114 -8.48 17.90 40.55
N PHE B 115 -9.77 17.68 40.82
CA PHE B 115 -10.33 16.34 41.04
C PHE B 115 -10.37 15.50 39.74
N PHE B 116 -10.34 16.21 38.62
CA PHE B 116 -10.62 15.69 37.28
C PHE B 116 -9.74 14.55 36.73
N TRP B 117 -8.43 14.58 36.95
CA TRP B 117 -7.63 13.46 36.43
C TRP B 117 -8.22 12.22 37.02
N GLU B 118 -8.22 12.19 38.36
CA GLU B 118 -8.78 11.10 39.15
C GLU B 118 -10.20 10.74 38.70
N GLU B 119 -11.12 11.71 38.71
CA GLU B 119 -12.50 11.47 38.25
C GLU B 119 -12.47 10.71 36.96
N ARG B 120 -11.90 11.34 35.93
CA ARG B 120 -11.77 10.76 34.59
C ARG B 120 -11.20 9.35 34.65
N ASP B 121 -9.95 9.24 35.08
CA ASP B 121 -9.20 7.99 35.00
C ASP B 121 -9.98 6.81 35.56
N ILE B 122 -10.63 7.01 36.71
CA ILE B 122 -11.53 6.01 37.29
C ILE B 122 -12.51 5.50 36.24
N MET B 123 -13.49 6.31 35.86
CA MET B 123 -14.55 5.85 34.96
C MET B 123 -14.05 5.20 33.65
N ALA B 124 -12.97 5.73 33.09
CA ALA B 124 -12.40 5.19 31.88
C ALA B 124 -11.77 3.79 32.08
N PHE B 125 -10.88 3.65 33.07
CA PHE B 125 -10.11 2.41 33.30
C PHE B 125 -10.60 1.45 34.41
N ALA B 126 -11.71 1.77 35.07
CA ALA B 126 -12.16 0.97 36.21
C ALA B 126 -12.44 -0.46 35.76
N ASN B 127 -13.09 -0.56 34.61
CA ASN B 127 -13.33 -1.86 34.04
C ASN B 127 -14.25 -2.67 34.94
N SER B 128 -15.19 -1.98 35.60
CA SER B 128 -16.03 -2.64 36.59
C SER B 128 -17.51 -2.42 36.35
N PRO B 129 -18.28 -3.48 36.58
CA PRO B 129 -19.73 -3.33 36.55
C PRO B 129 -20.16 -2.20 37.51
N TRP B 130 -19.45 -2.06 38.61
CA TRP B 130 -19.91 -1.18 39.69
C TRP B 130 -19.70 0.31 39.39
N VAL B 131 -18.71 0.59 38.55
CA VAL B 131 -18.38 1.94 38.11
C VAL B 131 -18.89 2.24 36.70
N VAL B 132 -19.67 3.33 36.62
CA VAL B 132 -20.16 3.86 35.36
C VAL B 132 -18.97 4.06 34.46
N GLN B 133 -19.20 3.94 33.16
CA GLN B 133 -18.11 4.02 32.20
C GLN B 133 -17.95 5.38 31.54
N LEU B 134 -16.70 5.81 31.38
CA LEU B 134 -16.40 6.99 30.59
C LEU B 134 -16.16 6.61 29.11
N PHE B 135 -17.04 7.04 28.20
CA PHE B 135 -16.89 6.66 26.78
C PHE B 135 -15.94 7.57 26.02
N TYR B 136 -16.10 8.87 26.24
CA TYR B 136 -15.29 9.89 25.56
C TYR B 136 -14.98 11.03 26.51
N ALA B 137 -13.86 11.71 26.30
CA ALA B 137 -13.63 12.98 26.95
C ALA B 137 -13.04 13.94 25.96
N PHE B 138 -13.48 15.19 26.04
CA PHE B 138 -12.95 16.25 25.20
C PHE B 138 -13.08 17.57 25.92
N GLN B 139 -12.71 18.66 25.24
CA GLN B 139 -12.64 19.93 25.90
C GLN B 139 -12.73 21.07 24.92
N ASP B 140 -12.74 22.28 25.46
CA ASP B 140 -12.59 23.49 24.69
C ASP B 140 -12.04 24.49 25.70
N ASP B 141 -12.01 25.77 25.35
CA ASP B 141 -11.41 26.77 26.23
C ASP B 141 -12.19 27.05 27.54
N ARG B 142 -13.40 26.49 27.67
CA ARG B 142 -14.21 26.71 28.87
C ARG B 142 -14.36 25.46 29.75
N TYR B 143 -14.90 24.41 29.15
CA TYR B 143 -15.24 23.21 29.86
C TYR B 143 -14.37 21.98 29.47
N LEU B 144 -14.19 21.07 30.43
CA LEU B 144 -14.00 19.65 30.13
C LEU B 144 -15.33 18.91 29.91
N TYR B 145 -15.30 17.80 29.17
CA TYR B 145 -16.52 17.03 28.93
C TYR B 145 -16.30 15.54 29.08
N MET B 146 -16.93 14.93 30.08
CA MET B 146 -16.93 13.49 30.17
C MET B 146 -18.24 12.90 29.66
N VAL B 147 -18.17 12.14 28.57
CA VAL B 147 -19.37 11.48 28.07
C VAL B 147 -19.39 10.04 28.56
N MET B 148 -20.24 9.78 29.54
CA MET B 148 -20.24 8.51 30.24
C MET B 148 -21.46 7.70 29.84
N GLU B 149 -21.34 6.38 30.00
CA GLU B 149 -22.45 5.42 29.81
C GLU B 149 -23.69 5.86 30.59
N TYR B 150 -24.86 5.68 29.97
CA TYR B 150 -26.14 6.21 30.47
C TYR B 150 -26.84 5.28 31.49
N MET B 151 -27.47 5.86 32.51
CA MET B 151 -28.11 5.08 33.59
C MET B 151 -29.61 5.32 33.68
N PRO B 152 -30.35 4.53 32.90
CA PRO B 152 -31.79 4.60 32.58
C PRO B 152 -32.72 4.64 33.78
N GLY B 153 -32.36 3.96 34.89
CA GLY B 153 -33.01 4.12 36.18
C GLY B 153 -32.59 5.47 36.72
N GLY B 154 -33.07 5.80 37.92
CA GLY B 154 -32.66 7.07 38.51
C GLY B 154 -31.34 6.97 39.25
N ASP B 155 -31.06 8.01 40.04
CA ASP B 155 -30.14 7.88 41.14
C ASP B 155 -31.04 7.38 42.25
N LEU B 156 -30.46 7.05 43.40
CA LEU B 156 -31.27 6.59 44.53
C LEU B 156 -32.06 7.74 45.18
N VAL B 157 -31.77 8.97 44.78
CA VAL B 157 -32.55 10.06 45.31
C VAL B 157 -33.99 9.95 44.81
N ASN B 158 -34.14 9.62 43.54
CA ASN B 158 -35.44 9.46 42.95
C ASN B 158 -36.22 8.35 43.67
N LEU B 159 -35.54 7.20 43.85
CA LEU B 159 -36.11 6.02 44.50
C LEU B 159 -36.74 6.41 45.84
N MET B 160 -35.89 6.84 46.78
CA MET B 160 -36.38 7.28 48.09
C MET B 160 -37.56 8.26 47.96
N SER B 161 -37.56 9.11 46.91
CA SER B 161 -38.71 9.98 46.65
C SER B 161 -40.03 9.25 46.44
N ASN B 162 -40.00 8.17 45.66
CA ASN B 162 -41.18 7.32 45.45
C ASN B 162 -41.49 6.25 46.49
N TYR B 163 -40.45 5.59 46.99
CA TYR B 163 -40.66 4.43 47.85
C TYR B 163 -40.14 4.66 49.25
N ASP B 164 -40.88 4.12 50.22
CA ASP B 164 -40.33 3.87 51.54
C ASP B 164 -39.55 2.59 51.37
N VAL B 165 -38.29 2.62 51.77
CA VAL B 165 -37.40 1.54 51.37
C VAL B 165 -37.23 0.45 52.45
N PRO B 166 -37.71 -0.77 52.13
CA PRO B 166 -37.55 -1.95 53.02
C PRO B 166 -36.09 -2.32 53.32
N GLU B 167 -35.82 -2.76 54.54
CA GLU B 167 -34.48 -3.17 54.90
C GLU B 167 -33.92 -4.15 53.88
N LYS B 168 -34.81 -4.83 53.14
CA LYS B 168 -34.42 -5.75 52.09
C LYS B 168 -33.73 -5.02 50.92
N TRP B 169 -34.41 -4.03 50.37
CA TRP B 169 -33.79 -3.22 49.33
C TRP B 169 -32.60 -2.51 49.89
N ALA B 170 -32.77 -1.94 51.09
CA ALA B 170 -31.71 -1.19 51.73
C ALA B 170 -30.46 -2.05 51.98
N ARG B 171 -30.64 -3.36 52.14
CA ARG B 171 -29.50 -4.27 52.26
C ARG B 171 -28.85 -4.44 50.88
N PHE B 172 -29.69 -4.54 49.87
CA PHE B 172 -29.25 -4.79 48.52
C PHE B 172 -28.40 -3.66 47.95
N TYR B 173 -28.87 -2.42 48.08
CA TYR B 173 -28.17 -1.30 47.49
C TYR B 173 -26.87 -1.05 48.25
N THR B 174 -26.93 -1.05 49.58
CA THR B 174 -25.72 -0.92 50.40
C THR B 174 -24.69 -1.95 49.96
N ALA B 175 -25.18 -3.13 49.58
CA ALA B 175 -24.29 -4.19 49.15
C ALA B 175 -23.57 -3.86 47.83
N GLU B 176 -24.33 -3.48 46.82
CA GLU B 176 -23.68 -3.11 45.57
C GLU B 176 -22.76 -1.89 45.78
N VAL B 177 -23.19 -0.92 46.58
CA VAL B 177 -22.32 0.19 46.91
C VAL B 177 -21.02 -0.30 47.54
N VAL B 178 -21.10 -1.36 48.36
CA VAL B 178 -19.90 -1.89 49.00
C VAL B 178 -18.94 -2.53 47.97
N LEU B 179 -19.50 -3.32 47.07
CA LEU B 179 -18.76 -3.83 45.92
C LEU B 179 -18.26 -2.70 44.98
N ALA B 180 -19.02 -1.62 44.87
CA ALA B 180 -18.56 -0.49 44.10
C ALA B 180 -17.37 0.19 44.80
N LEU B 181 -17.38 0.22 46.13
CA LEU B 181 -16.38 0.99 46.85
C LEU B 181 -15.03 0.29 46.98
N ASP B 182 -15.08 -1.02 47.10
CA ASP B 182 -13.82 -1.73 47.06
C ASP B 182 -13.20 -1.67 45.66
N ALA B 183 -14.04 -1.82 44.63
CA ALA B 183 -13.57 -1.76 43.25
C ALA B 183 -12.67 -0.54 43.04
N ILE B 184 -13.19 0.63 43.44
CA ILE B 184 -12.46 1.87 43.34
C ILE B 184 -11.23 1.86 44.26
N HIS B 185 -11.43 1.52 45.54
CA HIS B 185 -10.32 1.48 46.50
C HIS B 185 -9.17 0.60 46.04
N SER B 186 -9.49 -0.43 45.26
CA SER B 186 -8.51 -1.38 44.77
C SER B 186 -7.56 -0.73 43.77
N MET B 187 -8.01 0.39 43.22
CA MET B 187 -7.24 1.17 42.28
C MET B 187 -6.48 2.29 43.01
N GLY B 188 -6.62 2.36 44.33
CA GLY B 188 -6.00 3.42 45.10
C GLY B 188 -6.73 4.76 45.09
N PHE B 189 -7.97 4.76 44.60
CA PHE B 189 -8.77 5.97 44.53
C PHE B 189 -9.73 6.14 45.66
N ILE B 190 -9.82 7.39 46.12
CA ILE B 190 -10.85 7.85 47.03
C ILE B 190 -11.94 8.40 46.16
N HIS B 191 -13.14 7.87 46.32
CA HIS B 191 -14.28 8.33 45.53
C HIS B 191 -14.65 9.71 46.01
N ARG B 192 -14.68 9.84 47.34
CA ARG B 192 -14.49 11.11 47.98
C ARG B 192 -15.76 11.97 48.00
N ASP B 193 -16.76 11.61 47.19
CA ASP B 193 -18.09 12.15 47.44
C ASP B 193 -19.08 11.03 47.13
N VAL B 194 -19.73 10.48 48.16
CA VAL B 194 -20.61 9.33 47.97
C VAL B 194 -21.97 9.63 48.55
N LYS B 195 -22.98 9.74 47.69
CA LYS B 195 -24.33 9.96 48.17
C LYS B 195 -25.32 9.32 47.20
N PRO B 196 -26.61 9.31 47.60
CA PRO B 196 -27.64 8.69 46.76
C PRO B 196 -27.61 9.27 45.36
N ASP B 197 -27.14 10.51 45.24
CA ASP B 197 -27.14 11.17 43.94
C ASP B 197 -26.17 10.50 42.96
N ASN B 198 -25.03 10.01 43.46
CA ASN B 198 -24.09 9.30 42.59
C ASN B 198 -24.34 7.81 42.51
N MET B 199 -25.44 7.35 43.08
CA MET B 199 -25.77 5.94 42.97
C MET B 199 -26.83 5.75 41.90
N LEU B 200 -26.45 5.07 40.81
CA LEU B 200 -27.26 5.08 39.59
C LEU B 200 -27.73 3.67 39.32
N LEU B 201 -28.86 3.54 38.63
CA LEU B 201 -29.37 2.21 38.34
C LEU B 201 -29.48 1.98 36.82
N ASP B 202 -28.89 0.88 36.38
CA ASP B 202 -28.95 0.45 34.98
C ASP B 202 -30.34 -0.12 34.64
N LYS B 203 -30.47 -0.79 33.49
CA LYS B 203 -31.78 -1.33 33.09
C LYS B 203 -32.24 -2.51 33.95
N SER B 204 -31.28 -3.21 34.54
CA SER B 204 -31.54 -4.33 35.45
C SER B 204 -31.87 -3.84 36.86
N GLY B 205 -32.00 -2.53 37.04
CA GLY B 205 -32.12 -1.98 38.38
C GLY B 205 -30.91 -2.26 39.26
N HIS B 206 -29.76 -2.54 38.64
CA HIS B 206 -28.51 -2.76 39.37
C HIS B 206 -27.71 -1.47 39.45
N LEU B 207 -26.99 -1.32 40.55
CA LEU B 207 -26.46 -0.02 40.93
C LEU B 207 -25.01 0.22 40.50
N LYS B 208 -24.78 1.41 39.98
CA LYS B 208 -23.45 1.81 39.50
C LYS B 208 -23.08 3.10 40.20
N LEU B 209 -21.79 3.33 40.30
CA LEU B 209 -21.26 4.51 40.99
C LEU B 209 -20.70 5.59 40.03
N ALA B 210 -20.96 6.85 40.36
CA ALA B 210 -20.59 7.98 39.50
C ALA B 210 -20.07 9.18 40.30
N ASP B 211 -19.66 10.23 39.58
CA ASP B 211 -19.37 11.54 40.16
C ASP B 211 -19.93 12.67 39.27
N PHE B 212 -20.86 13.46 39.78
CA PHE B 212 -21.73 14.22 38.91
C PHE B 212 -21.86 15.67 39.37
N GLY B 213 -22.67 16.42 38.61
CA GLY B 213 -23.30 17.67 39.03
C GLY B 213 -24.47 17.33 39.96
N THR B 214 -24.62 18.22 40.96
CA THR B 214 -25.02 17.79 42.27
C THR B 214 -25.68 18.86 43.17
N CYS B 215 -25.81 18.53 44.44
CA CYS B 215 -26.83 19.11 45.32
C CYS B 215 -28.29 18.84 44.90
N MET B 216 -29.14 19.83 45.14
CA MET B 216 -30.53 19.54 45.44
C MET B 216 -31.63 20.31 44.68
N LYS B 217 -31.73 21.62 44.98
CA LYS B 217 -33.01 22.34 44.89
C LYS B 217 -32.96 23.91 44.69
N MET B 218 -34.11 24.43 44.17
CA MET B 218 -34.29 25.90 44.06
C MET B 218 -34.60 26.62 45.44
N ASN B 219 -34.50 27.96 45.46
CA ASN B 219 -35.29 28.81 46.42
C ASN B 219 -35.04 28.79 47.94
N LYS B 220 -34.13 27.95 48.43
CA LYS B 220 -33.65 28.12 49.81
C LYS B 220 -34.83 28.02 50.84
N GLU B 221 -35.57 26.91 50.77
CA GLU B 221 -36.51 26.53 51.84
C GLU B 221 -36.83 25.01 51.81
N GLY B 222 -37.01 24.41 53.01
CA GLY B 222 -36.72 23.00 53.17
C GLY B 222 -35.25 22.95 52.74
N MET B 223 -34.42 23.73 53.45
CA MET B 223 -33.32 24.55 52.86
C MET B 223 -32.37 23.88 51.83
N VAL B 224 -32.22 22.54 51.90
CA VAL B 224 -31.44 21.78 50.90
C VAL B 224 -30.06 22.42 50.56
N ARG B 225 -29.37 22.94 51.60
CA ARG B 225 -28.40 24.06 51.42
C ARG B 225 -27.26 23.60 50.49
N CYS B 226 -26.66 22.46 50.87
CA CYS B 226 -25.63 21.78 50.09
C CYS B 226 -24.54 22.72 49.49
N ASP B 227 -24.19 22.46 48.23
CA ASP B 227 -23.06 23.15 47.61
C ASP B 227 -21.71 23.18 48.42
N THR B 228 -21.21 24.39 48.72
CA THR B 228 -19.83 24.65 49.20
C THR B 228 -18.61 24.37 48.26
N ALA B 229 -17.76 23.45 48.70
CA ALA B 229 -16.53 23.12 47.97
C ALA B 229 -16.43 21.63 47.59
N VAL B 230 -16.10 20.75 48.54
CA VAL B 230 -15.91 19.33 48.21
C VAL B 230 -16.90 18.36 48.87
N GLY B 231 -17.23 17.30 48.12
CA GLY B 231 -18.27 16.37 48.53
C GLY B 231 -19.59 17.10 48.73
N THR B 232 -20.32 16.68 49.75
CA THR B 232 -21.57 17.33 50.15
C THR B 232 -21.64 17.32 51.66
N PRO B 233 -22.28 18.37 52.22
CA PRO B 233 -22.32 18.59 53.69
C PRO B 233 -22.79 17.37 54.52
N ASP B 234 -23.92 16.76 54.16
CA ASP B 234 -24.50 15.66 54.96
C ASP B 234 -23.58 14.45 55.03
N TYR B 235 -22.92 14.13 53.92
CA TYR B 235 -22.22 12.86 53.78
C TYR B 235 -20.73 12.89 54.06
N ILE B 236 -20.20 14.04 54.47
CA ILE B 236 -18.77 14.13 54.81
C ILE B 236 -18.42 13.63 56.17
N SER B 237 -17.17 13.22 56.30
CA SER B 237 -16.63 12.76 57.55
C SER B 237 -16.17 13.91 58.42
N PRO B 238 -15.94 13.61 59.69
CA PRO B 238 -15.26 14.53 60.61
C PRO B 238 -13.84 14.85 60.10
N GLU B 239 -13.16 13.83 59.58
CA GLU B 239 -11.80 13.98 59.05
C GLU B 239 -11.75 14.84 57.77
N VAL B 240 -12.69 14.65 56.86
CA VAL B 240 -12.83 15.53 55.70
C VAL B 240 -13.11 16.98 56.16
N LEU B 241 -14.03 17.19 57.10
CA LEU B 241 -14.22 18.51 57.68
C LEU B 241 -12.87 19.12 58.13
N LYS B 242 -12.12 18.33 58.92
CA LYS B 242 -10.90 18.77 59.60
C LYS B 242 -9.69 18.94 58.67
N SER B 243 -9.81 18.47 57.43
CA SER B 243 -8.67 18.57 56.53
C SER B 243 -8.76 19.82 55.62
N GLN B 244 -9.88 20.53 55.72
CA GLN B 244 -10.15 21.70 54.87
C GLN B 244 -9.42 23.04 55.19
N GLY B 245 -9.51 23.54 56.41
CA GLY B 245 -9.95 22.79 57.57
C GLY B 245 -9.08 22.58 58.82
N GLY B 246 -7.78 22.89 58.84
CA GLY B 246 -6.84 22.62 57.76
C GLY B 246 -6.01 21.50 58.36
N ASP B 247 -6.58 20.96 59.44
CA ASP B 247 -5.84 20.20 60.42
C ASP B 247 -5.11 18.97 59.88
N GLY B 248 -5.87 17.92 59.57
CA GLY B 248 -5.26 16.64 59.20
C GLY B 248 -5.39 16.32 57.72
N TYR B 249 -5.09 15.07 57.38
CA TYR B 249 -5.41 14.56 56.05
C TYR B 249 -6.23 13.27 56.15
N TYR B 250 -7.15 13.09 55.20
CA TYR B 250 -8.10 12.00 55.21
C TYR B 250 -7.84 10.99 54.07
N GLY B 251 -8.14 9.71 54.30
CA GLY B 251 -8.04 8.69 53.28
C GLY B 251 -9.38 8.17 52.78
N ARG B 252 -9.33 6.95 52.26
CA ARG B 252 -10.51 6.27 51.71
C ARG B 252 -11.48 5.84 52.81
N GLU B 253 -11.05 6.03 54.04
CA GLU B 253 -11.91 5.76 55.17
C GLU B 253 -13.15 6.64 55.06
N CYS B 254 -13.02 7.78 54.38
CA CYS B 254 -14.11 8.75 54.31
C CYS B 254 -15.38 8.23 53.58
N ASP B 255 -15.22 7.29 52.67
CA ASP B 255 -16.36 6.83 51.89
C ASP B 255 -17.17 5.91 52.72
N TRP B 256 -16.52 5.13 53.57
CA TRP B 256 -17.27 4.27 54.47
C TRP B 256 -18.14 5.08 55.44
N TRP B 257 -17.66 6.21 55.92
CA TRP B 257 -18.49 7.08 56.76
C TRP B 257 -19.75 7.38 55.99
N SER B 258 -19.56 7.54 54.69
CA SER B 258 -20.61 8.02 53.82
C SER B 258 -21.69 6.96 53.71
N VAL B 259 -21.27 5.71 53.56
CA VAL B 259 -22.25 4.65 53.50
C VAL B 259 -23.09 4.70 54.75
N GLY B 260 -22.41 4.80 55.89
CA GLY B 260 -23.09 4.89 57.15
C GLY B 260 -24.22 5.89 57.07
N VAL B 261 -23.94 7.06 56.52
CA VAL B 261 -24.96 8.10 56.44
C VAL B 261 -26.05 7.75 55.43
N PHE B 262 -25.65 7.14 54.33
CA PHE B 262 -26.57 6.76 53.26
C PHE B 262 -27.63 5.75 53.74
N LEU B 263 -27.13 4.80 54.54
CA LEU B 263 -27.94 3.75 55.13
C LEU B 263 -28.85 4.34 56.22
N TYR B 264 -28.38 5.37 56.89
CA TYR B 264 -29.23 6.06 57.84
C TYR B 264 -30.38 6.75 57.08
N GLU B 265 -30.14 7.10 55.83
CA GLU B 265 -31.16 7.86 55.13
C GLU B 265 -32.27 6.99 54.57
N MET B 266 -31.89 5.88 53.96
CA MET B 266 -32.90 4.95 53.48
C MET B 266 -33.78 4.44 54.62
N LEU B 267 -33.15 4.12 55.76
CA LEU B 267 -33.91 3.54 56.85
C LEU B 267 -34.75 4.57 57.57
N VAL B 268 -34.11 5.67 58.03
CA VAL B 268 -34.79 6.68 58.87
C VAL B 268 -35.53 7.74 58.04
N GLY B 269 -35.20 7.80 56.75
CA GLY B 269 -35.77 8.78 55.84
C GLY B 269 -35.21 10.19 55.98
N ASP B 270 -34.07 10.30 56.65
CA ASP B 270 -33.49 11.60 56.90
C ASP B 270 -32.00 11.46 57.14
N THR B 271 -31.25 12.54 56.97
CA THR B 271 -29.84 12.44 57.23
C THR B 271 -29.51 12.60 58.74
N PRO B 272 -28.52 11.84 59.22
CA PRO B 272 -28.07 11.80 60.62
C PRO B 272 -27.80 13.19 61.22
N PHE B 273 -27.07 14.00 60.45
CA PHE B 273 -26.60 15.31 60.90
C PHE B 273 -27.33 16.54 60.37
N TYR B 274 -28.43 16.30 59.66
CA TYR B 274 -29.21 17.36 59.00
C TYR B 274 -29.53 18.49 59.99
N ALA B 275 -29.24 19.71 59.56
CA ALA B 275 -29.55 20.86 60.37
C ALA B 275 -30.13 21.91 59.47
N ASP B 276 -30.72 22.92 60.08
CA ASP B 276 -31.24 24.08 59.38
C ASP B 276 -30.17 24.63 58.43
N SER B 277 -29.09 25.11 59.02
CA SER B 277 -27.98 25.70 58.30
C SER B 277 -26.97 24.59 57.97
N LEU B 278 -25.91 24.97 57.25
CA LEU B 278 -24.73 24.11 57.02
C LEU B 278 -23.78 24.11 58.22
N VAL B 279 -23.80 25.18 58.99
CA VAL B 279 -22.93 25.27 60.16
C VAL B 279 -23.49 24.36 61.25
N GLY B 280 -24.81 24.32 61.35
CA GLY B 280 -25.46 23.48 62.33
C GLY B 280 -25.19 22.05 61.97
N THR B 281 -25.05 21.80 60.66
CA THR B 281 -24.66 20.48 60.15
C THR B 281 -23.17 20.10 60.39
N TYR B 282 -22.24 20.99 60.06
CA TYR B 282 -20.83 20.76 60.34
C TYR B 282 -20.58 20.54 61.81
N SER B 283 -21.21 21.34 62.66
CA SER B 283 -21.11 21.16 64.12
C SER B 283 -21.66 19.81 64.64
N LYS B 284 -22.88 19.45 64.22
CA LYS B 284 -23.42 18.14 64.56
C LYS B 284 -22.41 17.04 64.23
N ILE B 285 -21.81 17.12 63.06
CA ILE B 285 -20.92 16.05 62.60
C ILE B 285 -19.67 15.91 63.47
N MET B 286 -19.06 17.01 63.86
CA MET B 286 -17.96 16.89 64.76
C MET B 286 -18.48 16.23 66.05
N ASN B 287 -19.74 16.52 66.36
CA ASN B 287 -20.41 16.08 67.57
C ASN B 287 -21.10 14.72 67.43
N HIS B 288 -20.83 14.01 66.34
CA HIS B 288 -21.58 12.79 66.02
C HIS B 288 -21.84 11.83 67.20
N LYS B 289 -20.85 11.65 68.07
CA LYS B 289 -21.00 10.81 69.25
C LYS B 289 -22.29 11.14 70.01
N ASN B 290 -22.48 12.42 70.33
CA ASN B 290 -23.72 12.88 70.97
C ASN B 290 -24.88 13.13 70.00
N SER B 291 -24.54 13.54 68.78
CA SER B 291 -25.57 14.00 67.83
C SER B 291 -26.26 12.84 67.12
N LEU B 292 -25.53 11.74 66.91
CA LEU B 292 -26.15 10.60 66.25
C LEU B 292 -27.16 9.90 67.17
N THR B 293 -28.42 9.83 66.70
CA THR B 293 -29.54 9.25 67.45
C THR B 293 -30.58 8.62 66.53
N PHE B 294 -31.32 7.64 67.03
CA PHE B 294 -32.53 7.18 66.33
C PHE B 294 -33.76 7.46 67.14
N PRO B 295 -34.90 7.53 66.46
CA PRO B 295 -36.24 7.60 67.09
C PRO B 295 -36.57 6.23 67.70
N ASP B 296 -37.79 5.92 68.14
CA ASP B 296 -38.13 4.46 68.14
C ASP B 296 -39.20 4.15 67.09
N ASP B 297 -38.82 3.70 65.87
CA ASP B 297 -37.54 3.08 65.45
C ASP B 297 -37.57 1.56 65.52
N ASN B 298 -38.73 1.03 65.88
CA ASN B 298 -39.21 -0.20 65.22
C ASN B 298 -39.83 0.11 63.83
N ASP B 299 -39.38 -0.59 62.81
CA ASP B 299 -38.46 -1.71 62.96
C ASP B 299 -37.04 -1.24 63.17
N ILE B 300 -36.39 -0.80 62.10
CA ILE B 300 -34.96 -0.60 62.19
C ILE B 300 -34.28 -1.68 63.05
N SER B 301 -34.04 -2.82 62.42
CA SER B 301 -33.45 -3.96 63.05
C SER B 301 -32.18 -3.61 63.83
N LYS B 302 -32.00 -4.25 64.97
CA LYS B 302 -30.80 -4.03 65.74
C LYS B 302 -29.58 -4.00 64.86
N GLU B 303 -29.43 -4.97 63.97
CA GLU B 303 -28.19 -5.05 63.22
C GLU B 303 -27.94 -3.86 62.26
N ALA B 304 -29.00 -3.21 61.80
CA ALA B 304 -28.80 -2.08 60.90
C ALA B 304 -28.38 -0.84 61.69
N LYS B 305 -29.02 -0.61 62.82
CA LYS B 305 -28.50 0.38 63.75
C LYS B 305 -27.02 0.12 64.08
N ASN B 306 -26.61 -1.14 64.10
CA ASN B 306 -25.22 -1.48 64.41
C ASN B 306 -24.24 -1.19 63.25
N LEU B 307 -24.59 -1.59 62.04
CA LEU B 307 -23.78 -1.24 60.87
C LEU B 307 -23.62 0.27 60.72
N ILE B 308 -24.74 0.98 60.84
CA ILE B 308 -24.74 2.41 60.82
C ILE B 308 -23.73 2.98 61.81
N CYS B 309 -23.85 2.58 63.07
CA CYS B 309 -22.96 3.06 64.12
C CYS B 309 -21.51 2.57 63.97
N ALA B 310 -21.30 1.54 63.15
CA ALA B 310 -19.95 1.03 62.86
C ALA B 310 -19.23 1.96 61.92
N PHE B 311 -19.99 2.44 60.94
CA PHE B 311 -19.55 3.43 59.95
C PHE B 311 -19.43 4.86 60.49
N LEU B 312 -20.40 5.22 61.30
CA LEU B 312 -20.57 6.60 61.74
C LEU B 312 -19.70 6.95 62.99
N THR B 313 -18.66 6.15 63.26
CA THR B 313 -17.72 6.44 64.33
C THR B 313 -16.49 7.21 63.85
N ASP B 314 -15.59 7.51 64.78
CA ASP B 314 -14.31 8.15 64.44
C ASP B 314 -13.43 7.21 63.60
N ARG B 315 -12.44 7.81 62.93
CA ARG B 315 -11.77 7.14 61.83
C ARG B 315 -11.18 5.76 62.11
N GLU B 316 -10.16 5.71 62.96
CA GLU B 316 -9.33 4.51 63.07
C GLU B 316 -9.99 3.37 63.84
N VAL B 317 -11.08 3.66 64.53
CA VAL B 317 -11.94 2.64 65.15
C VAL B 317 -13.07 2.21 64.20
N ARG B 318 -13.21 2.88 63.06
CA ARG B 318 -14.39 2.67 62.19
C ARG B 318 -14.28 1.40 61.35
N LEU B 319 -15.42 0.79 61.02
CA LEU B 319 -15.42 -0.48 60.27
C LEU B 319 -14.76 -0.31 58.90
N GLY B 320 -14.17 -1.36 58.36
CA GLY B 320 -13.67 -1.30 56.98
C GLY B 320 -12.30 -0.68 56.87
N ARG B 321 -11.74 -0.28 58.01
CA ARG B 321 -10.34 0.16 58.08
C ARG B 321 -9.40 -1.03 57.99
N ASN B 322 -9.81 -2.19 58.51
CA ASN B 322 -9.03 -3.42 58.35
C ASN B 322 -9.26 -4.12 57.01
N GLY B 323 -10.49 -4.07 56.53
CA GLY B 323 -10.78 -4.61 55.22
C GLY B 323 -12.25 -4.48 54.91
N VAL B 324 -12.57 -4.53 53.61
CA VAL B 324 -13.95 -4.63 53.17
C VAL B 324 -14.55 -5.94 53.64
N GLU B 325 -13.67 -6.93 53.83
CA GLU B 325 -14.04 -8.24 54.39
C GLU B 325 -14.80 -8.04 55.68
N GLU B 326 -14.22 -7.28 56.61
CA GLU B 326 -14.86 -7.01 57.88
C GLU B 326 -16.29 -6.49 57.66
N ILE B 327 -16.52 -5.85 56.52
CA ILE B 327 -17.82 -5.23 56.22
C ILE B 327 -18.89 -6.25 55.86
N LYS B 328 -18.53 -7.21 55.03
CA LYS B 328 -19.44 -8.26 54.58
C LYS B 328 -19.85 -9.24 55.69
N ARG B 329 -18.92 -9.53 56.60
CA ARG B 329 -19.23 -10.36 57.78
C ARG B 329 -20.37 -9.80 58.60
N HIS B 330 -20.62 -8.50 58.44
CA HIS B 330 -21.63 -7.86 59.26
C HIS B 330 -22.98 -8.52 59.09
N LEU B 331 -23.56 -8.87 60.24
CA LEU B 331 -24.81 -9.60 60.32
C LEU B 331 -25.88 -8.89 59.53
N PHE B 332 -25.71 -7.60 59.31
CA PHE B 332 -26.73 -6.87 58.59
C PHE B 332 -26.89 -7.38 57.13
N PHE B 333 -25.84 -7.97 56.56
CA PHE B 333 -25.95 -8.45 55.17
C PHE B 333 -26.45 -9.89 55.08
N LYS B 334 -26.81 -10.46 56.24
CA LYS B 334 -27.21 -11.88 56.36
C LYS B 334 -28.59 -12.17 55.74
N ASN B 335 -28.59 -13.04 54.73
CA ASN B 335 -29.83 -13.49 54.07
C ASN B 335 -29.60 -14.70 53.18
N ASP B 336 -30.68 -15.25 52.65
CA ASP B 336 -30.63 -16.33 51.66
C ASP B 336 -30.96 -15.84 50.24
N GLN B 337 -31.29 -14.56 50.15
CA GLN B 337 -31.57 -13.95 48.87
C GLN B 337 -30.37 -14.10 47.92
N TRP B 338 -29.31 -13.36 48.17
CA TRP B 338 -28.14 -13.38 47.29
C TRP B 338 -26.88 -13.78 48.03
N ALA B 339 -25.77 -13.72 47.28
CA ALA B 339 -24.45 -13.99 47.78
C ALA B 339 -23.54 -12.84 47.37
N TRP B 340 -22.44 -12.67 48.08
CA TRP B 340 -21.53 -11.56 47.84
C TRP B 340 -20.91 -11.62 46.45
N GLU B 341 -20.57 -12.82 46.00
CA GLU B 341 -19.93 -13.01 44.69
C GLU B 341 -20.95 -13.26 43.58
N THR B 342 -22.22 -13.10 43.90
CA THR B 342 -23.26 -13.43 42.94
C THR B 342 -24.22 -12.29 42.64
N LEU B 343 -24.92 -11.75 43.63
CA LEU B 343 -25.33 -10.33 43.55
C LEU B 343 -25.94 -9.86 42.23
N ARG B 344 -25.11 -9.16 41.45
CA ARG B 344 -25.51 -8.57 40.15
C ARG B 344 -26.14 -9.53 39.17
N ASP B 345 -25.96 -10.84 39.39
CA ASP B 345 -26.71 -11.90 38.70
C ASP B 345 -28.15 -11.91 39.21
N THR B 346 -28.32 -11.64 40.51
CA THR B 346 -29.64 -11.73 41.12
C THR B 346 -30.57 -10.59 40.72
N VAL B 347 -31.86 -10.84 40.88
CA VAL B 347 -32.84 -9.91 40.40
C VAL B 347 -33.04 -8.77 41.40
N ALA B 348 -33.06 -7.54 40.88
CA ALA B 348 -33.04 -6.30 41.67
C ALA B 348 -34.43 -5.82 42.06
N PRO B 349 -34.54 -5.27 43.28
CA PRO B 349 -35.82 -4.86 43.86
C PRO B 349 -36.62 -4.01 42.89
N VAL B 350 -35.98 -3.01 42.28
CA VAL B 350 -36.67 -2.13 41.33
C VAL B 350 -36.15 -2.23 39.89
N VAL B 351 -36.98 -2.75 39.00
CA VAL B 351 -36.62 -2.77 37.58
C VAL B 351 -37.46 -1.74 36.75
N PRO B 352 -36.79 -0.68 36.27
CA PRO B 352 -37.50 0.49 35.73
C PRO B 352 -38.33 0.16 34.49
N ASP B 353 -39.54 0.73 34.43
CA ASP B 353 -40.47 0.46 33.34
C ASP B 353 -40.08 1.24 32.09
N LEU B 354 -39.78 0.52 31.02
CA LEU B 354 -38.97 1.03 29.91
C LEU B 354 -39.44 2.35 29.27
N SER B 355 -40.52 2.27 28.53
CA SER B 355 -40.78 3.21 27.44
C SER B 355 -39.58 3.24 26.49
N SER B 356 -39.18 4.43 26.05
CA SER B 356 -38.13 4.55 25.05
C SER B 356 -36.74 4.69 25.67
N ASP B 357 -35.74 4.82 24.80
CA ASP B 357 -34.36 5.05 25.22
C ASP B 357 -34.26 6.36 26.01
N ILE B 358 -35.13 7.30 25.67
CA ILE B 358 -35.13 8.64 26.29
C ILE B 358 -35.64 8.66 27.74
N ASP B 359 -36.34 7.62 28.16
CA ASP B 359 -37.40 7.80 29.13
C ASP B 359 -36.89 8.66 30.31
N THR B 360 -37.53 9.81 30.47
CA THR B 360 -37.01 10.94 31.25
C THR B 360 -37.54 10.98 32.69
N SER B 361 -38.52 10.13 32.97
CA SER B 361 -39.28 10.23 34.22
C SER B 361 -38.43 9.96 35.46
N ASN B 362 -37.33 9.24 35.26
CA ASN B 362 -36.38 8.96 36.33
C ASN B 362 -35.46 10.17 36.52
N PHE B 363 -35.70 11.21 35.70
CA PHE B 363 -34.90 12.44 35.70
C PHE B 363 -35.76 13.74 35.68
N ASP B 364 -35.19 14.82 36.19
CA ASP B 364 -35.89 16.10 36.30
C ASP B 364 -35.72 17.01 35.09
N ASP B 365 -36.33 18.17 35.16
CA ASP B 365 -36.13 19.21 34.16
C ASP B 365 -35.50 20.38 34.88
N LEU B 366 -34.58 21.09 34.24
CA LEU B 366 -33.95 22.20 34.95
C LEU B 366 -34.06 23.56 34.27
N GLU B 367 -33.33 24.54 34.78
CA GLU B 367 -33.41 25.94 34.34
C GLU B 367 -33.06 26.22 32.87
N GLU B 368 -31.90 25.73 32.39
CA GLU B 368 -31.46 25.96 31.00
C GLU B 368 -31.42 27.44 30.62
N ASP B 369 -30.51 28.17 31.25
CA ASP B 369 -30.60 29.62 31.24
C ASP B 369 -29.21 30.24 31.17
N LYS B 370 -29.25 31.57 31.16
CA LYS B 370 -28.24 32.49 31.68
C LYS B 370 -26.79 32.53 31.15
N GLY B 371 -25.87 32.70 32.10
CA GLY B 371 -24.76 33.63 31.93
C GLY B 371 -23.47 33.35 31.21
N GLU B 372 -23.17 32.08 30.93
CA GLU B 372 -21.83 31.73 30.49
C GLU B 372 -20.89 32.32 31.53
N GLU B 373 -20.88 31.72 32.72
CA GLU B 373 -20.21 32.35 33.86
C GLU B 373 -18.70 32.41 33.64
N GLU B 374 -17.99 33.00 34.59
CA GLU B 374 -16.64 33.48 34.34
C GLU B 374 -15.66 32.42 33.83
N THR B 375 -14.69 32.86 33.03
CA THR B 375 -13.48 32.09 32.77
C THR B 375 -12.20 32.94 32.71
N PHE B 376 -11.23 32.61 33.55
CA PHE B 376 -9.84 32.92 33.23
C PHE B 376 -9.73 34.30 32.59
N PRO B 377 -9.79 35.35 33.40
CA PRO B 377 -9.82 36.72 32.86
C PRO B 377 -8.72 36.94 31.83
N ILE B 378 -9.01 37.80 30.85
CA ILE B 378 -8.15 37.98 29.69
C ILE B 378 -6.78 38.54 30.03
N PRO B 379 -5.75 37.72 29.81
CA PRO B 379 -4.34 38.03 30.12
C PRO B 379 -3.75 39.18 29.27
N LYS B 380 -2.87 39.96 29.90
CA LYS B 380 -2.00 40.93 29.21
C LYS B 380 -0.64 40.28 28.92
N ALA B 381 -0.44 39.08 29.45
CA ALA B 381 0.70 38.24 29.09
C ALA B 381 0.30 36.75 29.17
N PHE B 382 1.23 35.85 28.87
CA PHE B 382 0.88 34.45 28.66
C PHE B 382 0.88 33.67 29.97
N VAL B 383 -0.32 33.25 30.41
CA VAL B 383 -0.50 32.54 31.68
C VAL B 383 -0.63 31.03 31.55
N GLY B 384 -0.68 30.53 30.31
CA GLY B 384 -0.86 29.12 30.01
C GLY B 384 -1.99 28.38 30.74
N ASN B 385 -3.16 29.00 30.81
CA ASN B 385 -4.25 28.50 31.66
C ASN B 385 -4.83 27.18 31.21
N GLN B 386 -4.71 26.90 29.90
CA GLN B 386 -5.24 25.69 29.25
C GLN B 386 -4.24 24.55 29.37
N LEU B 387 -3.03 24.88 29.78
CA LEU B 387 -1.98 23.87 29.86
C LEU B 387 -2.42 22.69 30.71
N PRO B 388 -2.89 22.96 31.95
CA PRO B 388 -3.02 21.87 32.94
C PRO B 388 -3.99 20.77 32.49
N PHE B 389 -4.80 21.02 31.45
CA PHE B 389 -5.76 20.04 30.92
C PHE B 389 -5.32 19.27 29.67
N VAL B 390 -4.09 19.51 29.25
CA VAL B 390 -3.56 18.82 28.08
C VAL B 390 -3.55 17.30 28.22
N GLY B 391 -4.13 16.64 27.23
CA GLY B 391 -4.09 15.17 27.16
C GLY B 391 -5.32 14.58 27.80
N PHE B 392 -6.24 15.46 28.16
CA PHE B 392 -7.48 15.08 28.80
C PHE B 392 -8.51 14.53 27.80
N THR B 393 -8.37 14.85 26.52
CA THR B 393 -9.20 14.22 25.51
C THR B 393 -8.95 12.71 25.46
N TYR B 394 -10.02 11.89 25.43
CA TYR B 394 -9.95 10.40 25.51
C TYR B 394 -11.02 9.68 24.66
N TYR B 395 -10.66 8.57 24.00
CA TYR B 395 -11.59 7.83 23.11
C TYR B 395 -11.85 6.37 23.47
N SER B 396 -12.97 5.88 22.96
CA SER B 396 -13.45 4.50 23.12
C SER B 396 -12.55 3.35 22.59
N ASN B 397 -11.59 3.66 21.74
CA ASN B 397 -10.86 2.64 20.97
C ASN B 397 -11.71 2.10 19.81
N PHE C 2 -12.83 -40.85 -22.01
CA PHE C 2 -13.08 -40.44 -23.39
C PHE C 2 -12.11 -39.35 -23.82
N GLU C 3 -11.59 -38.63 -22.82
CA GLU C 3 -10.48 -37.70 -23.01
C GLU C 3 -9.52 -37.62 -21.80
N THR C 4 -8.23 -37.80 -22.04
CA THR C 4 -7.24 -37.74 -20.96
C THR C 4 -7.21 -36.34 -20.36
N ARG C 5 -6.67 -36.23 -19.15
CA ARG C 5 -6.36 -34.91 -18.60
C ARG C 5 -5.25 -34.26 -19.42
N PHE C 6 -4.33 -35.09 -19.92
CA PHE C 6 -3.20 -34.60 -20.68
C PHE C 6 -3.68 -34.05 -22.01
N GLU C 7 -4.69 -34.67 -22.61
CA GLU C 7 -5.17 -34.18 -23.90
C GLU C 7 -5.99 -32.89 -23.75
N LYS C 8 -6.84 -32.80 -22.71
CA LYS C 8 -7.65 -31.60 -22.46
C LYS C 8 -6.76 -30.39 -22.29
N MET C 9 -5.61 -30.64 -21.70
CA MET C 9 -4.56 -29.66 -21.46
C MET C 9 -3.91 -29.25 -22.76
N ASP C 10 -3.86 -30.16 -23.71
CA ASP C 10 -3.26 -29.80 -24.96
C ASP C 10 -4.23 -28.99 -25.77
N ASN C 11 -5.49 -29.40 -25.75
CA ASN C 11 -6.52 -28.62 -26.38
C ASN C 11 -6.55 -27.20 -25.78
N LEU C 12 -6.58 -27.12 -24.45
CA LEU C 12 -6.63 -25.81 -23.78
C LEU C 12 -5.48 -24.87 -24.23
N LEU C 13 -4.31 -25.43 -24.50
CA LEU C 13 -3.17 -24.66 -25.02
C LEU C 13 -3.32 -24.32 -26.49
N ARG C 14 -3.99 -25.19 -27.24
CA ARG C 14 -4.09 -25.02 -28.67
C ARG C 14 -5.34 -24.23 -29.12
N ASP C 15 -6.27 -24.00 -28.19
CA ASP C 15 -7.56 -23.40 -28.51
C ASP C 15 -7.54 -21.88 -28.47
N PRO C 16 -7.86 -21.23 -29.62
CA PRO C 16 -7.88 -19.74 -29.65
C PRO C 16 -8.94 -19.15 -28.72
N LYS C 17 -10.02 -19.87 -28.44
CA LYS C 17 -11.09 -19.42 -27.52
C LYS C 17 -10.80 -19.69 -26.04
N SER C 18 -9.63 -20.26 -25.74
CA SER C 18 -9.18 -20.53 -24.37
C SER C 18 -8.56 -19.28 -23.76
N GLU C 19 -8.73 -19.13 -22.45
CA GLU C 19 -8.01 -18.09 -21.74
C GLU C 19 -6.58 -18.49 -21.41
N VAL C 20 -6.33 -19.80 -21.39
CA VAL C 20 -4.99 -20.37 -21.10
C VAL C 20 -4.14 -20.73 -22.32
N ASN C 21 -4.53 -20.33 -23.53
CA ASN C 21 -3.81 -20.85 -24.68
C ASN C 21 -2.44 -20.21 -24.65
N SER C 22 -1.53 -20.66 -25.52
CA SER C 22 -0.13 -20.25 -25.44
C SER C 22 0.13 -18.74 -25.56
N ASP C 23 -0.78 -18.00 -26.25
CA ASP C 23 -0.65 -16.55 -26.41
C ASP C 23 -1.08 -15.75 -25.19
N CYS C 24 -2.24 -16.10 -24.65
CA CYS C 24 -2.66 -15.56 -23.38
C CYS C 24 -1.57 -15.85 -22.37
N LEU C 25 -1.19 -17.11 -22.27
CA LEU C 25 -0.17 -17.55 -21.32
C LEU C 25 1.04 -16.61 -21.31
N LEU C 26 1.48 -16.20 -22.51
CA LEU C 26 2.53 -15.20 -22.67
C LEU C 26 2.17 -13.82 -22.16
N ASP C 27 0.97 -13.34 -22.49
CA ASP C 27 0.46 -12.08 -21.92
C ASP C 27 0.70 -12.08 -20.41
N GLY C 28 0.53 -13.24 -19.78
CA GLY C 28 0.73 -13.27 -18.34
C GLY C 28 2.18 -12.96 -18.04
N LEU C 29 3.10 -13.73 -18.62
CA LEU C 29 4.50 -13.51 -18.36
C LEU C 29 4.88 -12.04 -18.65
N ASP C 30 4.36 -11.51 -19.74
CA ASP C 30 4.68 -10.13 -20.13
C ASP C 30 4.17 -9.13 -19.09
N ALA C 31 2.91 -9.29 -18.64
CA ALA C 31 2.28 -8.36 -17.71
C ALA C 31 3.03 -8.33 -16.39
N LEU C 32 3.17 -9.50 -15.81
CA LEU C 32 3.95 -9.69 -14.60
C LEU C 32 5.30 -8.93 -14.70
N VAL C 33 6.00 -9.09 -15.81
CA VAL C 33 7.29 -8.43 -16.00
C VAL C 33 7.21 -6.91 -16.14
N TYR C 34 6.18 -6.41 -16.79
CA TYR C 34 6.00 -4.97 -16.91
C TYR C 34 5.70 -4.43 -15.52
N ASP C 35 4.98 -5.21 -14.72
CA ASP C 35 4.54 -4.78 -13.39
C ASP C 35 5.56 -4.83 -12.25
N LEU C 36 6.59 -5.66 -12.41
CA LEU C 36 7.65 -5.81 -11.40
C LEU C 36 9.02 -5.09 -11.66
N ASP C 37 9.18 -4.43 -12.80
CA ASP C 37 10.52 -4.06 -13.27
C ASP C 37 11.09 -2.75 -12.73
N PHE C 38 10.31 -2.04 -11.92
CA PHE C 38 10.77 -0.82 -11.27
C PHE C 38 11.70 -1.12 -10.11
N PRO C 39 12.84 -0.42 -10.05
CA PRO C 39 13.90 -0.76 -9.10
C PRO C 39 13.40 -0.75 -7.66
N ALA C 40 12.27 -0.07 -7.44
CA ALA C 40 11.61 -0.13 -6.13
C ALA C 40 11.45 -1.57 -5.64
N LEU C 41 10.55 -2.31 -6.28
CA LEU C 41 10.19 -3.65 -5.81
C LEU C 41 11.19 -4.74 -6.17
N ARG C 42 12.17 -4.43 -7.02
CA ARG C 42 13.28 -5.34 -7.28
C ARG C 42 14.14 -5.51 -6.03
N LYS C 43 13.89 -4.70 -5.00
CA LYS C 43 14.63 -4.81 -3.74
C LYS C 43 14.27 -6.12 -3.07
N ASN C 44 13.14 -6.66 -3.51
CA ASN C 44 12.73 -8.03 -3.20
C ASN C 44 13.54 -9.00 -4.07
N LYS C 45 14.24 -9.93 -3.45
CA LYS C 45 15.20 -10.79 -4.15
C LYS C 45 14.46 -11.78 -5.07
N ASN C 46 13.35 -12.31 -4.56
CA ASN C 46 12.49 -13.20 -5.33
C ASN C 46 12.14 -12.61 -6.66
N ILE C 47 11.73 -11.34 -6.64
CA ILE C 47 11.36 -10.62 -7.85
C ILE C 47 12.57 -10.33 -8.75
N ASP C 48 13.59 -9.67 -8.20
CA ASP C 48 14.75 -9.25 -8.99
C ASP C 48 15.54 -10.43 -9.55
N ASN C 49 15.47 -11.56 -8.86
CA ASN C 49 16.03 -12.79 -9.38
C ASN C 49 15.24 -13.18 -10.62
N PHE C 50 13.93 -13.17 -10.46
CA PHE C 50 13.01 -13.55 -11.50
C PHE C 50 13.25 -12.78 -12.83
N LEU C 51 13.25 -11.44 -12.78
CA LEU C 51 13.38 -10.59 -13.98
C LEU C 51 14.74 -10.73 -14.62
N SER C 52 15.77 -10.61 -13.81
CA SER C 52 17.11 -10.79 -14.31
C SER C 52 17.15 -12.13 -15.07
N ARG C 53 16.28 -13.07 -14.68
CA ARG C 53 16.17 -14.35 -15.42
C ARG C 53 15.42 -14.28 -16.75
N TYR C 54 14.19 -13.77 -16.74
CA TYR C 54 13.35 -13.72 -17.95
C TYR C 54 13.59 -12.55 -18.88
N LYS C 55 14.20 -11.49 -18.36
CA LYS C 55 14.27 -10.22 -19.09
C LYS C 55 14.65 -10.33 -20.58
N ASP C 56 15.90 -10.66 -20.90
CA ASP C 56 16.27 -10.66 -22.32
C ASP C 56 15.31 -11.52 -23.15
N THR C 57 14.84 -12.63 -22.56
CA THR C 57 13.89 -13.51 -23.25
C THR C 57 12.70 -12.69 -23.68
N ILE C 58 11.89 -12.28 -22.72
CA ILE C 58 10.68 -11.54 -23.04
C ILE C 58 10.97 -10.35 -23.93
N ASN C 59 12.21 -9.88 -23.90
CA ASN C 59 12.62 -8.79 -24.79
C ASN C 59 12.69 -9.17 -26.26
N LYS C 60 13.43 -10.22 -26.56
CA LYS C 60 13.36 -10.73 -27.92
C LYS C 60 11.98 -11.36 -28.20
N ILE C 61 11.17 -11.59 -27.17
CA ILE C 61 9.84 -12.17 -27.38
C ILE C 61 8.82 -11.14 -27.85
N ARG C 62 8.92 -9.94 -27.34
CA ARG C 62 8.03 -8.88 -27.78
C ARG C 62 8.43 -8.43 -29.19
N ASP C 63 9.70 -8.70 -29.55
CA ASP C 63 10.22 -8.27 -30.83
C ASP C 63 9.83 -9.27 -31.91
N LEU C 64 9.56 -10.49 -31.49
CA LEU C 64 9.10 -11.54 -32.40
C LEU C 64 7.58 -11.63 -32.50
N ARG C 65 6.86 -10.80 -31.75
CA ARG C 65 5.42 -10.84 -31.80
C ARG C 65 4.87 -9.56 -32.43
N MET C 66 3.55 -9.50 -32.59
CA MET C 66 2.91 -8.41 -33.31
C MET C 66 3.00 -7.10 -32.54
N LYS C 67 3.38 -6.05 -33.26
CA LYS C 67 3.67 -4.74 -32.69
C LYS C 67 2.82 -3.73 -33.41
N ALA C 68 2.59 -2.59 -32.75
CA ALA C 68 2.04 -1.44 -33.45
C ALA C 68 2.96 -1.11 -34.61
N GLU C 69 4.26 -1.42 -34.45
CA GLU C 69 5.34 -1.00 -35.36
C GLU C 69 5.54 -1.88 -36.60
N ASP C 70 4.69 -2.87 -36.76
CA ASP C 70 4.64 -3.60 -38.02
C ASP C 70 3.67 -2.87 -38.89
N TYR C 71 3.13 -1.78 -38.38
CA TYR C 71 2.11 -1.02 -39.08
C TYR C 71 2.46 0.43 -39.12
N GLU C 72 2.27 1.07 -40.28
CA GLU C 72 2.13 2.52 -40.28
C GLU C 72 0.64 2.93 -40.37
N VAL C 73 0.38 4.23 -40.27
CA VAL C 73 -0.98 4.71 -40.22
C VAL C 73 -1.28 5.41 -41.55
N VAL C 74 -2.51 5.31 -42.01
CA VAL C 74 -2.89 5.99 -43.23
C VAL C 74 -3.78 7.21 -42.94
N LYS C 75 -4.97 6.96 -42.41
CA LYS C 75 -5.83 8.02 -41.90
C LYS C 75 -6.32 7.63 -40.50
N VAL C 76 -6.81 8.60 -39.75
CA VAL C 76 -7.54 8.34 -38.53
C VAL C 76 -9.03 8.46 -38.90
N ILE C 77 -9.77 7.35 -38.90
CA ILE C 77 -11.19 7.33 -39.31
C ILE C 77 -12.23 7.67 -38.21
N GLY C 78 -11.79 7.89 -36.97
CA GLY C 78 -12.75 8.13 -35.90
C GLY C 78 -12.12 8.23 -34.53
N ARG C 79 -12.87 8.80 -33.58
CA ARG C 79 -12.42 8.94 -32.20
C ARG C 79 -13.50 8.47 -31.20
N GLY C 80 -13.14 7.58 -30.27
CA GLY C 80 -13.97 7.25 -29.12
C GLY C 80 -13.41 7.75 -27.79
N ALA C 81 -12.23 8.39 -27.86
CA ALA C 81 -11.55 9.02 -26.72
C ALA C 81 -11.08 8.05 -25.63
N PHE C 82 -11.47 6.79 -25.76
CA PHE C 82 -10.73 5.70 -25.12
C PHE C 82 -9.51 5.40 -26.00
N GLY C 83 -9.64 5.72 -27.29
CA GLY C 83 -8.54 5.75 -28.22
C GLY C 83 -9.04 5.81 -29.66
N GLU C 84 -8.12 6.15 -30.57
CA GLU C 84 -8.45 6.35 -31.98
C GLU C 84 -8.82 5.06 -32.67
N VAL C 85 -9.49 5.16 -33.81
CA VAL C 85 -9.49 4.06 -34.76
C VAL C 85 -8.77 4.47 -36.05
N GLN C 86 -7.57 3.92 -36.25
CA GLN C 86 -6.78 4.29 -37.41
C GLN C 86 -6.88 3.31 -38.57
N LEU C 87 -6.94 3.82 -39.79
CA LEU C 87 -6.77 2.99 -40.97
C LEU C 87 -5.29 2.79 -41.11
N VAL C 88 -4.85 1.54 -41.06
CA VAL C 88 -3.41 1.24 -40.96
C VAL C 88 -2.91 0.38 -42.13
N ARG C 89 -1.60 0.36 -42.31
CA ARG C 89 -0.95 -0.46 -43.34
C ARG C 89 0.18 -1.27 -42.71
N HIS C 90 0.11 -2.59 -42.83
CA HIS C 90 1.18 -3.46 -42.36
C HIS C 90 2.33 -3.47 -43.39
N LYS C 91 3.50 -3.01 -42.99
CA LYS C 91 4.52 -2.63 -43.95
C LYS C 91 5.19 -3.78 -44.72
N SER C 92 5.09 -4.98 -44.20
CA SER C 92 5.69 -6.11 -44.86
C SER C 92 4.83 -6.64 -46.02
N THR C 93 3.53 -6.70 -45.80
CA THR C 93 2.60 -7.13 -46.84
C THR C 93 1.88 -5.96 -47.53
N ARG C 94 2.14 -4.74 -47.05
CA ARG C 94 1.40 -3.55 -47.49
C ARG C 94 -0.12 -3.74 -47.53
N LYS C 95 -0.58 -4.63 -46.64
CA LYS C 95 -2.00 -4.95 -46.43
C LYS C 95 -2.64 -3.83 -45.63
N VAL C 96 -3.90 -3.54 -45.98
CA VAL C 96 -4.71 -2.44 -45.45
C VAL C 96 -5.72 -2.97 -44.41
N TYR C 97 -5.89 -2.19 -43.33
CA TYR C 97 -6.65 -2.66 -42.19
C TYR C 97 -7.26 -1.52 -41.40
N ALA C 98 -8.23 -1.86 -40.59
CA ALA C 98 -8.76 -0.90 -39.64
C ALA C 98 -8.24 -1.30 -38.28
N MET C 99 -7.65 -0.35 -37.57
CA MET C 99 -7.09 -0.61 -36.25
C MET C 99 -7.87 0.13 -35.18
N LYS C 100 -8.48 -0.64 -34.26
CA LYS C 100 -9.02 -0.06 -33.03
C LYS C 100 -7.95 0.03 -31.96
N LEU C 101 -7.77 1.22 -31.40
CA LEU C 101 -6.80 1.41 -30.33
C LEU C 101 -7.42 1.84 -29.03
N LEU C 102 -7.25 1.05 -27.99
CA LEU C 102 -7.68 1.47 -26.65
C LEU C 102 -6.48 1.70 -25.72
N SER C 103 -6.43 2.90 -25.14
CA SER C 103 -5.47 3.23 -24.10
C SER C 103 -5.83 2.46 -22.84
N LYS C 104 -4.80 1.88 -22.23
CA LYS C 104 -4.98 1.20 -20.97
C LYS C 104 -5.10 2.23 -19.83
N PHE C 105 -4.22 3.24 -19.84
CA PHE C 105 -4.24 4.30 -18.84
C PHE C 105 -5.61 4.98 -18.64
N GLU C 106 -6.40 5.09 -19.71
CA GLU C 106 -7.73 5.66 -19.58
C GLU C 106 -8.77 4.69 -18.99
N MET C 107 -8.74 3.44 -19.44
CA MET C 107 -9.61 2.41 -18.89
C MET C 107 -9.35 2.19 -17.42
N ILE C 108 -8.06 2.15 -17.03
CA ILE C 108 -7.66 2.01 -15.62
C ILE C 108 -8.28 3.14 -14.82
N LYS C 109 -8.57 4.24 -15.51
CA LYS C 109 -9.19 5.43 -14.91
C LYS C 109 -10.71 5.32 -14.81
N ARG C 110 -11.40 5.37 -15.95
CA ARG C 110 -12.86 5.38 -15.93
C ARG C 110 -13.36 4.09 -15.29
N SER C 111 -12.45 3.14 -15.16
CA SER C 111 -12.70 1.91 -14.44
C SER C 111 -13.74 1.06 -15.15
N ASP C 112 -13.68 1.06 -16.48
CA ASP C 112 -14.13 -0.12 -17.17
C ASP C 112 -13.00 -0.73 -17.99
N SER C 113 -12.50 -1.87 -17.51
CA SER C 113 -11.61 -2.74 -18.29
C SER C 113 -12.28 -4.01 -18.86
N ALA C 114 -13.59 -4.21 -18.64
CA ALA C 114 -14.23 -5.44 -19.08
C ALA C 114 -15.02 -5.37 -20.42
N PHE C 115 -15.08 -4.20 -21.04
CA PHE C 115 -15.97 -3.98 -22.19
C PHE C 115 -15.38 -4.34 -23.56
N PHE C 116 -14.08 -4.60 -23.58
CA PHE C 116 -13.42 -4.90 -24.83
C PHE C 116 -13.32 -6.41 -25.07
N TRP C 117 -13.74 -7.20 -24.09
CA TRP C 117 -13.62 -8.63 -24.22
C TRP C 117 -14.64 -9.16 -25.19
N GLU C 118 -15.87 -8.65 -25.11
CA GLU C 118 -16.94 -9.11 -26.00
C GLU C 118 -16.78 -8.54 -27.39
N GLU C 119 -16.24 -7.33 -27.48
CA GLU C 119 -15.86 -6.80 -28.77
C GLU C 119 -14.92 -7.80 -29.45
N ARG C 120 -13.81 -8.07 -28.77
CA ARG C 120 -12.84 -9.07 -29.20
C ARG C 120 -13.53 -10.36 -29.63
N ASP C 121 -14.09 -11.06 -28.65
CA ASP C 121 -14.67 -12.36 -28.93
C ASP C 121 -15.62 -12.28 -30.13
N ILE C 122 -16.59 -11.36 -30.10
CA ILE C 122 -17.53 -11.25 -31.21
C ILE C 122 -16.85 -11.28 -32.58
N MET C 123 -16.12 -10.20 -32.92
CA MET C 123 -15.47 -10.05 -34.23
C MET C 123 -14.48 -11.19 -34.56
N ALA C 124 -13.87 -11.71 -33.50
CA ALA C 124 -12.88 -12.73 -33.64
C ALA C 124 -13.55 -14.06 -33.97
N PHE C 125 -14.53 -14.46 -33.15
CA PHE C 125 -15.07 -15.81 -33.22
C PHE C 125 -16.40 -15.93 -33.94
N ALA C 126 -16.92 -14.80 -34.40
CA ALA C 126 -18.23 -14.82 -35.05
C ALA C 126 -18.15 -15.62 -36.35
N ASN C 127 -17.21 -15.25 -37.21
CA ASN C 127 -17.11 -15.89 -38.50
C ASN C 127 -18.49 -15.78 -39.15
N SER C 128 -18.85 -14.54 -39.47
CA SER C 128 -20.09 -14.27 -40.20
C SER C 128 -19.88 -13.30 -41.34
N PRO C 129 -20.56 -13.58 -42.45
CA PRO C 129 -20.64 -12.63 -43.56
C PRO C 129 -21.09 -11.27 -43.02
N TRP C 130 -21.97 -11.29 -42.01
CA TRP C 130 -22.58 -10.07 -41.47
C TRP C 130 -21.77 -9.38 -40.39
N VAL C 131 -20.63 -9.95 -40.06
CA VAL C 131 -19.84 -9.38 -39.00
C VAL C 131 -18.40 -9.18 -39.46
N VAL C 132 -17.88 -7.99 -39.15
CA VAL C 132 -16.48 -7.66 -39.36
C VAL C 132 -15.58 -8.63 -38.59
N GLN C 133 -14.60 -9.17 -39.31
CA GLN C 133 -13.66 -10.16 -38.79
C GLN C 133 -12.47 -9.45 -38.12
N LEU C 134 -12.12 -9.93 -36.93
CA LEU C 134 -10.94 -9.44 -36.22
C LEU C 134 -9.78 -10.41 -36.43
N PHE C 135 -8.78 -9.95 -37.19
CA PHE C 135 -7.65 -10.77 -37.58
C PHE C 135 -6.66 -10.88 -36.45
N TYR C 136 -6.38 -9.76 -35.81
CA TYR C 136 -5.37 -9.78 -34.78
C TYR C 136 -5.76 -8.89 -33.59
N ALA C 137 -5.40 -9.35 -32.39
CA ALA C 137 -5.43 -8.52 -31.19
C ALA C 137 -4.14 -8.72 -30.41
N PHE C 138 -3.41 -7.62 -30.18
CA PHE C 138 -2.19 -7.67 -29.38
C PHE C 138 -2.12 -6.45 -28.45
N GLN C 139 -0.99 -6.28 -27.78
CA GLN C 139 -0.85 -5.18 -26.83
C GLN C 139 0.60 -4.86 -26.56
N ASP C 140 0.85 -3.63 -26.09
CA ASP C 140 2.04 -3.34 -25.28
C ASP C 140 1.58 -2.71 -23.96
N ASP C 141 2.50 -2.36 -23.07
CA ASP C 141 2.06 -1.70 -21.84
C ASP C 141 1.05 -0.57 -22.13
N ARG C 142 1.48 0.47 -22.82
CA ARG C 142 0.61 1.61 -23.11
C ARG C 142 -0.75 1.25 -23.74
N TYR C 143 -0.77 0.35 -24.72
CA TYR C 143 -1.92 0.22 -25.60
C TYR C 143 -2.42 -1.21 -25.93
N LEU C 144 -3.75 -1.35 -26.02
CA LEU C 144 -4.36 -2.50 -26.66
C LEU C 144 -4.62 -2.20 -28.14
N TYR C 145 -4.37 -3.17 -29.02
CA TYR C 145 -4.61 -2.96 -30.48
C TYR C 145 -5.52 -4.02 -31.09
N MET C 146 -6.70 -3.63 -31.57
CA MET C 146 -7.56 -4.56 -32.32
C MET C 146 -7.47 -4.37 -33.84
N VAL C 147 -7.05 -5.42 -34.55
CA VAL C 147 -6.89 -5.32 -35.99
C VAL C 147 -8.00 -6.03 -36.76
N MET C 148 -8.82 -5.25 -37.46
CA MET C 148 -10.05 -5.72 -38.06
C MET C 148 -10.06 -5.56 -39.58
N GLU C 149 -10.96 -6.29 -40.23
CA GLU C 149 -11.01 -6.31 -41.69
C GLU C 149 -11.42 -4.96 -42.24
N TYR C 150 -10.97 -4.68 -43.45
CA TYR C 150 -11.19 -3.37 -44.04
C TYR C 150 -12.45 -3.29 -44.91
N MET C 151 -13.45 -2.51 -44.45
CA MET C 151 -14.57 -2.13 -45.32
C MET C 151 -14.32 -0.72 -45.82
N PRO C 152 -13.99 -0.59 -47.12
CA PRO C 152 -14.03 0.69 -47.81
C PRO C 152 -15.36 0.96 -48.48
N GLY C 153 -16.47 0.71 -47.77
CA GLY C 153 -17.79 1.08 -48.24
C GLY C 153 -18.24 2.26 -47.41
N GLY C 154 -17.38 2.68 -46.48
CA GLY C 154 -17.78 3.56 -45.41
C GLY C 154 -18.85 2.88 -44.59
N ASP C 155 -19.62 3.70 -43.89
CA ASP C 155 -20.73 3.18 -43.09
C ASP C 155 -22.08 3.70 -43.55
N LEU C 156 -23.14 3.36 -42.82
CA LEU C 156 -24.48 3.81 -43.16
C LEU C 156 -24.65 5.28 -42.81
N VAL C 157 -23.74 5.81 -42.00
CA VAL C 157 -23.77 7.22 -41.63
C VAL C 157 -23.51 8.13 -42.84
N ASN C 158 -22.38 7.95 -43.53
CA ASN C 158 -22.08 8.80 -44.69
C ASN C 158 -22.77 8.26 -45.93
N LEU C 159 -23.52 7.17 -45.77
CA LEU C 159 -24.50 6.82 -46.78
C LEU C 159 -25.70 7.76 -46.61
N MET C 160 -26.40 7.62 -45.48
CA MET C 160 -27.69 8.26 -45.28
C MET C 160 -27.71 9.75 -45.57
N SER C 161 -26.59 10.44 -45.39
CA SER C 161 -26.60 11.87 -45.60
C SER C 161 -26.24 12.22 -47.06
N ASN C 162 -25.74 11.24 -47.81
CA ASN C 162 -25.46 11.42 -49.23
C ASN C 162 -26.63 10.88 -50.05
N TYR C 163 -27.70 10.45 -49.39
CA TYR C 163 -28.86 9.86 -50.09
C TYR C 163 -30.20 10.05 -49.37
N ASP C 164 -31.25 10.29 -50.15
CA ASP C 164 -32.60 10.20 -49.64
C ASP C 164 -33.08 8.80 -49.91
N VAL C 165 -33.28 8.05 -48.83
CA VAL C 165 -33.39 6.60 -48.92
C VAL C 165 -34.79 6.12 -49.31
N PRO C 166 -34.89 5.37 -50.44
CA PRO C 166 -36.17 4.76 -50.79
C PRO C 166 -36.44 3.59 -49.85
N GLU C 167 -37.70 3.20 -49.70
CA GLU C 167 -38.06 1.99 -48.97
C GLU C 167 -37.18 0.85 -49.47
N LYS C 168 -37.05 0.77 -50.79
CA LYS C 168 -36.37 -0.34 -51.44
C LYS C 168 -35.00 -0.58 -50.82
N TRP C 169 -34.19 0.47 -50.75
CA TRP C 169 -32.87 0.41 -50.13
C TRP C 169 -32.95 0.13 -48.62
N ALA C 170 -33.87 0.84 -47.95
CA ALA C 170 -34.04 0.73 -46.50
C ALA C 170 -34.44 -0.67 -46.10
N ARG C 171 -35.36 -1.27 -46.83
CA ARG C 171 -35.74 -2.64 -46.56
C ARG C 171 -34.50 -3.56 -46.65
N PHE C 172 -33.58 -3.18 -47.54
CA PHE C 172 -32.39 -4.01 -47.81
C PHE C 172 -31.35 -3.95 -46.69
N TYR C 173 -31.11 -2.76 -46.16
CA TYR C 173 -30.15 -2.61 -45.06
C TYR C 173 -30.71 -3.13 -43.74
N THR C 174 -31.96 -2.78 -43.44
CA THR C 174 -32.65 -3.35 -42.30
C THR C 174 -32.52 -4.88 -42.27
N ALA C 175 -32.68 -5.52 -43.42
CA ALA C 175 -32.69 -6.99 -43.44
C ALA C 175 -31.28 -7.56 -43.27
N GLU C 176 -30.29 -6.79 -43.72
CA GLU C 176 -28.90 -7.17 -43.46
C GLU C 176 -28.52 -6.96 -41.99
N VAL C 177 -29.02 -5.89 -41.38
CA VAL C 177 -28.80 -5.64 -39.95
C VAL C 177 -29.37 -6.77 -39.11
N VAL C 178 -30.42 -7.40 -39.61
CA VAL C 178 -31.12 -8.39 -38.83
C VAL C 178 -30.43 -9.75 -38.87
N LEU C 179 -29.77 -10.05 -39.98
CA LEU C 179 -29.04 -11.32 -40.10
C LEU C 179 -27.71 -11.25 -39.37
N ALA C 180 -27.17 -10.04 -39.26
CA ALA C 180 -26.01 -9.78 -38.45
C ALA C 180 -26.36 -10.01 -36.98
N LEU C 181 -27.47 -9.42 -36.56
CA LEU C 181 -27.86 -9.44 -35.15
C LEU C 181 -28.12 -10.88 -34.74
N ASP C 182 -28.98 -11.55 -35.50
CA ASP C 182 -29.33 -12.93 -35.22
C ASP C 182 -28.06 -13.80 -35.18
N ALA C 183 -27.13 -13.58 -36.10
CA ALA C 183 -25.85 -14.30 -36.07
C ALA C 183 -25.22 -14.14 -34.71
N ILE C 184 -25.11 -12.87 -34.29
CA ILE C 184 -24.53 -12.46 -33.02
C ILE C 184 -25.29 -12.95 -31.78
N HIS C 185 -26.61 -12.85 -31.81
CA HIS C 185 -27.43 -13.34 -30.68
C HIS C 185 -27.30 -14.84 -30.56
N SER C 186 -27.22 -15.50 -31.72
CA SER C 186 -26.96 -16.93 -31.79
C SER C 186 -25.59 -17.33 -31.24
N MET C 187 -24.72 -16.35 -31.00
CA MET C 187 -23.45 -16.57 -30.32
C MET C 187 -23.63 -16.26 -28.84
N GLY C 188 -24.82 -15.79 -28.48
CA GLY C 188 -25.14 -15.52 -27.08
C GLY C 188 -24.58 -14.21 -26.58
N PHE C 189 -24.61 -13.22 -27.46
CA PHE C 189 -24.07 -11.91 -27.14
C PHE C 189 -25.02 -10.80 -27.52
N ILE C 190 -24.90 -9.69 -26.81
CA ILE C 190 -25.75 -8.54 -27.04
C ILE C 190 -24.87 -7.40 -27.55
N HIS C 191 -25.32 -6.73 -28.59
CA HIS C 191 -24.54 -5.68 -29.23
C HIS C 191 -24.46 -4.41 -28.39
N ARG C 192 -25.63 -3.79 -28.21
CA ARG C 192 -25.84 -2.65 -27.32
C ARG C 192 -25.36 -1.31 -27.84
N ASP C 193 -24.50 -1.33 -28.85
CA ASP C 193 -24.37 -0.16 -29.70
C ASP C 193 -24.71 -0.64 -31.09
N VAL C 194 -25.86 -0.19 -31.60
CA VAL C 194 -26.33 -0.59 -32.94
C VAL C 194 -26.70 0.67 -33.70
N LYS C 195 -25.92 1.04 -34.70
CA LYS C 195 -26.02 2.39 -35.24
C LYS C 195 -25.15 2.56 -36.47
N PRO C 196 -25.51 3.49 -37.36
CA PRO C 196 -24.95 3.49 -38.72
C PRO C 196 -23.44 3.58 -38.68
N ASP C 197 -22.91 4.00 -37.53
CA ASP C 197 -21.47 4.06 -37.27
C ASP C 197 -20.87 2.65 -37.31
N ASN C 198 -21.62 1.69 -36.76
CA ASN C 198 -21.18 0.31 -36.70
C ASN C 198 -21.73 -0.51 -37.85
N MET C 199 -22.46 0.11 -38.78
CA MET C 199 -22.82 -0.66 -39.96
C MET C 199 -21.97 -0.26 -41.14
N LEU C 200 -21.03 -1.13 -41.48
CA LEU C 200 -20.07 -0.82 -42.53
C LEU C 200 -20.45 -1.59 -43.80
N LEU C 201 -19.71 -1.33 -44.88
CA LEU C 201 -20.09 -1.93 -46.14
C LEU C 201 -18.86 -2.45 -46.91
N ASP C 202 -18.91 -3.69 -47.38
CA ASP C 202 -17.79 -4.28 -48.11
C ASP C 202 -17.78 -3.87 -49.59
N LYS C 203 -16.85 -4.44 -50.35
CA LYS C 203 -16.65 -4.05 -51.73
C LYS C 203 -17.94 -4.17 -52.53
N SER C 204 -18.60 -5.32 -52.38
CA SER C 204 -19.85 -5.62 -53.08
C SER C 204 -21.00 -4.76 -52.56
N GLY C 205 -20.73 -4.04 -51.46
CA GLY C 205 -21.65 -3.04 -50.95
C GLY C 205 -22.52 -3.57 -49.83
N HIS C 206 -22.34 -4.85 -49.51
CA HIS C 206 -23.11 -5.45 -48.45
C HIS C 206 -22.62 -4.98 -47.08
N LEU C 207 -23.50 -5.09 -46.09
CA LEU C 207 -23.27 -4.58 -44.72
C LEU C 207 -22.61 -5.58 -43.73
N LYS C 208 -21.76 -5.06 -42.85
CA LYS C 208 -21.29 -5.83 -41.70
C LYS C 208 -21.47 -5.01 -40.43
N LEU C 209 -21.85 -5.68 -39.34
CA LEU C 209 -21.73 -5.00 -38.06
C LEU C 209 -20.28 -4.96 -37.53
N ALA C 210 -19.97 -3.95 -36.73
CA ALA C 210 -18.66 -3.83 -36.10
C ALA C 210 -18.75 -3.21 -34.72
N ASP C 211 -17.67 -3.33 -33.96
CA ASP C 211 -17.45 -2.55 -32.75
C ASP C 211 -18.48 -2.73 -31.62
N PHE C 212 -18.47 -3.90 -31.02
CA PHE C 212 -19.47 -4.39 -30.06
C PHE C 212 -19.67 -3.51 -28.81
N GLY C 213 -18.77 -2.56 -28.65
CA GLY C 213 -18.16 -2.19 -27.38
C GLY C 213 -18.91 -1.52 -26.24
N THR C 214 -20.24 -1.59 -26.24
CA THR C 214 -20.98 -1.27 -25.00
C THR C 214 -21.02 -2.55 -24.12
N CYS C 215 -20.71 -3.65 -24.80
CA CYS C 215 -21.32 -4.98 -24.63
C CYS C 215 -21.23 -5.80 -23.31
N MET C 216 -22.29 -6.61 -23.13
CA MET C 216 -22.38 -7.63 -22.08
C MET C 216 -22.72 -8.99 -22.73
N LYS C 217 -23.01 -9.95 -21.88
CA LYS C 217 -23.28 -11.33 -22.32
C LYS C 217 -24.76 -11.76 -22.28
N MET C 218 -24.98 -13.05 -22.53
CA MET C 218 -26.13 -13.74 -21.94
C MET C 218 -25.65 -14.83 -20.95
N ASN C 219 -25.91 -14.59 -19.67
CA ASN C 219 -25.48 -15.53 -18.60
C ASN C 219 -26.02 -16.96 -18.83
N LYS C 220 -27.33 -17.14 -18.62
CA LYS C 220 -28.07 -18.32 -19.11
C LYS C 220 -29.37 -17.88 -19.84
N GLU C 221 -30.29 -17.34 -19.05
CA GLU C 221 -31.61 -16.87 -19.50
C GLU C 221 -31.57 -15.99 -20.77
N GLY C 222 -30.64 -15.03 -20.79
CA GLY C 222 -30.59 -13.98 -21.80
C GLY C 222 -31.03 -12.62 -21.23
N MET C 223 -31.74 -12.68 -20.09
CA MET C 223 -32.09 -11.50 -19.30
C MET C 223 -30.91 -11.28 -18.41
N VAL C 224 -30.23 -10.17 -18.70
CA VAL C 224 -28.83 -9.96 -18.29
C VAL C 224 -28.57 -8.55 -17.70
N ARG C 225 -28.05 -8.57 -16.48
CA ARG C 225 -28.14 -7.42 -15.57
C ARG C 225 -26.82 -6.64 -15.61
N CYS C 226 -26.83 -5.53 -16.36
CA CYS C 226 -25.61 -4.74 -16.63
C CYS C 226 -25.97 -3.26 -16.64
N ASP C 227 -25.11 -2.45 -16.03
CA ASP C 227 -25.17 -1.01 -16.13
C ASP C 227 -23.80 -0.55 -16.62
N THR C 228 -23.76 0.39 -17.56
CA THR C 228 -22.52 1.08 -17.91
C THR C 228 -22.74 2.17 -18.94
N ALA C 229 -21.67 2.93 -19.20
CA ALA C 229 -21.71 4.17 -19.99
C ALA C 229 -21.94 4.00 -21.48
N VAL C 230 -22.33 5.11 -22.11
CA VAL C 230 -22.65 5.16 -23.53
C VAL C 230 -22.94 6.62 -23.96
N GLY C 231 -22.75 6.89 -25.25
CA GLY C 231 -22.93 8.20 -25.86
C GLY C 231 -23.00 7.98 -27.36
N THR C 232 -23.73 8.87 -28.04
CA THR C 232 -24.70 8.50 -29.07
C THR C 232 -25.95 7.76 -28.48
N PRO C 233 -26.73 8.48 -27.66
CA PRO C 233 -27.97 8.13 -26.96
C PRO C 233 -29.18 7.92 -27.89
N ASP C 234 -29.05 8.25 -29.17
CA ASP C 234 -30.19 8.15 -30.11
C ASP C 234 -30.78 6.75 -30.32
N TYR C 235 -29.92 5.75 -30.44
CA TYR C 235 -30.39 4.41 -30.77
C TYR C 235 -30.62 3.56 -29.54
N ILE C 236 -30.47 4.19 -28.37
CA ILE C 236 -30.49 3.51 -27.08
C ILE C 236 -31.89 3.16 -26.61
N SER C 237 -32.07 1.95 -26.09
CA SER C 237 -33.39 1.51 -25.62
C SER C 237 -33.73 2.02 -24.21
N PRO C 238 -35.03 2.20 -23.94
CA PRO C 238 -35.51 2.72 -22.65
C PRO C 238 -35.07 1.86 -21.45
N GLU C 239 -35.10 0.52 -21.60
CA GLU C 239 -34.70 -0.38 -20.54
C GLU C 239 -33.18 -0.34 -20.25
N VAL C 240 -32.41 -0.06 -21.30
CA VAL C 240 -30.95 0.08 -21.20
C VAL C 240 -30.60 1.39 -20.54
N LEU C 241 -31.20 2.48 -21.03
CA LEU C 241 -31.08 3.79 -20.41
C LEU C 241 -31.42 3.70 -18.94
N LYS C 242 -32.64 3.23 -18.67
CA LYS C 242 -33.23 3.19 -17.33
C LYS C 242 -32.25 2.53 -16.37
N SER C 243 -31.33 1.74 -16.90
CA SER C 243 -30.32 1.11 -16.07
C SER C 243 -29.00 1.86 -16.12
N GLN C 244 -28.72 2.60 -15.06
CA GLN C 244 -27.35 2.88 -14.61
C GLN C 244 -27.53 2.88 -13.10
N GLY C 245 -26.67 2.18 -12.38
CA GLY C 245 -26.90 1.92 -10.97
C GLY C 245 -28.15 1.13 -10.60
N GLY C 246 -28.30 -0.08 -11.13
CA GLY C 246 -29.23 -1.04 -10.53
C GLY C 246 -30.61 -1.40 -11.07
N ASP C 247 -30.99 -0.86 -12.22
CA ASP C 247 -32.35 -1.11 -12.74
C ASP C 247 -32.37 -2.30 -13.73
N GLY C 248 -31.19 -2.86 -14.01
CA GLY C 248 -30.82 -3.29 -15.35
C GLY C 248 -31.15 -4.59 -16.07
N TYR C 249 -32.24 -5.29 -15.75
CA TYR C 249 -32.57 -6.43 -16.61
C TYR C 249 -33.00 -5.91 -17.99
N TYR C 250 -32.21 -6.25 -18.99
CA TYR C 250 -32.49 -5.91 -20.39
C TYR C 250 -31.82 -6.99 -21.26
N GLY C 251 -32.46 -7.40 -22.35
CA GLY C 251 -32.02 -8.59 -23.07
C GLY C 251 -31.20 -8.39 -24.34
N ARG C 252 -31.35 -9.33 -25.27
CA ARG C 252 -30.92 -9.11 -26.65
C ARG C 252 -31.92 -8.19 -27.35
N GLU C 253 -33.06 -7.96 -26.68
CA GLU C 253 -34.13 -7.13 -27.22
C GLU C 253 -33.72 -5.65 -27.41
N CYS C 254 -32.61 -5.25 -26.81
CA CYS C 254 -32.19 -3.87 -26.87
C CYS C 254 -31.68 -3.49 -28.25
N ASP C 255 -31.06 -4.43 -28.96
CA ASP C 255 -30.59 -4.17 -30.30
C ASP C 255 -31.74 -4.23 -31.30
N TRP C 256 -32.83 -4.90 -30.93
CA TRP C 256 -34.03 -4.86 -31.76
C TRP C 256 -34.74 -3.51 -31.64
N TRP C 257 -34.62 -2.86 -30.48
CA TRP C 257 -35.16 -1.53 -30.28
C TRP C 257 -34.47 -0.60 -31.28
N SER C 258 -33.18 -0.84 -31.46
CA SER C 258 -32.31 0.09 -32.14
C SER C 258 -32.41 0.02 -33.65
N VAL C 259 -32.97 -1.07 -34.16
CA VAL C 259 -33.15 -1.19 -35.60
C VAL C 259 -34.33 -0.35 -35.98
N GLY C 260 -35.37 -0.40 -35.14
CA GLY C 260 -36.52 0.50 -35.21
C GLY C 260 -36.09 1.95 -35.36
N VAL C 261 -35.15 2.40 -34.51
CA VAL C 261 -34.51 3.71 -34.67
C VAL C 261 -33.72 3.86 -35.97
N PHE C 262 -33.25 2.75 -36.51
CA PHE C 262 -32.53 2.77 -37.76
C PHE C 262 -33.47 2.88 -38.97
N LEU C 263 -34.56 2.12 -38.97
CA LEU C 263 -35.51 2.18 -40.07
C LEU C 263 -36.11 3.58 -40.13
N TYR C 264 -36.50 4.08 -38.97
CA TYR C 264 -37.02 5.43 -38.85
C TYR C 264 -36.06 6.46 -39.45
N GLU C 265 -34.80 6.43 -39.10
CA GLU C 265 -33.95 7.56 -39.50
C GLU C 265 -33.66 7.57 -41.01
N MET C 266 -33.59 6.38 -41.60
CA MET C 266 -33.33 6.26 -43.02
C MET C 266 -34.50 6.77 -43.84
N LEU C 267 -35.72 6.37 -43.47
CA LEU C 267 -36.94 6.84 -44.14
C LEU C 267 -37.30 8.30 -43.83
N VAL C 268 -37.32 8.66 -42.55
CA VAL C 268 -37.81 9.95 -42.07
C VAL C 268 -36.79 11.11 -42.08
N GLY C 269 -35.52 10.81 -42.28
CA GLY C 269 -34.50 11.84 -42.37
C GLY C 269 -33.89 12.23 -41.03
N ASP C 270 -34.58 11.88 -39.96
CA ASP C 270 -34.15 12.19 -38.60
C ASP C 270 -34.46 11.06 -37.61
N THR C 271 -33.73 11.01 -36.50
CA THR C 271 -34.04 10.05 -35.44
C THR C 271 -35.36 10.49 -34.79
N PRO C 272 -36.13 9.53 -34.27
CA PRO C 272 -37.45 9.80 -33.68
C PRO C 272 -37.36 10.74 -32.48
N PHE C 273 -36.41 10.41 -31.63
CA PHE C 273 -36.28 10.98 -30.29
C PHE C 273 -35.23 12.10 -30.19
N TYR C 274 -34.71 12.51 -31.33
CA TYR C 274 -33.76 13.60 -31.33
C TYR C 274 -34.30 14.86 -30.67
N ALA C 275 -33.46 15.49 -29.86
CA ALA C 275 -33.68 16.87 -29.44
C ALA C 275 -32.32 17.51 -29.35
N ASP C 276 -32.25 18.84 -29.35
CA ASP C 276 -30.94 19.45 -29.22
C ASP C 276 -30.25 18.99 -27.94
N SER C 277 -31.00 19.04 -26.84
CA SER C 277 -30.53 18.60 -25.53
C SER C 277 -30.40 17.09 -25.37
N LEU C 278 -29.19 16.67 -24.98
CA LEU C 278 -28.86 15.28 -24.67
C LEU C 278 -29.89 14.65 -23.73
N VAL C 279 -30.38 15.44 -22.78
CA VAL C 279 -31.38 14.95 -21.86
C VAL C 279 -32.76 14.96 -22.49
N GLY C 280 -33.07 15.99 -23.25
CA GLY C 280 -34.35 16.06 -23.93
C GLY C 280 -34.57 14.76 -24.65
N THR C 281 -33.51 14.18 -25.18
CA THR C 281 -33.63 12.87 -25.79
C THR C 281 -34.00 11.79 -24.77
N TYR C 282 -33.35 11.81 -23.62
CA TYR C 282 -33.64 10.82 -22.56
C TYR C 282 -35.13 10.73 -22.26
N SER C 283 -35.69 11.89 -21.93
CA SER C 283 -37.11 12.01 -21.62
C SER C 283 -38.00 11.57 -22.80
N LYS C 284 -37.55 11.85 -24.03
CA LYS C 284 -38.25 11.43 -25.25
C LYS C 284 -38.37 9.93 -25.34
N ILE C 285 -37.25 9.22 -25.26
CA ILE C 285 -37.21 7.77 -25.18
C ILE C 285 -38.10 7.24 -24.07
N MET C 286 -37.99 7.85 -22.90
CA MET C 286 -38.82 7.47 -21.74
C MET C 286 -40.31 7.76 -21.96
N ASN C 287 -40.60 8.78 -22.74
CA ASN C 287 -41.96 9.17 -23.06
C ASN C 287 -42.41 8.53 -24.37
N HIS C 288 -41.59 7.60 -24.86
CA HIS C 288 -41.75 7.11 -26.23
C HIS C 288 -43.20 6.74 -26.60
N LYS C 289 -43.99 6.25 -25.64
CA LYS C 289 -45.43 6.00 -25.91
C LYS C 289 -46.02 7.25 -26.56
N ASN C 290 -45.85 8.39 -25.91
CA ASN C 290 -46.34 9.66 -26.43
C ASN C 290 -45.47 10.32 -27.51
N SER C 291 -44.16 10.15 -27.42
CA SER C 291 -43.22 11.00 -28.17
C SER C 291 -42.76 10.49 -29.53
N LEU C 292 -43.34 9.38 -29.98
CA LEU C 292 -43.13 8.93 -31.36
C LEU C 292 -44.19 9.55 -32.26
N THR C 293 -43.74 10.27 -33.28
CA THR C 293 -44.67 10.85 -34.22
C THR C 293 -44.01 10.80 -35.58
N PHE C 294 -44.73 10.30 -36.58
CA PHE C 294 -44.28 10.38 -37.97
C PHE C 294 -44.65 11.72 -38.55
N PRO C 295 -43.75 12.29 -39.36
CA PRO C 295 -43.82 13.69 -39.81
C PRO C 295 -45.05 13.99 -40.68
N ASP C 296 -45.14 15.24 -41.15
CA ASP C 296 -46.34 15.75 -41.81
C ASP C 296 -46.47 15.14 -43.20
N ASP C 297 -45.52 15.43 -44.08
CA ASP C 297 -45.48 14.70 -45.33
C ASP C 297 -45.42 13.21 -44.97
N ASN C 298 -46.38 12.45 -45.50
CA ASN C 298 -46.77 11.12 -45.01
C ASN C 298 -45.82 9.94 -45.33
N ASP C 299 -45.00 10.05 -46.37
CA ASP C 299 -44.75 8.94 -47.31
C ASP C 299 -44.34 7.54 -46.76
N ILE C 300 -43.89 7.42 -45.51
CA ILE C 300 -43.61 6.08 -44.99
C ILE C 300 -44.83 5.16 -45.21
N SER C 301 -44.59 4.06 -45.92
CA SER C 301 -45.59 3.04 -46.21
C SER C 301 -46.20 2.52 -44.93
N LYS C 302 -47.45 2.10 -44.99
CA LYS C 302 -48.17 1.70 -43.78
C LYS C 302 -47.44 0.66 -42.93
N GLU C 303 -46.94 -0.39 -43.58
CA GLU C 303 -46.34 -1.47 -42.83
C GLU C 303 -44.95 -1.07 -42.33
N ALA C 304 -44.26 -0.21 -43.08
CA ALA C 304 -43.02 0.42 -42.61
C ALA C 304 -43.19 1.08 -41.22
N LYS C 305 -44.28 1.82 -41.05
CA LYS C 305 -44.72 2.33 -39.76
C LYS C 305 -44.93 1.20 -38.75
N ASN C 306 -45.74 0.24 -39.15
CA ASN C 306 -46.09 -0.85 -38.26
C ASN C 306 -44.88 -1.56 -37.66
N LEU C 307 -43.87 -1.80 -38.49
CA LEU C 307 -42.63 -2.43 -38.04
C LEU C 307 -41.88 -1.51 -37.09
N ILE C 308 -41.69 -0.26 -37.52
CA ILE C 308 -41.04 0.75 -36.67
C ILE C 308 -41.77 0.93 -35.32
N CYS C 309 -43.11 0.85 -35.30
CA CYS C 309 -43.83 1.05 -34.04
C CYS C 309 -43.82 -0.20 -33.14
N ALA C 310 -43.55 -1.34 -33.75
CA ALA C 310 -43.42 -2.60 -33.06
C ALA C 310 -42.02 -2.71 -32.44
N PHE C 311 -41.03 -2.12 -33.11
CA PHE C 311 -39.65 -2.16 -32.64
C PHE C 311 -39.38 -1.10 -31.57
N LEU C 312 -40.18 -0.05 -31.58
CA LEU C 312 -40.06 0.93 -30.52
C LEU C 312 -41.22 0.65 -29.58
N THR C 313 -40.89 0.00 -28.45
CA THR C 313 -41.93 -0.40 -27.51
C THR C 313 -41.38 -1.05 -26.27
N ASP C 314 -42.17 -1.07 -25.22
CA ASP C 314 -41.71 -1.63 -23.97
C ASP C 314 -41.32 -3.07 -24.22
N ARG C 315 -40.17 -3.45 -23.67
CA ARG C 315 -39.47 -4.66 -24.06
C ARG C 315 -40.32 -5.95 -24.09
N GLU C 316 -41.37 -6.00 -23.28
CA GLU C 316 -42.17 -7.23 -23.12
C GLU C 316 -43.13 -7.57 -24.29
N VAL C 317 -43.66 -6.52 -24.93
CA VAL C 317 -44.50 -6.63 -26.12
C VAL C 317 -43.74 -6.39 -27.42
N ARG C 318 -42.43 -6.21 -27.31
CA ARG C 318 -41.63 -5.80 -28.43
C ARG C 318 -41.41 -6.93 -29.43
N LEU C 319 -41.44 -6.62 -30.73
CA LEU C 319 -41.07 -7.59 -31.74
C LEU C 319 -39.60 -8.02 -31.56
N GLY C 320 -39.33 -9.33 -31.66
CA GLY C 320 -38.05 -9.92 -31.31
C GLY C 320 -38.16 -10.72 -30.01
N ARG C 321 -39.24 -10.47 -29.27
CA ARG C 321 -39.63 -11.25 -28.09
C ARG C 321 -39.71 -12.79 -28.30
N ASN C 322 -40.41 -13.21 -29.36
CA ASN C 322 -40.68 -14.64 -29.60
C ASN C 322 -39.63 -15.36 -30.46
N GLY C 323 -38.56 -14.65 -30.79
CA GLY C 323 -37.53 -15.13 -31.69
C GLY C 323 -37.47 -14.41 -33.02
N VAL C 324 -36.35 -14.59 -33.72
CA VAL C 324 -36.07 -13.83 -34.94
C VAL C 324 -37.01 -14.18 -36.10
N GLU C 325 -37.71 -15.31 -36.02
CA GLU C 325 -38.61 -15.72 -37.08
C GLU C 325 -39.75 -14.71 -37.30
N GLU C 326 -40.49 -14.42 -36.23
CA GLU C 326 -41.60 -13.47 -36.35
C GLU C 326 -41.11 -12.09 -36.76
N ILE C 327 -39.80 -11.86 -36.69
CA ILE C 327 -39.26 -10.67 -37.32
C ILE C 327 -39.14 -10.89 -38.81
N LYS C 328 -38.57 -12.05 -39.17
CA LYS C 328 -38.32 -12.41 -40.56
C LYS C 328 -39.61 -12.50 -41.38
N ARG C 329 -40.70 -12.90 -40.70
CA ARG C 329 -42.02 -13.05 -41.30
C ARG C 329 -42.71 -11.73 -41.58
N HIS C 330 -42.32 -10.69 -40.85
CA HIS C 330 -43.05 -9.44 -40.87
C HIS C 330 -43.28 -8.88 -42.27
N LEU C 331 -44.49 -8.37 -42.39
CA LEU C 331 -45.02 -7.87 -43.62
C LEU C 331 -44.06 -6.95 -44.37
N PHE C 332 -43.66 -5.84 -43.77
CA PHE C 332 -42.88 -4.80 -44.45
C PHE C 332 -41.70 -5.38 -45.24
N PHE C 333 -41.22 -6.54 -44.85
CA PHE C 333 -40.03 -7.11 -45.47
C PHE C 333 -40.27 -7.67 -46.88
N LYS C 334 -41.50 -8.08 -47.16
CA LYS C 334 -41.75 -8.83 -48.39
C LYS C 334 -41.67 -8.05 -49.71
N ASN C 335 -41.07 -8.73 -50.69
CA ASN C 335 -40.82 -8.14 -51.97
C ASN C 335 -40.52 -9.20 -53.02
N ASP C 336 -40.42 -8.74 -54.26
CA ASP C 336 -40.20 -9.61 -55.40
C ASP C 336 -38.72 -9.63 -55.80
N GLN C 337 -37.90 -8.90 -55.06
CA GLN C 337 -36.47 -8.82 -55.34
C GLN C 337 -35.71 -9.99 -54.70
N TRP C 338 -35.55 -9.95 -53.38
CA TRP C 338 -34.75 -10.96 -52.68
C TRP C 338 -35.59 -11.76 -51.68
N ALA C 339 -34.90 -12.68 -51.00
CA ALA C 339 -35.51 -13.50 -49.96
C ALA C 339 -34.42 -13.83 -48.96
N TRP C 340 -34.82 -14.06 -47.71
CA TRP C 340 -33.88 -14.08 -46.59
C TRP C 340 -32.59 -14.91 -46.80
N GLU C 341 -32.75 -16.16 -47.24
CA GLU C 341 -31.63 -17.11 -47.37
C GLU C 341 -30.58 -16.75 -48.43
N THR C 342 -30.95 -15.85 -49.36
CA THR C 342 -29.97 -15.19 -50.25
C THR C 342 -30.09 -13.69 -50.23
N LEU C 343 -29.04 -13.05 -49.74
CA LEU C 343 -28.96 -11.61 -49.76
C LEU C 343 -27.61 -11.20 -50.31
N ARG C 344 -26.56 -11.61 -49.59
CA ARG C 344 -25.19 -11.25 -49.94
C ARG C 344 -24.78 -11.77 -51.31
N ASP C 345 -25.58 -12.69 -51.85
CA ASP C 345 -25.43 -13.13 -53.22
C ASP C 345 -26.00 -12.09 -54.17
N THR C 346 -27.15 -11.54 -53.80
CA THR C 346 -27.86 -10.55 -54.63
C THR C 346 -27.07 -9.24 -54.82
N VAL C 347 -27.38 -8.50 -55.89
CA VAL C 347 -26.72 -7.23 -56.18
C VAL C 347 -27.26 -6.14 -55.25
N ALA C 348 -26.40 -5.18 -54.90
CA ALA C 348 -26.70 -4.19 -53.84
C ALA C 348 -26.86 -2.74 -54.35
N PRO C 349 -27.64 -1.91 -53.61
CA PRO C 349 -28.09 -0.55 -53.98
C PRO C 349 -26.97 0.41 -54.38
N VAL C 350 -25.89 0.41 -53.60
CA VAL C 350 -24.71 1.19 -53.94
C VAL C 350 -23.45 0.32 -53.89
N VAL C 351 -22.91 -0.01 -55.06
CA VAL C 351 -21.62 -0.69 -55.09
C VAL C 351 -20.57 0.38 -55.30
N PRO C 352 -19.79 0.68 -54.26
CA PRO C 352 -18.86 1.83 -54.28
C PRO C 352 -17.74 1.68 -55.33
N ASP C 353 -17.53 2.72 -56.15
CA ASP C 353 -16.48 2.66 -57.15
C ASP C 353 -15.20 3.32 -56.63
N LEU C 354 -14.14 2.53 -56.55
CA LEU C 354 -12.81 3.02 -56.18
C LEU C 354 -11.74 2.25 -56.97
N SER C 355 -10.52 2.78 -56.98
CA SER C 355 -9.42 2.26 -57.81
C SER C 355 -9.01 0.84 -57.42
N SER C 356 -9.33 0.49 -56.19
CA SER C 356 -8.38 -0.18 -55.33
C SER C 356 -9.03 -1.02 -54.24
N ASP C 357 -8.18 -1.41 -53.29
CA ASP C 357 -8.57 -1.48 -51.89
C ASP C 357 -8.65 -0.06 -51.23
N ILE C 358 -7.60 0.75 -51.36
CA ILE C 358 -7.28 1.83 -50.40
C ILE C 358 -7.93 3.24 -50.52
N ASP C 359 -8.71 3.52 -51.57
CA ASP C 359 -9.09 4.90 -51.83
C ASP C 359 -9.72 5.64 -50.61
N THR C 360 -9.37 6.93 -50.49
CA THR C 360 -9.71 7.78 -49.35
C THR C 360 -11.08 8.47 -49.48
N SER C 361 -11.85 8.10 -50.50
CA SER C 361 -13.14 8.76 -50.72
C SER C 361 -14.03 8.77 -49.47
N ASN C 362 -14.57 7.60 -49.11
CA ASN C 362 -15.64 7.51 -48.12
C ASN C 362 -15.20 7.76 -46.68
N PHE C 363 -13.92 7.53 -46.43
CA PHE C 363 -13.38 7.79 -45.11
C PHE C 363 -12.48 9.02 -45.18
N ASP C 364 -12.93 10.12 -44.59
CA ASP C 364 -12.17 11.37 -44.67
C ASP C 364 -11.13 11.47 -43.55
N ASP C 365 -10.47 12.61 -43.46
CA ASP C 365 -9.51 12.85 -42.38
C ASP C 365 -10.21 13.07 -41.04
N LEU C 366 -9.47 12.90 -39.96
CA LEU C 366 -9.75 13.55 -38.68
C LEU C 366 -8.47 14.31 -38.33
N GLU C 367 -8.59 15.62 -38.20
CA GLU C 367 -7.43 16.48 -38.35
C GLU C 367 -6.20 16.06 -37.54
N GLU C 368 -6.21 16.31 -36.22
CA GLU C 368 -5.01 16.14 -35.40
C GLU C 368 -5.23 15.61 -33.96
N ASP C 369 -4.29 14.80 -33.48
CA ASP C 369 -4.25 14.41 -32.07
C ASP C 369 -3.64 15.54 -31.22
N LYS C 370 -2.57 16.13 -31.74
CA LYS C 370 -1.93 17.28 -31.10
C LYS C 370 -1.55 17.03 -29.64
N GLY C 371 -0.55 16.19 -29.43
CA GLY C 371 0.05 16.09 -28.12
C GLY C 371 0.50 14.67 -27.81
N GLU C 372 0.78 14.43 -26.54
CA GLU C 372 0.98 13.07 -26.07
C GLU C 372 -0.09 12.75 -25.04
N GLU C 373 -0.03 11.55 -24.49
CA GLU C 373 -1.05 11.11 -23.57
C GLU C 373 -0.44 10.51 -22.33
N GLU C 374 -1.24 10.47 -21.26
CA GLU C 374 -0.73 10.17 -19.93
C GLU C 374 -0.25 8.73 -19.75
N THR C 375 0.94 8.59 -19.15
CA THR C 375 1.57 7.30 -18.84
C THR C 375 1.76 7.13 -17.33
N PHE C 376 1.61 5.89 -16.87
CA PHE C 376 1.34 5.58 -15.45
C PHE C 376 2.31 6.15 -14.43
N PRO C 377 1.81 6.34 -13.19
CA PRO C 377 2.62 6.73 -12.04
C PRO C 377 3.64 5.64 -11.68
N ILE C 378 4.91 6.03 -11.54
CA ILE C 378 5.99 5.09 -11.27
C ILE C 378 5.72 4.42 -9.93
N PRO C 379 5.56 3.09 -9.95
CA PRO C 379 5.14 2.27 -8.81
C PRO C 379 6.11 2.20 -7.63
N LYS C 380 5.60 2.44 -6.43
CA LYS C 380 6.33 2.28 -5.18
C LYS C 380 6.00 0.93 -4.57
N ALA C 381 5.15 0.18 -5.27
CA ALA C 381 4.58 -1.07 -4.76
C ALA C 381 4.32 -2.02 -5.92
N PHE C 382 3.56 -3.09 -5.67
CA PHE C 382 2.97 -3.86 -6.76
C PHE C 382 1.51 -3.45 -6.91
N VAL C 383 1.23 -2.76 -8.00
CA VAL C 383 -0.13 -2.37 -8.32
C VAL C 383 -0.82 -3.36 -9.28
N GLY C 384 -0.01 -4.19 -9.94
CA GLY C 384 -0.52 -5.14 -10.90
C GLY C 384 -1.44 -4.48 -11.92
N ASN C 385 -0.96 -3.43 -12.55
CA ASN C 385 -1.79 -2.67 -13.48
C ASN C 385 -2.13 -3.40 -14.80
N GLN C 386 -1.24 -4.28 -15.25
CA GLN C 386 -1.41 -4.97 -16.52
C GLN C 386 -2.41 -6.15 -16.46
N LEU C 387 -2.82 -6.51 -15.26
CA LEU C 387 -3.60 -7.72 -15.04
C LEU C 387 -4.93 -7.85 -15.79
N PRO C 388 -5.65 -6.73 -15.99
CA PRO C 388 -6.97 -6.79 -16.67
C PRO C 388 -6.92 -7.13 -18.16
N PHE C 389 -5.77 -6.87 -18.78
CA PHE C 389 -5.61 -7.11 -20.20
C PHE C 389 -4.88 -8.42 -20.52
N VAL C 390 -4.41 -9.14 -19.49
CA VAL C 390 -3.80 -10.44 -19.75
C VAL C 390 -4.76 -11.34 -20.54
N GLY C 391 -4.26 -11.98 -21.58
CA GLY C 391 -5.06 -12.92 -22.32
C GLY C 391 -5.90 -12.18 -23.32
N PHE C 392 -5.52 -10.93 -23.59
CA PHE C 392 -6.27 -10.16 -24.56
C PHE C 392 -5.88 -10.62 -25.92
N THR C 393 -4.61 -10.98 -26.08
CA THR C 393 -4.03 -11.32 -27.38
C THR C 393 -4.67 -12.50 -28.16
N TYR C 394 -4.82 -12.29 -29.48
CA TYR C 394 -5.41 -13.27 -30.38
C TYR C 394 -4.81 -13.20 -31.79
N TYR C 395 -4.55 -14.35 -32.39
CA TYR C 395 -4.06 -14.37 -33.77
C TYR C 395 -4.92 -15.29 -34.65
N SER C 396 -5.61 -14.67 -35.62
CA SER C 396 -6.29 -15.43 -36.67
C SER C 396 -5.22 -16.11 -37.53
N ASN C 397 -5.35 -17.42 -37.76
CA ASN C 397 -4.40 -18.07 -38.66
C ASN C 397 -5.01 -18.94 -39.76
N GLU D 3 13.73 -19.59 -38.39
CA GLU D 3 13.72 -18.97 -39.71
C GLU D 3 13.10 -17.58 -39.62
N THR D 4 11.79 -17.51 -39.81
CA THR D 4 11.06 -16.29 -39.55
C THR D 4 9.89 -16.53 -38.61
N ARG D 5 10.00 -15.95 -37.40
CA ARG D 5 8.87 -15.43 -36.61
C ARG D 5 7.60 -16.29 -36.63
N PHE D 6 7.72 -17.61 -36.79
CA PHE D 6 6.61 -18.50 -36.49
C PHE D 6 7.20 -19.70 -35.75
N GLU D 7 8.07 -20.44 -36.45
CA GLU D 7 9.04 -21.31 -35.82
C GLU D 7 9.85 -20.47 -34.83
N LYS D 8 10.35 -19.32 -35.28
CA LYS D 8 11.14 -18.44 -34.42
C LYS D 8 10.39 -18.14 -33.11
N MET D 9 9.06 -18.28 -33.16
CA MET D 9 8.21 -18.20 -31.95
C MET D 9 7.77 -19.57 -31.45
N ASP D 10 7.00 -20.30 -32.25
CA ASP D 10 6.50 -21.63 -31.89
C ASP D 10 7.63 -22.58 -31.50
N ASN D 11 8.80 -22.38 -32.06
CA ASN D 11 9.92 -23.20 -31.64
C ASN D 11 10.61 -22.68 -30.38
N LEU D 12 10.18 -21.53 -29.86
CA LEU D 12 10.41 -21.22 -28.45
C LEU D 12 9.33 -21.86 -27.59
N LEU D 13 8.11 -21.92 -28.11
CA LEU D 13 6.96 -22.45 -27.38
C LEU D 13 7.11 -23.95 -27.15
N ARG D 14 7.77 -24.65 -28.08
CA ARG D 14 8.51 -25.84 -27.68
C ARG D 14 9.88 -25.95 -28.31
N ASP D 15 10.92 -25.79 -27.49
CA ASP D 15 12.21 -26.44 -27.70
C ASP D 15 12.70 -26.58 -26.29
N PRO D 16 12.02 -27.41 -25.51
CA PRO D 16 11.92 -27.22 -24.06
C PRO D 16 13.18 -27.43 -23.21
N LYS D 17 14.26 -26.74 -23.55
CA LYS D 17 15.16 -26.19 -22.55
C LYS D 17 14.71 -24.74 -22.46
N SER D 18 13.75 -24.40 -23.31
CA SER D 18 13.17 -23.06 -23.41
C SER D 18 12.43 -22.71 -22.13
N GLU D 19 12.53 -21.46 -21.71
CA GLU D 19 11.79 -21.04 -20.53
C GLU D 19 10.38 -20.53 -20.85
N VAL D 20 10.14 -20.29 -22.13
CA VAL D 20 8.81 -19.98 -22.64
C VAL D 20 8.09 -21.20 -23.21
N ASN D 21 8.69 -22.36 -23.05
CA ASN D 21 8.01 -23.61 -23.40
C ASN D 21 6.76 -23.77 -22.53
N SER D 22 5.75 -24.47 -23.03
CA SER D 22 4.38 -24.32 -22.53
C SER D 22 4.21 -24.59 -21.06
N ASP D 23 5.16 -25.30 -20.45
CA ASP D 23 5.08 -25.69 -19.05
C ASP D 23 5.52 -24.59 -18.14
N CYS D 24 6.51 -23.83 -18.60
CA CYS D 24 7.01 -22.69 -17.84
C CYS D 24 5.92 -21.65 -17.90
N LEU D 25 5.29 -21.50 -19.06
CA LEU D 25 4.18 -20.55 -19.18
C LEU D 25 3.04 -20.86 -18.21
N LEU D 26 2.65 -22.12 -18.07
CA LEU D 26 1.66 -22.50 -17.05
C LEU D 26 2.23 -22.28 -15.64
N ASP D 27 3.46 -22.71 -15.46
CA ASP D 27 4.12 -22.55 -14.18
C ASP D 27 3.94 -21.11 -13.70
N GLY D 28 4.06 -20.14 -14.61
CA GLY D 28 3.98 -18.74 -14.22
C GLY D 28 2.60 -18.24 -13.81
N LEU D 29 1.62 -18.58 -14.65
CA LEU D 29 0.23 -18.28 -14.35
C LEU D 29 -0.12 -18.85 -13.00
N ASP D 30 0.15 -20.14 -12.83
CA ASP D 30 -0.03 -20.81 -11.56
C ASP D 30 0.69 -20.09 -10.38
N ALA D 31 1.97 -19.76 -10.55
CA ALA D 31 2.71 -19.10 -9.48
C ALA D 31 2.10 -17.75 -9.18
N LEU D 32 2.03 -16.90 -10.20
CA LEU D 32 1.47 -15.57 -10.04
C LEU D 32 0.12 -15.56 -9.29
N VAL D 33 -0.68 -16.60 -9.48
CA VAL D 33 -1.96 -16.73 -8.81
C VAL D 33 -1.79 -17.03 -7.32
N TYR D 34 -1.01 -18.07 -7.04
CA TYR D 34 -0.71 -18.53 -5.69
C TYR D 34 -0.14 -17.43 -4.82
N ASP D 35 0.64 -16.53 -5.43
CA ASP D 35 1.20 -15.36 -4.76
C ASP D 35 0.26 -14.15 -4.61
N LEU D 36 -0.79 -14.11 -5.43
CA LEU D 36 -1.75 -13.02 -5.41
C LEU D 36 -2.98 -13.36 -4.63
N ASP D 37 -3.11 -14.58 -4.12
CA ASP D 37 -4.40 -14.87 -3.53
C ASP D 37 -4.37 -14.82 -2.00
N PHE D 38 -4.88 -13.70 -1.49
CA PHE D 38 -4.72 -13.29 -0.09
C PHE D 38 -5.57 -12.08 0.09
N PRO D 39 -6.30 -12.02 1.21
CA PRO D 39 -7.26 -10.94 1.44
C PRO D 39 -6.57 -9.58 1.41
N ALA D 40 -5.29 -9.53 1.83
CA ALA D 40 -4.50 -8.30 1.90
C ALA D 40 -4.15 -7.76 0.51
N LEU D 41 -4.52 -8.54 -0.50
CA LEU D 41 -4.20 -8.29 -1.91
C LEU D 41 -5.48 -7.95 -2.70
N ARG D 42 -6.46 -8.84 -2.65
CA ARG D 42 -7.72 -8.71 -3.39
C ARG D 42 -8.46 -7.43 -3.01
N LYS D 43 -7.90 -6.73 -2.02
CA LYS D 43 -8.28 -5.35 -1.75
C LYS D 43 -7.85 -4.40 -2.91
N ASN D 44 -6.82 -4.81 -3.65
CA ASN D 44 -6.46 -4.19 -4.92
C ASN D 44 -7.28 -4.82 -6.05
N LYS D 45 -8.11 -4.01 -6.70
CA LYS D 45 -9.15 -4.55 -7.55
C LYS D 45 -8.62 -5.24 -8.80
N ASN D 46 -7.52 -4.71 -9.33
CA ASN D 46 -6.85 -5.35 -10.45
C ASN D 46 -6.52 -6.81 -10.10
N ILE D 47 -5.78 -6.98 -8.99
CA ILE D 47 -5.46 -8.28 -8.44
C ILE D 47 -6.78 -9.03 -8.26
N ASP D 48 -7.70 -8.39 -7.53
CA ASP D 48 -9.00 -8.95 -7.19
C ASP D 48 -9.77 -9.52 -8.38
N ASN D 49 -10.00 -8.69 -9.39
CA ASN D 49 -10.83 -9.14 -10.51
C ASN D 49 -10.10 -10.12 -11.41
N PHE D 50 -8.78 -10.00 -11.41
CA PHE D 50 -7.98 -10.93 -12.16
C PHE D 50 -8.27 -12.37 -11.73
N LEU D 51 -8.11 -12.66 -10.43
CA LEU D 51 -8.38 -13.98 -9.85
C LEU D 51 -9.82 -14.41 -10.02
N SER D 52 -10.72 -13.44 -10.06
CA SER D 52 -12.10 -13.78 -10.36
C SER D 52 -12.04 -14.38 -11.74
N ARG D 53 -11.42 -13.65 -12.66
CA ARG D 53 -11.37 -14.00 -14.09
C ARG D 53 -10.71 -15.35 -14.40
N TYR D 54 -9.55 -15.59 -13.79
CA TYR D 54 -8.86 -16.84 -14.01
C TYR D 54 -9.20 -17.98 -13.04
N LYS D 55 -10.14 -17.74 -12.13
CA LYS D 55 -10.42 -18.67 -11.05
C LYS D 55 -10.67 -20.11 -11.52
N ASP D 56 -11.83 -20.31 -12.13
CA ASP D 56 -12.27 -21.64 -12.45
C ASP D 56 -11.35 -22.26 -13.51
N THR D 57 -10.52 -21.41 -14.12
CA THR D 57 -9.58 -21.86 -15.14
C THR D 57 -8.30 -22.39 -14.54
N ILE D 58 -7.80 -21.70 -13.52
CA ILE D 58 -6.59 -22.17 -12.89
C ILE D 58 -6.88 -23.46 -12.09
N ASN D 59 -8.11 -23.59 -11.58
CA ASN D 59 -8.47 -24.77 -10.81
C ASN D 59 -8.52 -26.01 -11.66
N LYS D 60 -8.93 -25.84 -12.92
CA LYS D 60 -8.95 -26.96 -13.85
C LYS D 60 -7.53 -27.37 -14.22
N ILE D 61 -6.74 -26.40 -14.66
CA ILE D 61 -5.35 -26.63 -15.00
C ILE D 61 -4.64 -27.42 -13.90
N ARG D 62 -4.93 -27.03 -12.66
CA ARG D 62 -4.29 -27.64 -11.53
C ARG D 62 -4.61 -29.11 -11.45
N ASP D 63 -5.84 -29.50 -11.67
CA ASP D 63 -6.10 -30.94 -11.66
C ASP D 63 -5.75 -31.62 -12.96
N LEU D 64 -5.76 -30.85 -14.03
CA LEU D 64 -5.51 -31.37 -15.37
C LEU D 64 -4.07 -31.68 -15.54
N ARG D 65 -3.21 -30.99 -14.78
CA ARG D 65 -1.78 -31.27 -14.84
C ARG D 65 -1.34 -32.38 -13.88
N MET D 66 -0.04 -32.69 -13.93
CA MET D 66 0.51 -33.67 -13.00
C MET D 66 0.65 -33.05 -11.61
N LYS D 67 0.25 -33.84 -10.62
CA LYS D 67 0.13 -33.42 -9.23
C LYS D 67 0.34 -34.66 -8.36
N ALA D 68 0.62 -34.43 -7.08
CA ALA D 68 0.87 -35.48 -6.09
C ALA D 68 -0.23 -36.53 -5.99
N GLU D 69 -1.47 -36.07 -6.01
CA GLU D 69 -2.63 -36.93 -5.89
C GLU D 69 -2.51 -38.08 -6.90
N ASP D 70 -1.93 -37.80 -8.06
CA ASP D 70 -1.73 -38.83 -9.10
C ASP D 70 -0.88 -40.04 -8.68
N TYR D 71 -0.05 -39.88 -7.65
CA TYR D 71 0.81 -40.97 -7.19
C TYR D 71 0.49 -41.44 -5.77
N GLU D 72 0.04 -42.68 -5.64
CA GLU D 72 -0.03 -43.36 -4.35
C GLU D 72 1.36 -43.68 -3.75
N VAL D 73 1.50 -43.42 -2.46
CA VAL D 73 2.78 -43.53 -1.76
C VAL D 73 2.93 -44.91 -1.18
N VAL D 74 3.87 -45.66 -1.73
CA VAL D 74 4.11 -47.02 -1.26
C VAL D 74 4.93 -47.01 0.03
N LYS D 75 5.99 -46.22 0.05
CA LYS D 75 6.86 -46.20 1.20
C LYS D 75 7.71 -44.95 1.22
N VAL D 76 8.14 -44.54 2.40
CA VAL D 76 9.12 -43.47 2.55
C VAL D 76 10.49 -44.10 2.76
N ILE D 77 11.36 -43.90 1.77
CA ILE D 77 12.71 -44.46 1.77
C ILE D 77 13.71 -43.51 2.45
N GLY D 78 13.15 -42.50 3.10
CA GLY D 78 13.89 -41.64 4.01
C GLY D 78 14.06 -40.17 3.66
N ARG D 79 14.44 -39.41 4.69
CA ARG D 79 14.16 -37.98 4.81
C ARG D 79 15.45 -37.15 4.89
N GLY D 80 15.56 -36.10 4.10
CA GLY D 80 16.67 -35.17 4.24
C GLY D 80 16.21 -33.86 4.85
N ALA D 81 17.03 -32.83 4.73
CA ALA D 81 16.78 -31.57 5.40
C ALA D 81 15.68 -30.74 4.72
N PHE D 82 15.66 -30.80 3.38
CA PHE D 82 14.72 -30.02 2.58
C PHE D 82 13.44 -30.78 2.20
N GLY D 83 13.28 -32.00 2.73
CA GLY D 83 12.16 -32.82 2.29
C GLY D 83 12.41 -34.30 2.44
N GLU D 84 11.72 -35.07 1.63
CA GLU D 84 11.75 -36.53 1.76
C GLU D 84 11.67 -37.22 0.39
N VAL D 85 12.22 -38.42 0.33
CA VAL D 85 12.16 -39.24 -0.85
C VAL D 85 11.19 -40.40 -0.57
N GLN D 86 10.30 -40.61 -1.53
CA GLN D 86 9.27 -41.62 -1.43
C GLN D 86 9.30 -42.52 -2.65
N LEU D 87 9.10 -43.81 -2.41
CA LEU D 87 8.72 -44.73 -3.48
C LEU D 87 7.24 -44.56 -3.71
N VAL D 88 6.86 -44.22 -4.95
CA VAL D 88 5.45 -43.96 -5.25
C VAL D 88 5.01 -44.83 -6.41
N ARG D 89 3.70 -45.07 -6.52
CA ARG D 89 3.16 -45.82 -7.65
C ARG D 89 2.15 -44.96 -8.37
N HIS D 90 2.25 -44.88 -9.69
CA HIS D 90 1.28 -44.09 -10.44
C HIS D 90 -0.08 -44.80 -10.31
N LYS D 91 -1.11 -43.99 -10.06
CA LYS D 91 -2.44 -44.45 -9.66
C LYS D 91 -3.15 -45.10 -10.82
N SER D 92 -2.76 -44.74 -12.03
CA SER D 92 -3.35 -45.32 -13.23
C SER D 92 -2.39 -46.24 -14.01
N THR D 93 -1.27 -45.70 -14.47
CA THR D 93 -0.23 -46.52 -15.12
C THR D 93 0.27 -47.69 -14.26
N ARG D 94 0.29 -47.49 -12.95
CA ARG D 94 0.65 -48.56 -12.01
C ARG D 94 2.16 -48.73 -11.93
N LYS D 95 2.87 -47.94 -12.73
CA LYS D 95 4.31 -48.04 -12.77
C LYS D 95 4.77 -47.49 -11.48
N VAL D 96 5.92 -48.01 -11.02
CA VAL D 96 6.59 -47.51 -9.81
C VAL D 96 7.75 -46.56 -10.10
N TYR D 97 7.86 -45.52 -9.28
CA TYR D 97 8.91 -44.51 -9.40
C TYR D 97 9.42 -44.12 -7.99
N ALA D 98 10.58 -43.44 -7.96
CA ALA D 98 11.12 -42.78 -6.77
C ALA D 98 10.76 -41.31 -6.84
N MET D 99 10.11 -40.78 -5.81
CA MET D 99 9.70 -39.39 -5.81
C MET D 99 10.44 -38.59 -4.79
N LYS D 100 11.08 -37.50 -5.26
CA LYS D 100 11.79 -36.54 -4.40
C LYS D 100 10.94 -35.30 -4.25
N LEU D 101 10.63 -34.99 -3.00
CA LEU D 101 9.83 -33.81 -2.63
C LEU D 101 10.72 -32.72 -1.96
N LEU D 102 10.63 -31.48 -2.42
CA LEU D 102 11.39 -30.39 -1.78
C LEU D 102 10.53 -29.19 -1.34
N SER D 103 10.48 -28.98 -0.02
CA SER D 103 9.81 -27.83 0.56
C SER D 103 10.29 -26.53 -0.05
N LYS D 104 9.37 -25.71 -0.53
CA LYS D 104 9.73 -24.42 -1.12
C LYS D 104 9.98 -23.43 0.01
N PHE D 105 9.61 -23.82 1.22
CA PHE D 105 9.85 -23.00 2.40
C PHE D 105 11.33 -23.05 2.80
N GLU D 106 11.79 -24.23 3.17
CA GLU D 106 13.19 -24.41 3.51
C GLU D 106 14.07 -23.88 2.38
N MET D 107 13.84 -24.41 1.19
CA MET D 107 14.81 -24.34 0.10
C MET D 107 15.27 -22.94 -0.26
N ILE D 108 14.47 -21.94 0.08
CA ILE D 108 14.88 -20.57 -0.12
C ILE D 108 15.79 -20.12 1.01
N LYS D 109 15.21 -20.01 2.21
CA LYS D 109 15.85 -19.28 3.29
C LYS D 109 17.25 -19.82 3.62
N ARG D 110 18.26 -18.94 3.46
CA ARG D 110 19.69 -19.14 3.80
C ARG D 110 20.33 -20.32 3.05
N SER D 111 19.47 -21.16 2.48
CA SER D 111 19.92 -22.35 1.78
C SER D 111 19.91 -22.12 0.29
N ASP D 112 19.47 -20.94 -0.12
CA ASP D 112 18.77 -20.79 -1.40
C ASP D 112 19.40 -21.55 -2.56
N SER D 113 20.56 -21.07 -3.03
CA SER D 113 21.53 -21.86 -3.81
C SER D 113 21.04 -22.42 -5.18
N ALA D 114 19.73 -22.30 -5.47
CA ALA D 114 19.19 -22.62 -6.80
C ALA D 114 19.61 -24.02 -7.28
N PHE D 115 19.79 -24.90 -6.29
CA PHE D 115 20.38 -26.23 -6.45
C PHE D 115 19.46 -27.28 -7.09
N PHE D 116 18.16 -27.13 -6.87
CA PHE D 116 17.18 -27.94 -7.57
C PHE D 116 17.22 -27.81 -9.12
N TRP D 117 17.86 -26.78 -9.65
CA TRP D 117 18.01 -26.72 -11.10
C TRP D 117 19.11 -27.67 -11.59
N GLU D 118 20.24 -27.68 -10.92
CA GLU D 118 21.31 -28.53 -11.34
C GLU D 118 20.89 -29.99 -11.16
N GLU D 119 20.36 -30.28 -9.96
CA GLU D 119 19.94 -31.65 -9.61
C GLU D 119 18.92 -32.14 -10.61
N ARG D 120 18.00 -31.25 -10.97
CA ARG D 120 17.05 -31.50 -12.05
C ARG D 120 17.71 -31.78 -13.39
N ASP D 121 18.33 -30.76 -13.95
CA ASP D 121 18.93 -30.86 -15.29
C ASP D 121 19.90 -32.02 -15.42
N ILE D 122 20.71 -32.25 -14.39
CA ILE D 122 21.54 -33.44 -14.44
C ILE D 122 20.69 -34.65 -14.82
N MET D 123 19.78 -35.06 -13.93
CA MET D 123 18.98 -36.28 -14.11
C MET D 123 18.11 -36.31 -15.39
N ALA D 124 17.59 -35.15 -15.77
CA ALA D 124 16.62 -35.08 -16.85
C ALA D 124 17.30 -35.22 -18.21
N PHE D 125 18.42 -34.52 -18.35
CA PHE D 125 19.16 -34.46 -19.62
C PHE D 125 20.45 -35.29 -19.78
N ALA D 126 20.88 -36.00 -18.73
CA ALA D 126 22.16 -36.69 -18.81
C ALA D 126 22.14 -37.71 -19.94
N ASN D 127 20.97 -38.26 -20.23
CA ASN D 127 20.89 -39.36 -21.20
C ASN D 127 22.09 -40.26 -20.97
N SER D 128 22.10 -40.98 -19.85
CA SER D 128 23.24 -41.81 -19.55
C SER D 128 22.87 -43.06 -18.77
N PRO D 129 23.59 -44.16 -19.01
CA PRO D 129 23.34 -45.34 -18.19
C PRO D 129 23.75 -45.18 -16.71
N TRP D 130 24.64 -44.25 -16.42
CA TRP D 130 25.20 -44.19 -15.07
C TRP D 130 24.44 -43.19 -14.22
N VAL D 131 23.42 -42.61 -14.82
CA VAL D 131 22.70 -41.55 -14.13
C VAL D 131 21.20 -41.79 -14.10
N VAL D 132 20.66 -41.91 -12.89
CA VAL D 132 19.21 -42.11 -12.69
C VAL D 132 18.47 -41.02 -13.46
N GLN D 133 17.36 -41.37 -14.08
CA GLN D 133 16.69 -40.49 -15.01
C GLN D 133 15.51 -39.75 -14.35
N LEU D 134 15.40 -38.44 -14.59
CA LEU D 134 14.15 -37.71 -14.32
C LEU D 134 13.15 -37.95 -15.45
N PHE D 135 11.96 -38.40 -15.08
CA PHE D 135 10.85 -38.57 -16.02
C PHE D 135 10.01 -37.32 -16.04
N TYR D 136 9.50 -36.98 -14.87
CA TYR D 136 8.69 -35.78 -14.75
C TYR D 136 9.15 -34.87 -13.62
N ALA D 137 8.86 -33.58 -13.77
CA ALA D 137 9.04 -32.62 -12.70
C ALA D 137 7.82 -31.71 -12.66
N PHE D 138 7.21 -31.57 -11.49
CA PHE D 138 6.06 -30.69 -11.34
C PHE D 138 6.06 -30.08 -9.92
N GLN D 139 5.06 -29.25 -9.64
CA GLN D 139 4.99 -28.49 -8.39
C GLN D 139 3.57 -28.17 -7.92
N ASP D 140 3.51 -27.70 -6.68
CA ASP D 140 2.34 -27.01 -6.17
C ASP D 140 2.77 -25.82 -5.28
N ASP D 141 1.85 -25.21 -4.55
CA ASP D 141 2.24 -24.05 -3.75
C ASP D 141 3.27 -24.36 -2.64
N ARG D 142 3.46 -25.66 -2.35
CA ARG D 142 4.23 -26.12 -1.19
C ARG D 142 5.53 -26.82 -1.53
N TYR D 143 5.46 -27.90 -2.30
CA TYR D 143 6.64 -28.71 -2.63
C TYR D 143 7.05 -28.63 -4.09
N LEU D 144 8.36 -28.83 -4.32
CA LEU D 144 8.86 -29.27 -5.61
C LEU D 144 8.75 -30.78 -5.68
N TYR D 145 8.51 -31.31 -6.88
CA TYR D 145 8.44 -32.75 -7.04
C TYR D 145 9.38 -33.19 -8.14
N MET D 146 10.10 -34.28 -7.94
CA MET D 146 10.84 -34.90 -9.03
C MET D 146 10.54 -36.40 -9.09
N VAL D 147 10.16 -36.86 -10.28
CA VAL D 147 9.81 -38.27 -10.45
C VAL D 147 10.91 -39.05 -11.19
N MET D 148 11.53 -39.98 -10.48
CA MET D 148 12.70 -40.69 -10.98
C MET D 148 12.57 -42.21 -11.30
N GLU D 149 13.45 -42.66 -12.18
CA GLU D 149 13.52 -44.07 -12.58
C GLU D 149 13.58 -44.88 -11.30
N TYR D 150 12.79 -45.92 -11.21
CA TYR D 150 12.92 -46.81 -10.06
C TYR D 150 14.20 -47.62 -10.19
N MET D 151 14.86 -47.78 -9.04
CA MET D 151 16.07 -48.58 -8.91
C MET D 151 15.81 -49.61 -7.85
N PRO D 152 15.21 -50.75 -8.28
CA PRO D 152 14.66 -51.85 -7.47
C PRO D 152 15.72 -52.54 -6.60
N GLY D 153 16.97 -52.58 -7.08
CA GLY D 153 18.09 -53.17 -6.35
C GLY D 153 18.28 -52.61 -4.96
N GLY D 154 18.46 -51.29 -4.84
CA GLY D 154 18.47 -50.64 -3.55
C GLY D 154 19.62 -49.65 -3.63
N ASP D 155 20.10 -49.16 -2.49
CA ASP D 155 21.32 -48.35 -2.55
C ASP D 155 22.53 -49.04 -1.91
N LEU D 156 23.67 -48.39 -2.03
CA LEU D 156 24.92 -48.95 -1.56
C LEU D 156 24.97 -49.06 -0.01
N VAL D 157 24.33 -48.12 0.67
CA VAL D 157 24.44 -48.07 2.12
C VAL D 157 23.83 -49.34 2.68
N ASN D 158 22.73 -49.73 2.04
CA ASN D 158 22.06 -50.99 2.31
C ASN D 158 23.04 -52.15 2.10
N LEU D 159 23.76 -52.09 0.99
CA LEU D 159 24.64 -53.18 0.63
C LEU D 159 25.73 -53.42 1.67
N MET D 160 26.45 -52.36 2.06
CA MET D 160 27.50 -52.46 3.07
C MET D 160 27.03 -53.05 4.41
N SER D 161 25.79 -52.73 4.79
CA SER D 161 25.20 -53.29 6.00
C SER D 161 24.90 -54.77 5.83
N ASN D 162 24.60 -55.17 4.60
CA ASN D 162 24.21 -56.54 4.34
C ASN D 162 25.40 -57.48 4.27
N TYR D 163 26.42 -57.09 3.51
CA TYR D 163 27.61 -57.89 3.24
C TYR D 163 28.90 -57.18 3.69
N ASP D 164 29.91 -57.93 4.11
CA ASP D 164 31.27 -57.38 4.14
C ASP D 164 31.83 -57.44 2.71
N VAL D 165 32.14 -56.28 2.16
CA VAL D 165 32.35 -56.15 0.71
C VAL D 165 33.79 -56.31 0.24
N PRO D 166 34.07 -57.42 -0.45
CA PRO D 166 35.40 -57.72 -1.00
C PRO D 166 35.88 -56.68 -2.02
N GLU D 167 37.20 -56.48 -2.13
CA GLU D 167 37.77 -55.58 -3.13
C GLU D 167 37.26 -55.87 -4.57
N LYS D 168 37.05 -57.14 -4.90
CA LYS D 168 36.49 -57.50 -6.20
C LYS D 168 35.24 -56.65 -6.46
N TRP D 169 34.32 -56.64 -5.49
CA TRP D 169 33.13 -55.79 -5.54
C TRP D 169 33.49 -54.33 -5.52
N ALA D 170 34.26 -53.94 -4.51
CA ALA D 170 34.62 -52.56 -4.29
C ALA D 170 35.18 -51.93 -5.55
N ARG D 171 36.04 -52.66 -6.26
CA ARG D 171 36.59 -52.16 -7.50
C ARG D 171 35.47 -51.88 -8.51
N PHE D 172 34.50 -52.78 -8.55
CA PHE D 172 33.38 -52.68 -9.50
C PHE D 172 32.51 -51.43 -9.32
N TYR D 173 31.98 -51.23 -8.11
CA TYR D 173 31.14 -50.07 -7.88
C TYR D 173 31.97 -48.83 -8.02
N THR D 174 33.18 -48.87 -7.47
CA THR D 174 34.11 -47.76 -7.58
C THR D 174 34.28 -47.31 -9.05
N ALA D 175 34.44 -48.28 -9.95
CA ALA D 175 34.67 -47.96 -11.35
C ALA D 175 33.45 -47.32 -12.04
N GLU D 176 32.26 -47.85 -11.72
CA GLU D 176 30.99 -47.35 -12.28
C GLU D 176 30.68 -45.94 -11.77
N VAL D 177 30.77 -45.76 -10.45
CA VAL D 177 30.73 -44.42 -9.88
C VAL D 177 31.70 -43.49 -10.60
N VAL D 178 32.92 -43.95 -10.85
CA VAL D 178 33.87 -43.18 -11.66
C VAL D 178 33.26 -42.76 -13.03
N LEU D 179 32.55 -43.69 -13.66
CA LEU D 179 31.97 -43.49 -14.99
C LEU D 179 30.76 -42.55 -14.95
N ALA D 180 30.03 -42.56 -13.84
CA ALA D 180 28.87 -41.72 -13.63
C ALA D 180 29.31 -40.29 -13.43
N LEU D 181 30.35 -40.08 -12.62
CA LEU D 181 30.95 -38.74 -12.42
C LEU D 181 31.56 -38.12 -13.69
N ASP D 182 32.21 -38.94 -14.51
CA ASP D 182 32.64 -38.48 -15.82
C ASP D 182 31.45 -37.92 -16.56
N ALA D 183 30.37 -38.69 -16.58
CA ALA D 183 29.18 -38.29 -17.30
C ALA D 183 28.66 -36.97 -16.76
N ILE D 184 28.49 -36.87 -15.46
CA ILE D 184 28.00 -35.63 -14.86
C ILE D 184 28.92 -34.41 -15.09
N HIS D 185 30.21 -34.67 -15.21
CA HIS D 185 31.16 -33.61 -15.38
C HIS D 185 31.18 -33.06 -16.79
N SER D 186 30.97 -33.92 -17.77
CA SER D 186 31.06 -33.51 -19.17
C SER D 186 29.79 -32.81 -19.63
N MET D 187 28.83 -32.69 -18.74
CA MET D 187 27.75 -31.72 -18.88
C MET D 187 28.18 -30.46 -18.18
N GLY D 188 29.29 -30.55 -17.46
CA GLY D 188 29.83 -29.44 -16.68
C GLY D 188 29.12 -29.24 -15.37
N PHE D 189 28.78 -30.36 -14.71
CA PHE D 189 28.04 -30.30 -13.46
C PHE D 189 28.82 -30.85 -12.33
N ILE D 190 28.44 -30.42 -11.13
CA ILE D 190 29.09 -30.91 -9.92
C ILE D 190 28.06 -31.64 -9.08
N HIS D 191 28.15 -32.97 -8.98
CA HIS D 191 27.16 -33.71 -8.21
C HIS D 191 26.93 -33.14 -6.82
N ARG D 192 28.02 -32.86 -6.13
CA ARG D 192 28.04 -32.14 -4.86
C ARG D 192 27.64 -33.03 -3.69
N ASP D 193 26.94 -34.12 -3.93
CA ASP D 193 26.77 -35.03 -2.82
C ASP D 193 26.94 -36.42 -3.30
N VAL D 194 28.09 -37.00 -2.96
CA VAL D 194 28.46 -38.31 -3.44
C VAL D 194 28.65 -39.18 -2.22
N LYS D 195 27.76 -40.13 -2.04
CA LYS D 195 27.78 -41.01 -0.89
C LYS D 195 27.05 -42.24 -1.34
N PRO D 196 27.02 -43.28 -0.50
CA PRO D 196 26.41 -44.55 -0.90
C PRO D 196 24.89 -44.42 -1.02
N ASP D 197 24.34 -43.44 -0.29
CA ASP D 197 22.92 -43.09 -0.37
C ASP D 197 22.48 -42.72 -1.79
N ASN D 198 23.31 -41.97 -2.50
CA ASN D 198 22.96 -41.57 -3.86
C ASN D 198 23.49 -42.55 -4.93
N MET D 199 24.07 -43.66 -4.48
CA MET D 199 24.41 -44.69 -5.44
C MET D 199 23.38 -45.80 -5.36
N LEU D 200 22.55 -45.89 -6.38
CA LEU D 200 21.48 -46.88 -6.41
C LEU D 200 21.77 -47.93 -7.47
N LEU D 201 21.22 -49.12 -7.24
CA LEU D 201 21.47 -50.30 -8.06
C LEU D 201 20.24 -50.75 -8.84
N ASP D 202 20.38 -50.95 -10.16
CA ASP D 202 19.24 -51.35 -10.98
C ASP D 202 18.93 -52.85 -10.82
N LYS D 203 18.08 -53.41 -11.68
CA LYS D 203 17.74 -54.83 -11.57
C LYS D 203 18.76 -55.78 -12.21
N SER D 204 19.81 -55.23 -12.84
CA SER D 204 20.96 -56.05 -13.27
C SER D 204 22.06 -56.03 -12.20
N GLY D 205 21.80 -55.31 -11.11
CA GLY D 205 22.78 -55.11 -10.07
C GLY D 205 23.68 -53.91 -10.31
N HIS D 206 23.56 -53.26 -11.47
CA HIS D 206 24.44 -52.12 -11.84
C HIS D 206 24.02 -50.79 -11.22
N LEU D 207 25.01 -49.94 -11.01
CA LEU D 207 24.87 -48.73 -10.21
C LEU D 207 24.68 -47.53 -11.07
N LYS D 208 23.87 -46.59 -10.59
CA LYS D 208 23.64 -45.29 -11.21
C LYS D 208 23.66 -44.28 -10.07
N LEU D 209 23.82 -43.00 -10.43
CA LEU D 209 23.86 -41.91 -9.47
C LEU D 209 22.52 -41.19 -9.42
N ALA D 210 22.07 -40.90 -8.21
CA ALA D 210 20.86 -40.10 -7.99
C ALA D 210 21.19 -38.94 -7.08
N ASP D 211 20.21 -38.07 -6.84
CA ASP D 211 20.35 -36.95 -5.91
C ASP D 211 19.08 -36.87 -5.02
N PHE D 212 19.31 -36.92 -3.71
CA PHE D 212 18.26 -37.15 -2.72
C PHE D 212 18.60 -36.29 -1.51
N GLY D 213 17.94 -36.58 -0.38
CA GLY D 213 18.33 -36.00 0.90
C GLY D 213 19.24 -36.90 1.72
N THR D 214 19.43 -36.53 2.99
CA THR D 214 20.38 -37.18 3.88
C THR D 214 19.66 -38.25 4.69
N CYS D 215 20.38 -38.94 5.58
CA CYS D 215 20.04 -40.32 5.96
C CYS D 215 21.06 -40.92 6.92
N MET D 216 20.84 -42.15 7.37
CA MET D 216 19.55 -42.74 7.64
C MET D 216 19.31 -42.84 9.13
N LYS D 217 20.34 -42.45 9.88
CA LYS D 217 20.50 -42.83 11.27
C LYS D 217 19.41 -42.24 12.15
N MET D 218 19.10 -42.94 13.25
CA MET D 218 18.02 -42.55 14.14
C MET D 218 18.13 -43.24 15.49
N ASN D 219 17.08 -43.07 16.30
CA ASN D 219 16.74 -44.00 17.36
C ASN D 219 17.75 -44.20 18.50
N LYS D 220 18.41 -43.13 18.90
CA LYS D 220 19.13 -43.08 20.18
C LYS D 220 20.18 -44.17 20.44
N GLU D 221 20.80 -44.71 19.39
CA GLU D 221 22.01 -45.51 19.56
C GLU D 221 22.98 -45.08 18.47
N GLY D 222 24.14 -44.56 18.86
CA GLY D 222 24.97 -43.86 17.89
C GLY D 222 24.03 -42.93 17.14
N MET D 223 23.19 -42.23 17.89
CA MET D 223 21.87 -41.77 17.44
C MET D 223 21.76 -41.08 16.06
N VAL D 224 22.22 -39.84 15.93
CA VAL D 224 22.25 -39.17 14.62
C VAL D 224 23.26 -38.04 14.57
N ARG D 225 23.78 -37.75 13.38
CA ARG D 225 23.92 -36.37 12.95
C ARG D 225 24.04 -36.14 11.40
N CYS D 226 23.31 -35.15 10.91
CA CYS D 226 23.07 -35.01 9.49
C CYS D 226 23.49 -33.62 9.01
N ASP D 227 22.89 -32.60 9.60
CA ASP D 227 23.25 -31.21 9.31
C ASP D 227 23.02 -30.69 7.89
N THR D 228 21.77 -30.40 7.55
CA THR D 228 21.45 -29.26 6.71
C THR D 228 22.45 -29.24 5.56
N ALA D 229 22.99 -28.06 5.30
CA ALA D 229 24.36 -27.92 4.80
C ALA D 229 24.87 -28.92 3.76
N VAL D 230 24.39 -28.78 2.52
CA VAL D 230 25.05 -29.34 1.33
C VAL D 230 25.52 -30.80 1.48
N GLY D 231 24.57 -31.70 1.63
CA GLY D 231 24.90 -33.10 1.69
C GLY D 231 25.42 -33.50 3.05
N THR D 232 25.81 -34.77 3.15
CA THR D 232 26.13 -35.43 4.43
C THR D 232 27.59 -35.27 4.82
N PRO D 233 27.84 -35.13 6.13
CA PRO D 233 29.08 -34.66 6.77
C PRO D 233 30.35 -35.44 6.39
N ASP D 234 30.27 -36.76 6.44
CA ASP D 234 31.44 -37.62 6.24
C ASP D 234 32.14 -37.51 4.90
N TYR D 235 31.35 -37.26 3.86
CA TYR D 235 31.87 -37.42 2.49
C TYR D 235 32.32 -36.11 1.85
N ILE D 236 32.30 -35.01 2.60
CA ILE D 236 32.60 -33.69 1.99
C ILE D 236 34.06 -33.22 2.09
N SER D 237 34.53 -32.51 1.08
CA SER D 237 35.93 -32.09 1.03
C SER D 237 36.30 -30.87 1.95
N PRO D 238 37.61 -30.63 2.10
CA PRO D 238 38.03 -29.45 2.86
C PRO D 238 37.53 -28.18 2.19
N GLU D 239 37.65 -28.07 0.86
CA GLU D 239 37.21 -26.85 0.12
C GLU D 239 35.69 -26.61 0.21
N VAL D 240 34.91 -27.64 -0.09
CA VAL D 240 33.47 -27.60 0.15
C VAL D 240 33.18 -27.09 1.58
N LEU D 241 34.08 -27.43 2.51
CA LEU D 241 34.02 -26.98 3.90
C LEU D 241 34.44 -25.51 4.13
N LYS D 242 35.53 -25.09 3.48
CA LYS D 242 35.98 -23.69 3.46
C LYS D 242 35.04 -22.76 2.66
N SER D 243 34.18 -23.35 1.84
CA SER D 243 32.96 -22.68 1.40
C SER D 243 32.04 -22.71 2.60
N GLN D 244 30.77 -22.40 2.42
CA GLN D 244 29.80 -22.47 3.54
C GLN D 244 30.16 -21.37 4.54
N GLY D 245 31.38 -20.87 4.40
CA GLY D 245 31.76 -19.56 4.91
C GLY D 245 31.92 -18.68 3.68
N GLY D 246 31.53 -19.21 2.52
CA GLY D 246 31.35 -18.43 1.30
C GLY D 246 32.57 -17.75 0.68
N ASP D 247 33.77 -18.13 1.12
CA ASP D 247 35.00 -17.46 0.69
C ASP D 247 35.63 -18.09 -0.54
N GLY D 248 36.04 -19.36 -0.39
CA GLY D 248 36.71 -20.10 -1.45
C GLY D 248 35.72 -20.74 -2.38
N TYR D 249 36.11 -20.87 -3.65
CA TYR D 249 35.23 -21.40 -4.70
C TYR D 249 35.59 -22.86 -4.99
N TYR D 250 34.75 -23.81 -4.57
CA TYR D 250 35.08 -25.22 -4.81
C TYR D 250 34.54 -25.64 -6.16
N GLY D 251 34.80 -26.89 -6.55
CA GLY D 251 34.48 -27.38 -7.89
C GLY D 251 34.33 -28.88 -8.05
N ARG D 252 34.10 -29.29 -9.29
CA ARG D 252 33.85 -30.70 -9.63
C ARG D 252 34.95 -31.64 -9.14
N GLU D 253 36.11 -31.09 -8.81
CA GLU D 253 37.14 -31.91 -8.21
C GLU D 253 36.62 -32.55 -6.93
N CYS D 254 35.72 -31.85 -6.24
CA CYS D 254 35.22 -32.27 -4.92
C CYS D 254 34.41 -33.56 -4.98
N ASP D 255 34.04 -33.93 -6.20
CA ASP D 255 33.36 -35.19 -6.44
C ASP D 255 34.30 -36.40 -6.28
N TRP D 256 35.59 -36.21 -6.61
CA TRP D 256 36.58 -37.29 -6.53
C TRP D 256 37.01 -37.61 -5.09
N TRP D 257 37.16 -36.57 -4.27
CA TRP D 257 37.36 -36.78 -2.83
C TRP D 257 36.31 -37.77 -2.28
N SER D 258 35.06 -37.53 -2.62
CA SER D 258 33.98 -38.35 -2.10
C SER D 258 34.19 -39.80 -2.48
N VAL D 259 34.81 -40.03 -3.63
CA VAL D 259 35.07 -41.37 -4.11
C VAL D 259 36.15 -42.01 -3.24
N GLY D 260 37.08 -41.19 -2.76
CA GLY D 260 38.05 -41.66 -1.79
C GLY D 260 37.42 -42.23 -0.51
N VAL D 261 36.47 -41.49 0.05
CA VAL D 261 35.74 -41.89 1.24
C VAL D 261 34.89 -43.14 0.98
N PHE D 262 34.30 -43.18 -0.19
CA PHE D 262 33.47 -44.31 -0.57
C PHE D 262 34.26 -45.60 -0.48
N LEU D 263 35.44 -45.58 -1.10
CA LEU D 263 36.34 -46.73 -1.15
C LEU D 263 36.90 -47.05 0.21
N TYR D 264 37.33 -46.03 0.93
CA TYR D 264 37.71 -46.27 2.30
C TYR D 264 36.55 -46.94 3.02
N GLU D 265 35.40 -46.28 3.04
CA GLU D 265 34.21 -46.83 3.71
C GLU D 265 33.87 -48.27 3.31
N MET D 266 34.02 -48.60 2.03
CA MET D 266 33.73 -49.98 1.63
C MET D 266 34.74 -51.01 2.18
N LEU D 267 36.04 -50.72 2.05
CA LEU D 267 37.11 -51.65 2.45
C LEU D 267 37.31 -51.78 3.98
N VAL D 268 37.36 -50.64 4.67
CA VAL D 268 37.56 -50.57 6.13
C VAL D 268 36.28 -50.74 6.96
N GLY D 269 35.15 -50.26 6.43
CA GLY D 269 33.90 -50.38 7.14
C GLY D 269 33.62 -49.27 8.13
N ASP D 270 34.51 -48.29 8.20
CA ASP D 270 34.22 -47.02 8.89
C ASP D 270 34.41 -45.85 7.93
N THR D 271 33.93 -44.69 8.32
CA THR D 271 34.33 -43.52 7.56
C THR D 271 35.69 -43.07 8.09
N PRO D 272 36.55 -42.65 7.15
CA PRO D 272 37.91 -42.21 7.47
C PRO D 272 37.92 -41.16 8.56
N PHE D 273 37.07 -40.17 8.38
CA PHE D 273 37.06 -38.99 9.21
C PHE D 273 36.00 -38.97 10.29
N TYR D 274 35.35 -40.11 10.43
CA TYR D 274 34.28 -40.27 11.40
C TYR D 274 34.74 -39.79 12.75
N ALA D 275 33.93 -38.92 13.33
CA ALA D 275 34.06 -38.57 14.72
C ALA D 275 32.67 -38.75 15.34
N ASP D 276 32.65 -38.99 16.64
CA ASP D 276 31.40 -39.14 17.37
C ASP D 276 30.70 -37.79 17.62
N SER D 277 31.39 -36.69 17.29
CA SER D 277 30.76 -35.38 17.31
C SER D 277 30.74 -34.89 15.87
N LEU D 278 29.82 -33.98 15.55
CA LEU D 278 29.82 -33.38 14.21
C LEU D 278 30.96 -32.38 14.04
N VAL D 279 31.42 -31.82 15.15
CA VAL D 279 32.57 -30.92 15.13
C VAL D 279 33.88 -31.69 14.88
N GLY D 280 34.09 -32.79 15.60
CA GLY D 280 35.27 -33.62 15.43
C GLY D 280 35.57 -34.06 14.00
N THR D 281 34.54 -34.13 13.17
CA THR D 281 34.66 -34.60 11.78
C THR D 281 35.21 -33.58 10.78
N TYR D 282 34.74 -32.33 10.86
CA TYR D 282 35.29 -31.24 10.08
C TYR D 282 36.74 -31.04 10.40
N SER D 283 37.04 -30.95 11.69
CA SER D 283 38.42 -30.82 12.15
C SER D 283 39.30 -31.98 11.69
N LYS D 284 38.80 -33.21 11.86
CA LYS D 284 39.52 -34.40 11.40
C LYS D 284 39.66 -34.33 9.90
N ILE D 285 38.59 -33.97 9.23
CA ILE D 285 38.62 -33.85 7.78
C ILE D 285 39.67 -32.82 7.42
N MET D 286 39.61 -31.65 8.04
CA MET D 286 40.48 -30.57 7.59
C MET D 286 41.91 -30.92 7.93
N ASN D 287 42.02 -31.82 8.90
CA ASN D 287 43.30 -32.37 9.39
C ASN D 287 43.73 -33.65 8.64
N HIS D 288 43.09 -33.94 7.50
CA HIS D 288 43.25 -35.26 6.87
C HIS D 288 44.70 -35.76 6.85
N LYS D 289 45.67 -34.86 6.61
CA LYS D 289 47.09 -35.25 6.60
C LYS D 289 47.48 -36.10 7.79
N ASN D 290 47.22 -35.62 9.00
CA ASN D 290 47.43 -36.42 10.21
C ASN D 290 46.25 -37.30 10.57
N SER D 291 45.13 -37.04 9.90
CA SER D 291 43.85 -37.63 10.30
C SER D 291 43.69 -39.07 9.78
N LEU D 292 44.03 -39.24 8.51
CA LEU D 292 43.81 -40.49 7.80
C LEU D 292 44.86 -41.54 8.17
N THR D 293 44.40 -42.63 8.79
CA THR D 293 45.23 -43.78 9.11
C THR D 293 44.57 -44.95 8.43
N PHE D 294 45.31 -46.04 8.22
CA PHE D 294 44.66 -47.33 8.02
C PHE D 294 45.05 -48.21 9.18
N PRO D 295 44.15 -49.12 9.59
CA PRO D 295 44.41 -49.85 10.84
C PRO D 295 45.69 -50.70 10.81
N ASP D 296 45.89 -51.43 11.89
CA ASP D 296 47.17 -52.06 12.17
C ASP D 296 47.34 -53.39 11.42
N ASP D 297 46.38 -53.66 10.53
CA ASP D 297 46.38 -54.87 9.71
C ASP D 297 47.59 -54.88 8.80
N ASN D 298 47.76 -55.98 8.09
CA ASN D 298 48.46 -55.97 6.80
C ASN D 298 47.44 -56.16 5.64
N ASP D 299 46.16 -56.36 6.00
CA ASP D 299 45.13 -57.04 5.16
C ASP D 299 44.75 -56.37 3.82
N ILE D 300 44.37 -55.08 3.86
CA ILE D 300 43.91 -54.35 2.70
C ILE D 300 45.02 -54.17 1.65
N SER D 301 44.74 -54.53 0.41
CA SER D 301 45.73 -54.51 -0.67
C SER D 301 46.41 -53.16 -0.78
N LYS D 302 47.65 -53.14 -1.26
CA LYS D 302 48.40 -51.88 -1.35
C LYS D 302 47.74 -50.80 -2.21
N GLU D 303 47.39 -51.12 -3.47
CA GLU D 303 46.82 -50.09 -4.38
C GLU D 303 45.39 -49.65 -4.05
N ALA D 304 44.64 -50.46 -3.30
CA ALA D 304 43.38 -50.01 -2.71
C ALA D 304 43.69 -48.72 -1.94
N LYS D 305 44.55 -48.86 -0.94
CA LYS D 305 45.16 -47.76 -0.22
C LYS D 305 45.78 -46.62 -1.11
N ASN D 306 46.42 -46.94 -2.23
CA ASN D 306 46.94 -45.85 -3.08
C ASN D 306 45.81 -44.96 -3.56
N LEU D 307 44.78 -45.59 -4.12
CA LEU D 307 43.63 -44.87 -4.65
C LEU D 307 42.98 -43.97 -3.61
N ILE D 308 42.65 -44.53 -2.46
CA ILE D 308 42.05 -43.72 -1.40
C ILE D 308 42.89 -42.47 -1.17
N CYS D 309 44.17 -42.68 -0.85
CA CYS D 309 45.11 -41.58 -0.60
C CYS D 309 45.25 -40.62 -1.79
N ALA D 310 45.20 -41.17 -3.02
CA ALA D 310 45.24 -40.34 -4.22
C ALA D 310 44.08 -39.33 -4.25
N PHE D 311 42.91 -39.78 -3.82
CA PHE D 311 41.73 -38.95 -3.80
C PHE D 311 41.70 -38.09 -2.54
N LEU D 312 42.10 -38.64 -1.41
CA LEU D 312 42.06 -37.82 -0.21
C LEU D 312 43.40 -37.07 -0.04
N THR D 313 43.32 -35.77 -0.28
CA THR D 313 44.47 -34.87 -0.32
C THR D 313 43.83 -33.54 -0.54
N ASP D 314 44.62 -32.48 -0.32
CA ASP D 314 44.17 -31.11 -0.61
C ASP D 314 43.84 -30.94 -2.10
N ARG D 315 42.98 -29.99 -2.41
CA ARG D 315 42.29 -29.97 -3.72
C ARG D 315 43.15 -29.99 -4.98
N GLU D 316 44.32 -29.35 -4.92
CA GLU D 316 45.11 -29.03 -6.11
C GLU D 316 45.76 -30.26 -6.68
N VAL D 317 46.33 -31.06 -5.78
CA VAL D 317 47.05 -32.27 -6.12
C VAL D 317 46.12 -33.50 -6.14
N ARG D 318 44.82 -33.27 -5.91
CA ARG D 318 43.86 -34.38 -5.88
C ARG D 318 43.79 -35.06 -7.23
N LEU D 319 43.51 -36.35 -7.21
CA LEU D 319 43.45 -37.11 -8.44
C LEU D 319 42.25 -36.68 -9.30
N GLY D 320 42.35 -36.91 -10.60
CA GLY D 320 41.33 -36.46 -11.52
C GLY D 320 41.47 -35.00 -11.85
N ARG D 321 42.48 -34.36 -11.26
CA ARG D 321 42.72 -32.92 -11.46
C ARG D 321 43.26 -32.66 -12.86
N ASN D 322 43.91 -33.68 -13.41
CA ASN D 322 44.31 -33.71 -14.83
C ASN D 322 43.25 -34.42 -15.70
N GLY D 323 42.13 -34.79 -15.08
CA GLY D 323 41.07 -35.56 -15.74
C GLY D 323 40.86 -37.01 -15.31
N VAL D 324 39.92 -37.67 -15.99
CA VAL D 324 39.43 -38.97 -15.55
C VAL D 324 40.18 -40.16 -16.18
N GLU D 325 41.09 -39.84 -17.08
CA GLU D 325 41.91 -40.85 -17.72
C GLU D 325 42.99 -41.38 -16.76
N GLU D 326 43.63 -40.46 -16.03
CA GLU D 326 44.67 -40.84 -15.09
C GLU D 326 44.05 -41.56 -13.89
N ILE D 327 42.73 -41.45 -13.77
CA ILE D 327 41.99 -42.26 -12.80
C ILE D 327 41.80 -43.71 -13.27
N LYS D 328 41.39 -43.88 -14.54
CA LYS D 328 41.16 -45.21 -15.11
C LYS D 328 42.44 -46.03 -15.20
N ARG D 329 43.55 -45.34 -15.41
CA ARG D 329 44.82 -46.05 -15.55
C ARG D 329 45.37 -46.59 -14.23
N HIS D 330 44.73 -46.24 -13.12
CA HIS D 330 45.20 -46.68 -11.80
C HIS D 330 45.31 -48.20 -11.66
N LEU D 331 46.29 -48.61 -10.87
CA LEU D 331 46.62 -50.02 -10.70
C LEU D 331 45.50 -50.76 -10.02
N PHE D 332 44.68 -50.04 -9.24
CA PHE D 332 43.54 -50.64 -8.56
C PHE D 332 42.50 -51.24 -9.53
N PHE D 333 42.22 -50.53 -10.62
CA PHE D 333 41.24 -51.04 -11.58
C PHE D 333 41.79 -52.08 -12.53
N LYS D 334 43.07 -52.41 -12.39
CA LYS D 334 43.62 -53.51 -13.17
C LYS D 334 42.98 -54.90 -12.83
N ASN D 335 42.45 -55.58 -13.86
CA ASN D 335 41.86 -56.92 -13.71
C ASN D 335 41.42 -57.57 -15.02
N ASP D 336 41.18 -58.88 -14.95
CA ASP D 336 40.77 -59.69 -16.09
C ASP D 336 39.28 -59.99 -16.11
N GLN D 337 38.56 -59.50 -15.10
CA GLN D 337 37.12 -59.69 -15.06
C GLN D 337 36.40 -58.71 -16.02
N TRP D 338 36.78 -57.44 -15.99
CA TRP D 338 36.13 -56.51 -16.92
C TRP D 338 37.06 -55.41 -17.46
N ALA D 339 36.61 -54.75 -18.53
CA ALA D 339 37.30 -53.59 -19.06
C ALA D 339 36.37 -52.38 -18.99
N TRP D 340 36.95 -51.18 -18.93
CA TRP D 340 36.17 -49.96 -18.85
C TRP D 340 35.05 -49.92 -19.88
N GLU D 341 35.31 -50.41 -21.09
CA GLU D 341 34.35 -50.25 -22.20
C GLU D 341 33.34 -51.41 -22.38
N THR D 342 33.52 -52.50 -21.65
CA THR D 342 32.44 -53.48 -21.50
C THR D 342 31.76 -53.12 -20.19
N LEU D 343 32.40 -53.44 -19.08
CA LEU D 343 31.91 -52.99 -17.77
C LEU D 343 30.43 -53.29 -17.57
N ARG D 344 29.59 -52.26 -17.58
CA ARG D 344 28.18 -52.50 -17.31
C ARG D 344 27.63 -53.70 -18.13
N ASP D 345 28.23 -53.99 -19.29
CA ASP D 345 27.88 -55.23 -20.00
C ASP D 345 28.12 -56.51 -19.13
N THR D 346 29.01 -56.42 -18.14
CA THR D 346 29.37 -57.57 -17.30
C THR D 346 28.29 -57.95 -16.25
N VAL D 347 28.61 -58.94 -15.40
CA VAL D 347 27.69 -59.42 -14.36
C VAL D 347 28.00 -58.87 -12.96
N ALA D 348 26.99 -58.33 -12.28
CA ALA D 348 27.27 -57.59 -11.07
C ALA D 348 27.33 -58.46 -9.84
N PRO D 349 28.19 -58.10 -8.90
CA PRO D 349 28.48 -58.94 -7.74
C PRO D 349 27.21 -59.25 -6.92
N VAL D 350 26.21 -58.39 -6.98
CA VAL D 350 24.91 -58.65 -6.36
C VAL D 350 23.80 -58.30 -7.34
N VAL D 351 23.05 -59.31 -7.79
CA VAL D 351 21.85 -59.07 -8.56
C VAL D 351 20.64 -59.27 -7.64
N PRO D 352 19.71 -58.29 -7.62
CA PRO D 352 18.55 -58.37 -6.71
C PRO D 352 17.47 -59.38 -7.15
N ASP D 353 16.86 -60.05 -6.17
CA ASP D 353 15.85 -61.08 -6.46
C ASP D 353 14.63 -60.50 -7.16
N LEU D 354 14.17 -61.20 -8.21
CA LEU D 354 13.06 -60.71 -9.04
C LEU D 354 11.81 -60.24 -8.28
N SER D 355 11.07 -61.18 -7.70
CA SER D 355 9.87 -60.86 -6.92
C SER D 355 8.80 -60.12 -7.74
N SER D 356 8.47 -58.90 -7.31
CA SER D 356 7.40 -58.09 -7.90
C SER D 356 7.86 -56.67 -8.27
N ASP D 357 6.88 -55.82 -8.57
CA ASP D 357 7.13 -54.38 -8.76
C ASP D 357 7.76 -53.74 -7.54
N ILE D 358 6.96 -53.55 -6.50
CA ILE D 358 7.27 -52.68 -5.38
C ILE D 358 8.49 -53.05 -4.51
N ASP D 359 9.20 -54.14 -4.78
CA ASP D 359 9.76 -54.85 -3.64
C ASP D 359 10.43 -53.88 -2.66
N THR D 360 9.96 -53.98 -1.43
CA THR D 360 10.33 -53.13 -0.30
C THR D 360 11.66 -53.72 0.17
N SER D 361 11.99 -54.88 -0.38
CA SER D 361 13.10 -55.68 0.13
C SER D 361 14.25 -54.77 0.50
N ASN D 362 14.83 -54.13 -0.51
CA ASN D 362 16.12 -53.46 -0.38
C ASN D 362 16.05 -52.00 0.13
N PHE D 363 14.84 -51.58 0.53
CA PHE D 363 14.59 -50.18 0.82
C PHE D 363 13.97 -49.91 2.17
N ASP D 364 12.75 -50.42 2.31
CA ASP D 364 11.93 -50.30 3.52
C ASP D 364 11.59 -48.90 4.07
N ASP D 365 11.67 -48.78 5.39
CA ASP D 365 10.64 -48.13 6.16
C ASP D 365 11.01 -46.75 6.78
N LEU D 366 10.14 -45.75 6.55
CA LEU D 366 10.15 -44.48 7.31
C LEU D 366 8.76 -44.17 7.86
N GLU D 367 8.68 -43.32 8.88
CA GLU D 367 7.42 -43.13 9.63
C GLU D 367 6.42 -42.15 8.95
N GLU D 368 6.76 -41.68 7.75
CA GLU D 368 5.79 -41.25 6.73
C GLU D 368 5.06 -39.91 6.95
N ASP D 369 5.11 -39.35 8.16
CA ASP D 369 4.35 -38.15 8.49
C ASP D 369 5.27 -36.97 8.73
N LYS D 370 5.90 -37.01 9.89
CA LYS D 370 6.89 -36.04 10.33
C LYS D 370 6.42 -34.58 10.41
N GLY D 371 7.29 -33.69 9.93
CA GLY D 371 7.23 -32.28 10.27
C GLY D 371 5.89 -31.60 10.16
N GLU D 372 5.15 -31.88 9.09
CA GLU D 372 3.89 -31.18 8.81
C GLU D 372 4.06 -29.66 8.87
N GLU D 373 4.75 -29.12 7.87
CA GLU D 373 5.45 -27.86 8.04
C GLU D 373 4.59 -26.60 8.09
N GLU D 374 5.15 -25.59 8.74
CA GLU D 374 4.74 -24.23 8.55
C GLU D 374 5.35 -23.85 7.22
N THR D 375 4.77 -22.87 6.54
CA THR D 375 5.35 -22.37 5.31
C THR D 375 4.96 -20.91 5.06
N PHE D 376 5.92 -20.14 4.53
CA PHE D 376 5.60 -18.94 3.78
C PHE D 376 4.58 -18.05 4.47
N PRO D 377 5.07 -17.19 5.35
CA PRO D 377 4.19 -16.30 6.12
C PRO D 377 3.19 -15.51 5.24
N ILE D 378 1.90 -15.59 5.59
CA ILE D 378 0.82 -15.03 4.76
C ILE D 378 0.90 -13.50 4.67
N PRO D 379 1.17 -12.97 3.46
CA PRO D 379 1.71 -11.63 3.13
C PRO D 379 0.72 -10.47 3.26
N LYS D 380 1.25 -9.30 3.62
CA LYS D 380 0.53 -8.03 3.56
C LYS D 380 0.71 -7.43 2.17
N ALA D 381 1.68 -7.97 1.42
CA ALA D 381 2.08 -7.47 0.11
C ALA D 381 2.51 -8.59 -0.85
N PHE D 382 3.08 -8.19 -1.99
CA PHE D 382 3.55 -9.17 -2.96
C PHE D 382 5.03 -9.46 -2.72
N VAL D 383 5.30 -10.64 -2.20
CA VAL D 383 6.67 -11.12 -2.01
C VAL D 383 7.07 -12.10 -3.14
N GLY D 384 6.11 -12.42 -4.01
CA GLY D 384 6.37 -13.31 -5.13
C GLY D 384 7.08 -14.59 -4.75
N ASN D 385 6.55 -15.25 -3.73
CA ASN D 385 7.13 -16.48 -3.17
C ASN D 385 7.40 -17.64 -4.15
N GLN D 386 6.57 -17.80 -5.18
CA GLN D 386 6.70 -18.93 -6.12
C GLN D 386 7.52 -18.62 -7.36
N LEU D 387 7.87 -17.33 -7.54
CA LEU D 387 8.61 -16.85 -8.71
C LEU D 387 9.98 -17.50 -8.96
N PRO D 388 10.70 -17.86 -7.90
CA PRO D 388 12.02 -18.47 -8.17
C PRO D 388 11.93 -19.86 -8.77
N PHE D 389 10.75 -20.48 -8.63
CA PHE D 389 10.54 -21.87 -9.03
C PHE D 389 9.90 -22.01 -10.39
N VAL D 390 9.65 -20.86 -11.01
CA VAL D 390 8.96 -20.83 -12.29
C VAL D 390 9.82 -21.41 -13.40
N GLY D 391 9.26 -22.37 -14.13
CA GLY D 391 9.99 -23.09 -15.17
C GLY D 391 10.52 -24.45 -14.71
N PHE D 392 10.16 -24.87 -13.51
CA PHE D 392 10.69 -26.12 -12.96
C PHE D 392 10.00 -27.36 -13.55
N THR D 393 8.78 -27.22 -14.01
CA THR D 393 8.02 -28.38 -14.42
C THR D 393 8.66 -28.99 -15.64
N TYR D 394 8.64 -30.31 -15.74
CA TYR D 394 9.27 -30.97 -16.89
C TYR D 394 8.60 -32.30 -17.28
N TYR D 395 8.46 -32.55 -18.58
CA TYR D 395 8.01 -33.85 -19.07
C TYR D 395 8.99 -34.50 -20.08
N SER D 396 9.32 -35.77 -19.91
CA SER D 396 10.25 -36.40 -20.84
C SER D 396 9.59 -36.77 -22.18
N ASN D 397 8.31 -37.14 -22.12
CA ASN D 397 7.55 -37.51 -23.31
C ASN D 397 8.16 -38.69 -24.08
O01 07R E . 20.70 26.17 -0.02
C02 07R E . 21.28 26.95 -0.87
N03 07R E . 21.68 28.35 -0.50
C04 07R E . 23.11 28.68 -0.18
C05 07R E . 23.24 28.97 1.32
C06 07R E . 22.21 29.86 1.91
C07 07R E . 22.24 30.13 3.26
O08 07R E . 21.28 31.01 3.82
C09 07R E . 23.25 29.56 4.06
C10 07R E . 24.28 28.68 3.49
C11 07R E . 24.26 28.39 2.12
N12 07R E . 21.55 26.50 -2.23
C13 07R E . 21.37 25.04 -2.38
N14 07R E . 22.32 24.04 -2.81
C15 07R E . 21.80 22.65 -2.79
C16 07R E . 22.64 21.46 -3.18
C17 07R E . 24.08 21.68 -3.39
C18 07R E . 25.00 20.61 -3.78
N19 07R E . 24.52 19.34 -3.94
C20 07R E . 23.16 19.11 -3.73
C21 07R E . 22.17 20.12 -3.33
C22 07R E . 20.41 22.73 -2.32
S23 07R E . 19.97 24.30 -1.93
C1 EDO F . 33.31 33.61 -23.29
O1 EDO F . 32.98 33.60 -24.73
C2 EDO F . 32.80 32.31 -22.62
O2 EDO F . 31.51 31.91 -23.20
C1 EDO G . -19.59 7.63 18.68
O1 EDO G . -19.54 9.08 18.95
C2 EDO G . -20.95 7.06 19.12
O2 EDO G . -21.80 8.15 19.61
O01 07R H . -14.62 1.90 -32.73
C02 07R H . -15.83 2.31 -32.94
N03 07R H . -16.67 2.94 -31.82
C04 07R H . -16.31 4.36 -31.41
C05 07R H . -15.32 4.34 -30.25
C06 07R H . -15.80 4.78 -28.92
C07 07R H . -14.91 4.72 -27.83
O08 07R H . -15.38 5.14 -26.55
C09 07R H . -13.56 4.24 -27.98
C10 07R H . -13.10 3.83 -29.30
C11 07R H . -14.00 3.87 -30.42
N12 07R H . -16.43 2.23 -34.28
C13 07R H . -15.67 1.42 -35.31
N14 07R H . -15.50 1.54 -36.76
C15 07R H . -14.66 0.42 -37.35
C16 07R H . -14.25 0.25 -38.81
C17 07R H . -14.45 1.28 -39.82
C18 07R H . -14.02 1.09 -41.23
N19 07R H . -13.38 -0.04 -41.70
C20 07R H . -13.17 -1.04 -40.78
C21 07R H . -13.59 -0.90 -39.35
C22 07R H . -14.23 -0.48 -36.28
S23 07R H . -14.83 0.06 -34.81
C1 EDO I . 2.64 -40.59 -15.39
O1 EDO I . 2.23 -40.37 -16.77
C2 EDO I . 3.37 -41.95 -15.34
O2 EDO I . 2.90 -42.76 -16.43
#